data_7A2P
# 
_entry.id   7A2P 
# 
_audit_conform.dict_name       mmcif_pdbx.dic 
_audit_conform.dict_version    5.384 
_audit_conform.dict_location   http://mmcif.pdb.org/dictionaries/ascii/mmcif_pdbx.dic 
# 
loop_
_database_2.database_id 
_database_2.database_code 
_database_2.pdbx_database_accession 
_database_2.pdbx_DOI 
PDB   7A2P         pdb_00007a2p 10.2210/pdb7a2p/pdb 
WWPDB D_1292110718 ?            ?                   
# 
loop_
_pdbx_audit_revision_history.ordinal 
_pdbx_audit_revision_history.data_content_type 
_pdbx_audit_revision_history.major_revision 
_pdbx_audit_revision_history.minor_revision 
_pdbx_audit_revision_history.revision_date 
1 'Structure model' 1 0 2021-08-25 
2 'Structure model' 1 1 2024-01-31 
# 
_pdbx_audit_revision_details.ordinal             1 
_pdbx_audit_revision_details.revision_ordinal    1 
_pdbx_audit_revision_details.data_content_type   'Structure model' 
_pdbx_audit_revision_details.provider            repository 
_pdbx_audit_revision_details.type                'Initial release' 
_pdbx_audit_revision_details.description         ? 
_pdbx_audit_revision_details.details             ? 
# 
loop_
_pdbx_audit_revision_group.ordinal 
_pdbx_audit_revision_group.revision_ordinal 
_pdbx_audit_revision_group.data_content_type 
_pdbx_audit_revision_group.group 
1 2 'Structure model' 'Data collection'        
2 2 'Structure model' 'Refinement description' 
# 
loop_
_pdbx_audit_revision_category.ordinal 
_pdbx_audit_revision_category.revision_ordinal 
_pdbx_audit_revision_category.data_content_type 
_pdbx_audit_revision_category.category 
1 2 'Structure model' chem_comp_atom                
2 2 'Structure model' chem_comp_bond                
3 2 'Structure model' pdbx_initial_refinement_model 
# 
_pdbx_database_status.status_code                     REL 
_pdbx_database_status.status_code_sf                  REL 
_pdbx_database_status.status_code_mr                  ? 
_pdbx_database_status.entry_id                        7A2P 
_pdbx_database_status.recvd_initial_deposition_date   2020-08-18 
_pdbx_database_status.SG_entry                        N 
_pdbx_database_status.deposit_site                    PDBE 
_pdbx_database_status.process_site                    PDBE 
_pdbx_database_status.status_code_cs                  ? 
_pdbx_database_status.status_code_nmr_data            ? 
_pdbx_database_status.methods_development_category    ? 
_pdbx_database_status.pdb_format_compatible           Y 
# 
loop_
_audit_author.name 
_audit_author.pdbx_ordinal 
_audit_author.identifier_ORCID 
'Camara-Artigas, A.'   1 ? 
'Plaza-Garrido, M.'    2 ? 
'Salinas-Garcia, M.C.' 3 ? 
# 
_citation.abstract                  ? 
_citation.abstract_id_CAS           ? 
_citation.book_id_ISBN              ? 
_citation.book_publisher            ? 
_citation.book_publisher_city       ? 
_citation.book_title                ? 
_citation.coordinate_linkage        ? 
_citation.country                   ? 
_citation.database_id_Medline       ? 
_citation.details                   ? 
_citation.id                        primary 
_citation.journal_abbrev            'To be published' 
_citation.journal_id_ASTM           ? 
_citation.journal_id_CSD            0353 
_citation.journal_id_ISSN           ? 
_citation.journal_full              ? 
_citation.journal_issue             ? 
_citation.journal_volume            ? 
_citation.language                  ? 
_citation.page_first                ? 
_citation.page_last                 ? 
_citation.title                     
'Crystal structure of the Fyn SH3 domain L112V-S114N-S115T-E121L-R123H mutant at pH 5.0 with PEG' 
_citation.year                      ? 
_citation.database_id_CSD           ? 
_citation.pdbx_database_id_DOI      ? 
_citation.pdbx_database_id_PubMed   ? 
_citation.unpublished_flag          ? 
# 
loop_
_citation_author.citation_id 
_citation_author.name 
_citation_author.ordinal 
_citation_author.identifier_ORCID 
primary 'Camara-Artigas, A.'   1 ? 
primary 'Plaza-Garrido, M.'    2 ? 
primary 'Salinas-Garcia, M.C.' 3 ? 
# 
loop_
_entity.id 
_entity.type 
_entity.src_method 
_entity.pdbx_description 
_entity.formula_weight 
_entity.pdbx_number_of_molecules 
_entity.pdbx_ec 
_entity.pdbx_mutation 
_entity.pdbx_fragment 
_entity.details 
1 polymer     man 'Tyrosine-protein kinase Fyn' 6874.435 1  2.7.10.2 'L112V S114N S115T E121L R123H' ? ? 
2 non-polymer syn 'TRIETHYLENE GLYCOL'          150.173  1  ?        ?                               ? ? 
3 water       nat water                         18.015   66 ?        ?                               ? ? 
# 
_entity_name_com.entity_id   1 
_entity_name_com.name        'Proto-oncogene Syn,Proto-oncogene c-Fyn,Src-like kinase,SLK,p59-Fyn' 
# 
_entity_poly.entity_id                      1 
_entity_poly.type                           'polypeptide(L)' 
_entity_poly.nstd_linkage                   no 
_entity_poly.nstd_monomer                   no 
_entity_poly.pdbx_seq_one_letter_code       GVTLFVALYDYEARTEDDLSFHKGEKFQIVNNTEGDWWLAHSLTTGETGYIPSNYVAPVDS 
_entity_poly.pdbx_seq_one_letter_code_can   GVTLFVALYDYEARTEDDLSFHKGEKFQIVNNTEGDWWLAHSLTTGETGYIPSNYVAPVDS 
_entity_poly.pdbx_strand_id                 A 
_entity_poly.pdbx_target_identifier         ? 
# 
loop_
_pdbx_entity_nonpoly.entity_id 
_pdbx_entity_nonpoly.name 
_pdbx_entity_nonpoly.comp_id 
2 'TRIETHYLENE GLYCOL' PGE 
3 water                HOH 
# 
loop_
_entity_poly_seq.entity_id 
_entity_poly_seq.num 
_entity_poly_seq.mon_id 
_entity_poly_seq.hetero 
1 1  GLY n 
1 2  VAL n 
1 3  THR n 
1 4  LEU n 
1 5  PHE n 
1 6  VAL n 
1 7  ALA n 
1 8  LEU n 
1 9  TYR n 
1 10 ASP n 
1 11 TYR n 
1 12 GLU n 
1 13 ALA n 
1 14 ARG n 
1 15 THR n 
1 16 GLU n 
1 17 ASP n 
1 18 ASP n 
1 19 LEU n 
1 20 SER n 
1 21 PHE n 
1 22 HIS n 
1 23 LYS n 
1 24 GLY n 
1 25 GLU n 
1 26 LYS n 
1 27 PHE n 
1 28 GLN n 
1 29 ILE n 
1 30 VAL n 
1 31 ASN n 
1 32 ASN n 
1 33 THR n 
1 34 GLU n 
1 35 GLY n 
1 36 ASP n 
1 37 TRP n 
1 38 TRP n 
1 39 LEU n 
1 40 ALA n 
1 41 HIS n 
1 42 SER n 
1 43 LEU n 
1 44 THR n 
1 45 THR n 
1 46 GLY n 
1 47 GLU n 
1 48 THR n 
1 49 GLY n 
1 50 TYR n 
1 51 ILE n 
1 52 PRO n 
1 53 SER n 
1 54 ASN n 
1 55 TYR n 
1 56 VAL n 
1 57 ALA n 
1 58 PRO n 
1 59 VAL n 
1 60 ASP n 
1 61 SER n 
# 
_entity_src_gen.entity_id                          1 
_entity_src_gen.pdbx_src_id                        1 
_entity_src_gen.pdbx_alt_source_flag               sample 
_entity_src_gen.pdbx_seq_type                      'Biological sequence' 
_entity_src_gen.pdbx_beg_seq_num                   1 
_entity_src_gen.pdbx_end_seq_num                   61 
_entity_src_gen.gene_src_common_name               Human 
_entity_src_gen.gene_src_genus                     ? 
_entity_src_gen.pdbx_gene_src_gene                 FYN 
_entity_src_gen.gene_src_species                   ? 
_entity_src_gen.gene_src_strain                    ? 
_entity_src_gen.gene_src_tissue                    ? 
_entity_src_gen.gene_src_tissue_fraction           ? 
_entity_src_gen.gene_src_details                   ? 
_entity_src_gen.pdbx_gene_src_fragment             ? 
_entity_src_gen.pdbx_gene_src_scientific_name      'Homo sapiens' 
_entity_src_gen.pdbx_gene_src_ncbi_taxonomy_id     9606 
_entity_src_gen.pdbx_gene_src_variant              ? 
_entity_src_gen.pdbx_gene_src_cell_line            ? 
_entity_src_gen.pdbx_gene_src_atcc                 ? 
_entity_src_gen.pdbx_gene_src_organ                ? 
_entity_src_gen.pdbx_gene_src_organelle            ? 
_entity_src_gen.pdbx_gene_src_cell                 ? 
_entity_src_gen.pdbx_gene_src_cellular_location    ? 
_entity_src_gen.host_org_common_name               ? 
_entity_src_gen.pdbx_host_org_scientific_name      'Escherichia coli BL21(DE3)' 
_entity_src_gen.pdbx_host_org_ncbi_taxonomy_id     469008 
_entity_src_gen.host_org_genus                     ? 
_entity_src_gen.pdbx_host_org_gene                 ? 
_entity_src_gen.pdbx_host_org_organ                ? 
_entity_src_gen.host_org_species                   ? 
_entity_src_gen.pdbx_host_org_tissue               ? 
_entity_src_gen.pdbx_host_org_tissue_fraction      ? 
_entity_src_gen.pdbx_host_org_strain               ? 
_entity_src_gen.pdbx_host_org_variant              ? 
_entity_src_gen.pdbx_host_org_cell_line            ? 
_entity_src_gen.pdbx_host_org_atcc                 ? 
_entity_src_gen.pdbx_host_org_culture_collection   ? 
_entity_src_gen.pdbx_host_org_cell                 ? 
_entity_src_gen.pdbx_host_org_organelle            ? 
_entity_src_gen.pdbx_host_org_cellular_location    ? 
_entity_src_gen.pdbx_host_org_vector_type          plasmid 
_entity_src_gen.pdbx_host_org_vector               ? 
_entity_src_gen.host_org_details                   ? 
_entity_src_gen.expression_system_id               ? 
_entity_src_gen.plasmid_name                       pHTP1 
_entity_src_gen.plasmid_details                    ? 
_entity_src_gen.pdbx_description                   ? 
# 
loop_
_chem_comp.id 
_chem_comp.type 
_chem_comp.mon_nstd_flag 
_chem_comp.name 
_chem_comp.pdbx_synonyms 
_chem_comp.formula 
_chem_comp.formula_weight 
ALA 'L-peptide linking' y ALANINE              ? 'C3 H7 N O2'     89.093  
ARG 'L-peptide linking' y ARGININE             ? 'C6 H15 N4 O2 1' 175.209 
ASN 'L-peptide linking' y ASPARAGINE           ? 'C4 H8 N2 O3'    132.118 
ASP 'L-peptide linking' y 'ASPARTIC ACID'      ? 'C4 H7 N O4'     133.103 
GLN 'L-peptide linking' y GLUTAMINE            ? 'C5 H10 N2 O3'   146.144 
GLU 'L-peptide linking' y 'GLUTAMIC ACID'      ? 'C5 H9 N O4'     147.129 
GLY 'peptide linking'   y GLYCINE              ? 'C2 H5 N O2'     75.067  
HIS 'L-peptide linking' y HISTIDINE            ? 'C6 H10 N3 O2 1' 156.162 
HOH non-polymer         . WATER                ? 'H2 O'           18.015  
ILE 'L-peptide linking' y ISOLEUCINE           ? 'C6 H13 N O2'    131.173 
LEU 'L-peptide linking' y LEUCINE              ? 'C6 H13 N O2'    131.173 
LYS 'L-peptide linking' y LYSINE               ? 'C6 H15 N2 O2 1' 147.195 
PGE non-polymer         . 'TRIETHYLENE GLYCOL' ? 'C6 H14 O4'      150.173 
PHE 'L-peptide linking' y PHENYLALANINE        ? 'C9 H11 N O2'    165.189 
PRO 'L-peptide linking' y PROLINE              ? 'C5 H9 N O2'     115.130 
SER 'L-peptide linking' y SERINE               ? 'C3 H7 N O3'     105.093 
THR 'L-peptide linking' y THREONINE            ? 'C4 H9 N O3'     119.119 
TRP 'L-peptide linking' y TRYPTOPHAN           ? 'C11 H12 N2 O2'  204.225 
TYR 'L-peptide linking' y TYROSINE             ? 'C9 H11 N O3'    181.189 
VAL 'L-peptide linking' y VALINE               ? 'C5 H11 N O2'    117.146 
# 
loop_
_pdbx_poly_seq_scheme.asym_id 
_pdbx_poly_seq_scheme.entity_id 
_pdbx_poly_seq_scheme.seq_id 
_pdbx_poly_seq_scheme.mon_id 
_pdbx_poly_seq_scheme.ndb_seq_num 
_pdbx_poly_seq_scheme.pdb_seq_num 
_pdbx_poly_seq_scheme.auth_seq_num 
_pdbx_poly_seq_scheme.pdb_mon_id 
_pdbx_poly_seq_scheme.auth_mon_id 
_pdbx_poly_seq_scheme.pdb_strand_id 
_pdbx_poly_seq_scheme.pdb_ins_code 
_pdbx_poly_seq_scheme.hetero 
A 1 1  GLY 1  83  ?   ?   ?   A . n 
A 1 2  VAL 2  84  84  VAL VAL A . n 
A 1 3  THR 3  85  85  THR THR A . n 
A 1 4  LEU 4  86  86  LEU LEU A . n 
A 1 5  PHE 5  87  87  PHE PHE A . n 
A 1 6  VAL 6  88  88  VAL VAL A . n 
A 1 7  ALA 7  89  89  ALA ALA A . n 
A 1 8  LEU 8  90  90  LEU LEU A . n 
A 1 9  TYR 9  91  91  TYR TYR A . n 
A 1 10 ASP 10 92  92  ASP ASP A . n 
A 1 11 TYR 11 93  93  TYR TYR A . n 
A 1 12 GLU 12 94  94  GLU GLU A . n 
A 1 13 ALA 13 95  95  ALA ALA A . n 
A 1 14 ARG 14 96  96  ARG ARG A . n 
A 1 15 THR 15 97  97  THR THR A . n 
A 1 16 GLU 16 98  98  GLU GLU A . n 
A 1 17 ASP 17 99  99  ASP ASP A . n 
A 1 18 ASP 18 100 100 ASP ASP A . n 
A 1 19 LEU 19 101 101 LEU LEU A . n 
A 1 20 SER 20 102 102 SER SER A . n 
A 1 21 PHE 21 103 103 PHE PHE A . n 
A 1 22 HIS 22 104 104 HIS HIS A . n 
A 1 23 LYS 23 105 105 LYS LYS A . n 
A 1 24 GLY 24 106 106 GLY GLY A . n 
A 1 25 GLU 25 107 107 GLU GLU A . n 
A 1 26 LYS 26 108 108 LYS LYS A . n 
A 1 27 PHE 27 109 109 PHE PHE A . n 
A 1 28 GLN 28 110 110 GLN GLN A . n 
A 1 29 ILE 29 111 111 ILE ILE A . n 
A 1 30 VAL 30 112 112 VAL VAL A . n 
A 1 31 ASN 31 113 113 ASN ASN A . n 
A 1 32 ASN 32 114 114 ASN ASN A . n 
A 1 33 THR 33 115 115 THR THR A . n 
A 1 34 GLU 34 116 116 GLU GLU A . n 
A 1 35 GLY 35 117 117 GLY GLY A . n 
A 1 36 ASP 36 118 118 ASP ASP A . n 
A 1 37 TRP 37 119 119 TRP TRP A . n 
A 1 38 TRP 38 120 120 TRP TRP A . n 
A 1 39 LEU 39 121 121 LEU LEU A . n 
A 1 40 ALA 40 122 122 ALA ALA A . n 
A 1 41 HIS 41 123 123 HIS HIS A . n 
A 1 42 SER 42 124 124 SER SER A . n 
A 1 43 LEU 43 125 125 LEU LEU A . n 
A 1 44 THR 44 126 126 THR THR A . n 
A 1 45 THR 45 127 127 THR THR A . n 
A 1 46 GLY 46 128 128 GLY GLY A . n 
A 1 47 GLU 47 129 129 GLU GLU A . n 
A 1 48 THR 48 130 130 THR THR A . n 
A 1 49 GLY 49 131 131 GLY GLY A . n 
A 1 50 TYR 50 132 132 TYR TYR A . n 
A 1 51 ILE 51 133 133 ILE ILE A . n 
A 1 52 PRO 52 134 134 PRO PRO A . n 
A 1 53 SER 53 135 135 SER SER A . n 
A 1 54 ASN 54 136 136 ASN ASN A . n 
A 1 55 TYR 55 137 137 TYR TYR A . n 
A 1 56 VAL 56 138 138 VAL VAL A . n 
A 1 57 ALA 57 139 139 ALA ALA A . n 
A 1 58 PRO 58 140 140 PRO PRO A . n 
A 1 59 VAL 59 141 141 VAL VAL A . n 
A 1 60 ASP 60 142 142 ASP ASP A . n 
A 1 61 SER 61 143 ?   ?   ?   A . n 
# 
loop_
_pdbx_nonpoly_scheme.asym_id 
_pdbx_nonpoly_scheme.entity_id 
_pdbx_nonpoly_scheme.mon_id 
_pdbx_nonpoly_scheme.ndb_seq_num 
_pdbx_nonpoly_scheme.pdb_seq_num 
_pdbx_nonpoly_scheme.auth_seq_num 
_pdbx_nonpoly_scheme.pdb_mon_id 
_pdbx_nonpoly_scheme.auth_mon_id 
_pdbx_nonpoly_scheme.pdb_strand_id 
_pdbx_nonpoly_scheme.pdb_ins_code 
B 2 PGE 1  201 1  PGE PGE A . 
C 3 HOH 1  301 60 HOH HOH A . 
C 3 HOH 2  302 10 HOH HOH A . 
C 3 HOH 3  303 20 HOH HOH A . 
C 3 HOH 4  304 11 HOH HOH A . 
C 3 HOH 5  305 36 HOH HOH A . 
C 3 HOH 6  306 14 HOH HOH A . 
C 3 HOH 7  307 1  HOH HOH A . 
C 3 HOH 8  308 41 HOH HOH A . 
C 3 HOH 9  309 58 HOH HOH A . 
C 3 HOH 10 310 16 HOH HOH A . 
C 3 HOH 11 311 7  HOH HOH A . 
C 3 HOH 12 312 28 HOH HOH A . 
C 3 HOH 13 313 47 HOH HOH A . 
C 3 HOH 14 314 6  HOH HOH A . 
C 3 HOH 15 315 42 HOH HOH A . 
C 3 HOH 16 316 54 HOH HOH A . 
C 3 HOH 17 317 2  HOH HOH A . 
C 3 HOH 18 318 43 HOH HOH A . 
C 3 HOH 19 319 65 HOH HOH A . 
C 3 HOH 20 320 56 HOH HOH A . 
C 3 HOH 21 321 12 HOH HOH A . 
C 3 HOH 22 322 25 HOH HOH A . 
C 3 HOH 23 323 59 HOH HOH A . 
C 3 HOH 24 324 34 HOH HOH A . 
C 3 HOH 25 325 32 HOH HOH A . 
C 3 HOH 26 326 62 HOH HOH A . 
C 3 HOH 27 327 49 HOH HOH A . 
C 3 HOH 28 328 45 HOH HOH A . 
C 3 HOH 29 329 5  HOH HOH A . 
C 3 HOH 30 330 4  HOH HOH A . 
C 3 HOH 31 331 23 HOH HOH A . 
C 3 HOH 32 332 40 HOH HOH A . 
C 3 HOH 33 333 39 HOH HOH A . 
C 3 HOH 34 334 22 HOH HOH A . 
C 3 HOH 35 335 48 HOH HOH A . 
C 3 HOH 36 336 8  HOH HOH A . 
C 3 HOH 37 337 37 HOH HOH A . 
C 3 HOH 38 338 26 HOH HOH A . 
C 3 HOH 39 339 19 HOH HOH A . 
C 3 HOH 40 340 46 HOH HOH A . 
C 3 HOH 41 341 57 HOH HOH A . 
C 3 HOH 42 342 31 HOH HOH A . 
C 3 HOH 43 343 13 HOH HOH A . 
C 3 HOH 44 344 52 HOH HOH A . 
C 3 HOH 45 345 21 HOH HOH A . 
C 3 HOH 46 346 17 HOH HOH A . 
C 3 HOH 47 347 55 HOH HOH A . 
C 3 HOH 48 348 18 HOH HOH A . 
C 3 HOH 49 349 53 HOH HOH A . 
C 3 HOH 50 350 3  HOH HOH A . 
C 3 HOH 51 351 27 HOH HOH A . 
C 3 HOH 52 352 50 HOH HOH A . 
C 3 HOH 53 353 51 HOH HOH A . 
C 3 HOH 54 354 15 HOH HOH A . 
C 3 HOH 55 355 9  HOH HOH A . 
C 3 HOH 56 356 24 HOH HOH A . 
C 3 HOH 57 357 61 HOH HOH A . 
C 3 HOH 58 358 44 HOH HOH A . 
C 3 HOH 59 359 38 HOH HOH A . 
C 3 HOH 60 360 33 HOH HOH A . 
C 3 HOH 61 361 63 HOH HOH A . 
C 3 HOH 62 362 30 HOH HOH A . 
C 3 HOH 63 363 35 HOH HOH A . 
C 3 HOH 64 364 66 HOH HOH A . 
C 3 HOH 65 365 29 HOH HOH A . 
C 3 HOH 66 366 64 HOH HOH A . 
# 
loop_
_software.citation_id 
_software.classification 
_software.compiler_name 
_software.compiler_version 
_software.contact_author 
_software.contact_author_email 
_software.date 
_software.description 
_software.dependencies 
_software.hardware 
_software.language 
_software.location 
_software.mods 
_software.name 
_software.os 
_software.os_version 
_software.type 
_software.version 
_software.pdbx_ordinal 
? 'data reduction'  ? ? ? ? ? ? ? ? ? ? ? XDS         ? ? ? .           1 
? 'data scaling'    ? ? ? ? ? ? ? ? ? ? ? Aimless     ? ? ? 0.6.2       2 
? phasing           ? ? ? ? ? ? ? ? ? ? ? PHASER      ? ? ? .           3 
? refinement        ? ? ? ? ? ? ? ? ? ? ? PHENIX      ? ? ? 1.17.1-3660 4 
? 'data extraction' ? ? ? ? ? ? ? ? ? ? ? PDB_EXTRACT ? ? ? 3.25        5 
# 
_cell.angle_alpha                  90.000 
_cell.angle_alpha_esd              ? 
_cell.angle_beta                   90.000 
_cell.angle_beta_esd               ? 
_cell.angle_gamma                  90.000 
_cell.angle_gamma_esd              ? 
_cell.entry_id                     7A2P 
_cell.details                      ? 
_cell.formula_units_Z              ? 
_cell.length_a                     29.312 
_cell.length_a_esd                 ? 
_cell.length_b                     32.032 
_cell.length_b_esd                 ? 
_cell.length_c                     59.893 
_cell.length_c_esd                 ? 
_cell.volume                       ? 
_cell.volume_esd                   ? 
_cell.Z_PDB                        4 
_cell.reciprocal_angle_alpha       ? 
_cell.reciprocal_angle_beta        ? 
_cell.reciprocal_angle_gamma       ? 
_cell.reciprocal_angle_alpha_esd   ? 
_cell.reciprocal_angle_beta_esd    ? 
_cell.reciprocal_angle_gamma_esd   ? 
_cell.reciprocal_length_a          ? 
_cell.reciprocal_length_b          ? 
_cell.reciprocal_length_c          ? 
_cell.reciprocal_length_a_esd      ? 
_cell.reciprocal_length_b_esd      ? 
_cell.reciprocal_length_c_esd      ? 
_cell.pdbx_unique_axis             ? 
# 
_symmetry.entry_id                         7A2P 
_symmetry.cell_setting                     ? 
_symmetry.Int_Tables_number                19 
_symmetry.space_group_name_Hall            ? 
_symmetry.space_group_name_H-M             'P 21 21 21' 
_symmetry.pdbx_full_space_group_name_H-M   ? 
# 
_exptl.absorpt_coefficient_mu     ? 
_exptl.absorpt_correction_T_max   ? 
_exptl.absorpt_correction_T_min   ? 
_exptl.absorpt_correction_type    ? 
_exptl.absorpt_process_details    ? 
_exptl.entry_id                   7A2P 
_exptl.crystals_number            1 
_exptl.details                    ? 
_exptl.method                     'X-RAY DIFFRACTION' 
_exptl.method_details             ? 
# 
_exptl_crystal.colour                      ? 
_exptl_crystal.density_diffrn              ? 
_exptl_crystal.density_Matthews            2.05 
_exptl_crystal.density_method              ? 
_exptl_crystal.density_percent_sol         39.86 
_exptl_crystal.description                 ? 
_exptl_crystal.F_000                       ? 
_exptl_crystal.id                          1 
_exptl_crystal.preparation                 ? 
_exptl_crystal.size_max                    ? 
_exptl_crystal.size_mid                    ? 
_exptl_crystal.size_min                    ? 
_exptl_crystal.size_rad                    ? 
_exptl_crystal.colour_lustre               ? 
_exptl_crystal.colour_modifier             ? 
_exptl_crystal.colour_primary              ? 
_exptl_crystal.density_meas                ? 
_exptl_crystal.density_meas_esd            ? 
_exptl_crystal.density_meas_gt             ? 
_exptl_crystal.density_meas_lt             ? 
_exptl_crystal.density_meas_temp           ? 
_exptl_crystal.density_meas_temp_esd       ? 
_exptl_crystal.density_meas_temp_gt        ? 
_exptl_crystal.density_meas_temp_lt        ? 
_exptl_crystal.pdbx_crystal_image_url      ? 
_exptl_crystal.pdbx_crystal_image_format   ? 
_exptl_crystal.pdbx_mosaicity              0.070 
_exptl_crystal.pdbx_mosaicity_esd          ? 
# 
_exptl_crystal_grow.apparatus       ? 
_exptl_crystal_grow.atmosphere      ? 
_exptl_crystal_grow.crystal_id      1 
_exptl_crystal_grow.details         ? 
_exptl_crystal_grow.method          'VAPOR DIFFUSION, SITTING DROP' 
_exptl_crystal_grow.method_ref      ? 
_exptl_crystal_grow.pH              5.0 
_exptl_crystal_grow.pressure        ? 
_exptl_crystal_grow.pressure_esd    ? 
_exptl_crystal_grow.seeding         ? 
_exptl_crystal_grow.seeding_ref     ? 
_exptl_crystal_grow.temp            298 
_exptl_crystal_grow.temp_details    ? 
_exptl_crystal_grow.temp_esd        ? 
_exptl_crystal_grow.time            ? 
_exptl_crystal_grow.pdbx_details    '5% PEG 300, 2.0 ammonium sulfate, 0.1M sodium acetate' 
_exptl_crystal_grow.pdbx_pH_range   ? 
# 
_diffrn.ambient_environment              ? 
_diffrn.ambient_temp                     100 
_diffrn.ambient_temp_details             ? 
_diffrn.ambient_temp_esd                 ? 
_diffrn.crystal_id                       1 
_diffrn.crystal_support                  ? 
_diffrn.crystal_treatment                ? 
_diffrn.details                          ? 
_diffrn.id                               1 
_diffrn.ambient_pressure                 ? 
_diffrn.ambient_pressure_esd             ? 
_diffrn.ambient_pressure_gt              ? 
_diffrn.ambient_pressure_lt              ? 
_diffrn.ambient_temp_gt                  ? 
_diffrn.ambient_temp_lt                  ? 
_diffrn.pdbx_serial_crystal_experiment   N 
# 
_diffrn_detector.details                      ? 
_diffrn_detector.detector                     PIXEL 
_diffrn_detector.diffrn_id                    1 
_diffrn_detector.type                         'DECTRIS PILATUS 6M' 
_diffrn_detector.area_resol_mean              ? 
_diffrn_detector.dtime                        ? 
_diffrn_detector.pdbx_frames_total            ? 
_diffrn_detector.pdbx_collection_time_total   ? 
_diffrn_detector.pdbx_collection_date         2017-12-02 
_diffrn_detector.pdbx_frequency               ? 
# 
_diffrn_radiation.collimation                      ? 
_diffrn_radiation.diffrn_id                        1 
_diffrn_radiation.filter_edge                      ? 
_diffrn_radiation.inhomogeneity                    ? 
_diffrn_radiation.monochromator                    ? 
_diffrn_radiation.polarisn_norm                    ? 
_diffrn_radiation.polarisn_ratio                   ? 
_diffrn_radiation.probe                            ? 
_diffrn_radiation.type                             ? 
_diffrn_radiation.xray_symbol                      ? 
_diffrn_radiation.wavelength_id                    1 
_diffrn_radiation.pdbx_monochromatic_or_laue_m_l   M 
_diffrn_radiation.pdbx_wavelength_list             ? 
_diffrn_radiation.pdbx_wavelength                  ? 
_diffrn_radiation.pdbx_diffrn_protocol             'SINGLE WAVELENGTH' 
_diffrn_radiation.pdbx_analyzer                    ? 
_diffrn_radiation.pdbx_scattering_type             x-ray 
# 
_diffrn_radiation_wavelength.id           1 
_diffrn_radiation_wavelength.wavelength   0.9792 
_diffrn_radiation_wavelength.wt           1.0 
# 
_diffrn_source.current                     ? 
_diffrn_source.details                     ? 
_diffrn_source.diffrn_id                   1 
_diffrn_source.power                       ? 
_diffrn_source.size                        ? 
_diffrn_source.source                      SYNCHROTRON 
_diffrn_source.target                      ? 
_diffrn_source.type                        'ALBA BEAMLINE XALOC' 
_diffrn_source.voltage                     ? 
_diffrn_source.take-off_angle              ? 
_diffrn_source.pdbx_wavelength_list        0.9792 
_diffrn_source.pdbx_wavelength             ? 
_diffrn_source.pdbx_synchrotron_beamline   XALOC 
_diffrn_source.pdbx_synchrotron_site       ALBA 
# 
_reflns.B_iso_Wilson_estimate            ? 
_reflns.entry_id                         7A2P 
_reflns.data_reduction_details           ? 
_reflns.data_reduction_method            ? 
_reflns.d_resolution_high                0.900 
_reflns.d_resolution_low                 19.960 
_reflns.details                          ? 
_reflns.limit_h_max                      ? 
_reflns.limit_h_min                      ? 
_reflns.limit_k_max                      ? 
_reflns.limit_k_min                      ? 
_reflns.limit_l_max                      ? 
_reflns.limit_l_min                      ? 
_reflns.number_all                       ? 
_reflns.number_obs                       74252 
_reflns.observed_criterion               ? 
_reflns.observed_criterion_F_max         ? 
_reflns.observed_criterion_F_min         ? 
_reflns.observed_criterion_I_max         ? 
_reflns.observed_criterion_I_min         ? 
_reflns.observed_criterion_sigma_F       ? 
_reflns.observed_criterion_sigma_I       ? 
_reflns.percent_possible_obs             92.200 
_reflns.R_free_details                   ? 
_reflns.Rmerge_F_all                     ? 
_reflns.Rmerge_F_obs                     ? 
_reflns.Friedel_coverage                 ? 
_reflns.number_gt                        ? 
_reflns.threshold_expression             ? 
_reflns.pdbx_redundancy                  18.600 
_reflns.pdbx_Rmerge_I_obs                0.075 
_reflns.pdbx_Rmerge_I_all                ? 
_reflns.pdbx_Rsym_value                  ? 
_reflns.pdbx_netI_over_av_sigmaI         ? 
_reflns.pdbx_netI_over_sigmaI            30.700 
_reflns.pdbx_res_netI_over_av_sigmaI_2   ? 
_reflns.pdbx_res_netI_over_sigmaI_2      ? 
_reflns.pdbx_chi_squared                 ? 
_reflns.pdbx_scaling_rejects             ? 
_reflns.pdbx_d_res_high_opt              ? 
_reflns.pdbx_d_res_low_opt               ? 
_reflns.pdbx_d_res_opt_method            ? 
_reflns.phase_calculation_details        ? 
_reflns.pdbx_Rrim_I_all                  0.077 
_reflns.pdbx_Rpim_I_all                  0.017 
_reflns.pdbx_d_opt                       ? 
_reflns.pdbx_number_measured_all         ? 
_reflns.pdbx_diffrn_id                   1 
_reflns.pdbx_ordinal                     1 
_reflns.pdbx_CC_half                     0.996 
_reflns.pdbx_CC_star                     ? 
_reflns.pdbx_R_split                     ? 
# 
loop_
_reflns_shell.d_res_high 
_reflns_shell.d_res_low 
_reflns_shell.meanI_over_sigI_all 
_reflns_shell.meanI_over_sigI_obs 
_reflns_shell.number_measured_all 
_reflns_shell.number_measured_obs 
_reflns_shell.number_possible 
_reflns_shell.number_unique_all 
_reflns_shell.number_unique_obs 
_reflns_shell.percent_possible_all 
_reflns_shell.percent_possible_obs 
_reflns_shell.Rmerge_F_all 
_reflns_shell.Rmerge_F_obs 
_reflns_shell.Rmerge_I_all 
_reflns_shell.Rmerge_I_obs 
_reflns_shell.meanI_over_sigI_gt 
_reflns_shell.meanI_over_uI_all 
_reflns_shell.meanI_over_uI_gt 
_reflns_shell.number_measured_gt 
_reflns_shell.number_unique_gt 
_reflns_shell.percent_possible_gt 
_reflns_shell.Rmerge_F_gt 
_reflns_shell.Rmerge_I_gt 
_reflns_shell.pdbx_redundancy 
_reflns_shell.pdbx_Rsym_value 
_reflns_shell.pdbx_chi_squared 
_reflns_shell.pdbx_netI_over_sigmaI_all 
_reflns_shell.pdbx_netI_over_sigmaI_obs 
_reflns_shell.pdbx_Rrim_I_all 
_reflns_shell.pdbx_Rpim_I_all 
_reflns_shell.pdbx_rejects 
_reflns_shell.pdbx_ordinal 
_reflns_shell.pdbx_diffrn_id 
_reflns_shell.pdbx_CC_half 
_reflns_shell.pdbx_CC_star 
_reflns_shell.pdbx_R_split 
0.900 0.920  ? ? 4969 ? ? ? 924 44.700 ? ? ? ? 0.810 ? ? ? ? ? ? ? ? 5.400  ? ? ? 1.700  0.895 0.364 ? 1 1 0.724 ? ? 
4.930 19.960 ? ? 5299 ? ? ? 311 97.900 ? ? ? ? 0.113 ? ? ? ? ? ? ? ? 17.000 ? ? ? 48.800 0.117 0.028 ? 2 1 0.994 ? ? 
# 
_refine.aniso_B[1][1]                            ? 
_refine.aniso_B[1][2]                            ? 
_refine.aniso_B[1][3]                            ? 
_refine.aniso_B[2][2]                            ? 
_refine.aniso_B[2][3]                            ? 
_refine.aniso_B[3][3]                            ? 
_refine.B_iso_max                                43.920 
_refine.B_iso_mean                               13.9778 
_refine.B_iso_min                                6.470 
_refine.correlation_coeff_Fo_to_Fc               ? 
_refine.correlation_coeff_Fo_to_Fc_free          ? 
_refine.details                                  ? 
_refine.diff_density_max                         ? 
_refine.diff_density_max_esd                     ? 
_refine.diff_density_min                         ? 
_refine.diff_density_min_esd                     ? 
_refine.diff_density_rms                         ? 
_refine.diff_density_rms_esd                     ? 
_refine.entry_id                                 7A2P 
_refine.pdbx_refine_id                           'X-RAY DIFFRACTION' 
_refine.ls_abs_structure_details                 ? 
_refine.ls_abs_structure_Flack                   ? 
_refine.ls_abs_structure_Flack_esd               ? 
_refine.ls_abs_structure_Rogers                  ? 
_refine.ls_abs_structure_Rogers_esd              ? 
_refine.ls_d_res_high                            0.9000 
_refine.ls_d_res_low                             17.5300 
_refine.ls_extinction_coef                       ? 
_refine.ls_extinction_coef_esd                   ? 
_refine.ls_extinction_expression                 ? 
_refine.ls_extinction_method                     ? 
_refine.ls_goodness_of_fit_all                   ? 
_refine.ls_goodness_of_fit_all_esd               ? 
_refine.ls_goodness_of_fit_obs                   ? 
_refine.ls_goodness_of_fit_obs_esd               ? 
_refine.ls_hydrogen_treatment                    ? 
_refine.ls_matrix_type                           ? 
_refine.ls_number_constraints                    ? 
_refine.ls_number_parameters                     ? 
_refine.ls_number_reflns_all                     ? 
_refine.ls_number_reflns_obs                     74252 
_refine.ls_number_reflns_R_free                  3708 
_refine.ls_number_reflns_R_work                  70544 
_refine.ls_number_restraints                     ? 
_refine.ls_percent_reflns_obs                    91.9200 
_refine.ls_percent_reflns_R_free                 4.9900 
_refine.ls_R_factor_all                          ? 
_refine.ls_R_factor_obs                          0.1316 
_refine.ls_R_factor_R_free                       0.1496 
_refine.ls_R_factor_R_free_error                 ? 
_refine.ls_R_factor_R_free_error_details         ? 
_refine.ls_R_factor_R_work                       0.1307 
_refine.ls_R_Fsqd_factor_obs                     ? 
_refine.ls_R_I_factor_obs                        ? 
_refine.ls_redundancy_reflns_all                 ? 
_refine.ls_redundancy_reflns_obs                 ? 
_refine.ls_restrained_S_all                      ? 
_refine.ls_restrained_S_obs                      ? 
_refine.ls_shift_over_esd_max                    ? 
_refine.ls_shift_over_esd_mean                   ? 
_refine.ls_structure_factor_coef                 ? 
_refine.ls_weighting_details                     ? 
_refine.ls_weighting_scheme                      ? 
_refine.ls_wR_factor_all                         ? 
_refine.ls_wR_factor_obs                         ? 
_refine.ls_wR_factor_R_free                      ? 
_refine.ls_wR_factor_R_work                      ? 
_refine.occupancy_max                            ? 
_refine.occupancy_min                            ? 
_refine.solvent_model_details                    'FLAT BULK SOLVENT MODEL' 
_refine.solvent_model_param_bsol                 ? 
_refine.solvent_model_param_ksol                 ? 
_refine.pdbx_R_complete                          ? 
_refine.ls_R_factor_gt                           ? 
_refine.ls_goodness_of_fit_gt                    ? 
_refine.ls_goodness_of_fit_ref                   ? 
_refine.ls_shift_over_su_max                     ? 
_refine.ls_shift_over_su_max_lt                  ? 
_refine.ls_shift_over_su_mean                    ? 
_refine.ls_shift_over_su_mean_lt                 ? 
_refine.pdbx_ls_sigma_I                          ? 
_refine.pdbx_ls_sigma_F                          0.500 
_refine.pdbx_ls_sigma_Fsqd                       ? 
_refine.pdbx_data_cutoff_high_absF               ? 
_refine.pdbx_data_cutoff_high_rms_absF           ? 
_refine.pdbx_data_cutoff_low_absF                ? 
_refine.pdbx_isotropic_thermal_model             ? 
_refine.pdbx_ls_cross_valid_method               THROUGHOUT 
_refine.pdbx_method_to_determine_struct          'MOLECULAR REPLACEMENT' 
_refine.pdbx_starting_model                      3UA6 
_refine.pdbx_stereochemistry_target_values       ML 
_refine.pdbx_R_Free_selection_details            ? 
_refine.pdbx_stereochem_target_val_spec_case     ? 
_refine.pdbx_overall_ESU_R                       ? 
_refine.pdbx_overall_ESU_R_Free                  ? 
_refine.pdbx_solvent_vdw_probe_radii             1.1100 
_refine.pdbx_solvent_ion_probe_radii             ? 
_refine.pdbx_solvent_shrinkage_radii             0.9000 
_refine.pdbx_real_space_R                        ? 
_refine.pdbx_density_correlation                 ? 
_refine.pdbx_pd_number_of_powder_patterns        ? 
_refine.pdbx_pd_number_of_points                 ? 
_refine.pdbx_pd_meas_number_of_points            ? 
_refine.pdbx_pd_proc_ls_prof_R_factor            ? 
_refine.pdbx_pd_proc_ls_prof_wR_factor           ? 
_refine.pdbx_pd_Marquardt_correlation_coeff      ? 
_refine.pdbx_pd_Fsqrd_R_factor                   ? 
_refine.pdbx_pd_ls_matrix_band_width             ? 
_refine.pdbx_overall_phase_error                 12.3700 
_refine.pdbx_overall_SU_R_free_Cruickshank_DPI   ? 
_refine.pdbx_overall_SU_R_free_Blow_DPI          ? 
_refine.pdbx_overall_SU_R_Blow_DPI               ? 
_refine.pdbx_TLS_residual_ADP_flag               ? 
_refine.pdbx_diffrn_id                           1 
_refine.overall_SU_B                             ? 
_refine.overall_SU_ML                            0.0600 
_refine.overall_SU_R_Cruickshank_DPI             ? 
_refine.overall_SU_R_free                        ? 
_refine.overall_FOM_free_R_set                   ? 
_refine.overall_FOM_work_R_set                   ? 
_refine.pdbx_average_fsc_overall                 ? 
_refine.pdbx_average_fsc_work                    ? 
_refine.pdbx_average_fsc_free                    ? 
# 
_refine_hist.pdbx_refine_id                   'X-RAY DIFFRACTION' 
_refine_hist.cycle_id                         final 
_refine_hist.details                          ? 
_refine_hist.d_res_high                       0.9000 
_refine_hist.d_res_low                        17.5300 
_refine_hist.number_atoms_solvent             66 
_refine_hist.number_atoms_total               568 
_refine_hist.number_reflns_all                ? 
_refine_hist.number_reflns_obs                ? 
_refine_hist.number_reflns_R_free             ? 
_refine_hist.number_reflns_R_work             ? 
_refine_hist.R_factor_all                     ? 
_refine_hist.R_factor_obs                     ? 
_refine_hist.R_factor_R_free                  ? 
_refine_hist.R_factor_R_work                  ? 
_refine_hist.pdbx_number_residues_total       59 
_refine_hist.pdbx_B_iso_mean_ligand           19.70 
_refine_hist.pdbx_B_iso_mean_solvent          23.45 
_refine_hist.pdbx_number_atoms_protein        478 
_refine_hist.pdbx_number_atoms_nucleic_acid   0 
_refine_hist.pdbx_number_atoms_ligand         24 
_refine_hist.pdbx_number_atoms_lipid          ? 
_refine_hist.pdbx_number_atoms_carb           ? 
_refine_hist.pdbx_pseudo_atom_details         ? 
# 
loop_
_refine_ls_shell.pdbx_refine_id 
_refine_ls_shell.d_res_high 
_refine_ls_shell.d_res_low 
_refine_ls_shell.number_reflns_all 
_refine_ls_shell.number_reflns_obs 
_refine_ls_shell.number_reflns_R_free 
_refine_ls_shell.number_reflns_R_work 
_refine_ls_shell.percent_reflns_obs 
_refine_ls_shell.percent_reflns_R_free 
_refine_ls_shell.R_factor_all 
_refine_ls_shell.R_factor_obs 
_refine_ls_shell.R_factor_R_free 
_refine_ls_shell.R_factor_R_free_error 
_refine_ls_shell.R_factor_R_work 
_refine_ls_shell.redundancy_reflns_all 
_refine_ls_shell.redundancy_reflns_obs 
_refine_ls_shell.wR_factor_all 
_refine_ls_shell.wR_factor_obs 
_refine_ls_shell.wR_factor_R_free 
_refine_ls_shell.wR_factor_R_work 
_refine_ls_shell.pdbx_R_complete 
_refine_ls_shell.pdbx_total_number_of_bins_used 
_refine_ls_shell.pdbx_phase_error 
_refine_ls_shell.pdbx_fsc_work 
_refine_ls_shell.pdbx_fsc_free 
'X-RAY DIFFRACTION' 0.9000 0.9100  1261 . 74  1187 40.0000  . . . 0.2391 0.0000 0.2734 . . . . . . . 26 . . . 
'X-RAY DIFFRACTION' 0.9100 0.9200  1809 . 108 1701 58.0000  . . . 0.2513 0.0000 0.2458 . . . . . . . 26 . . . 
'X-RAY DIFFRACTION' 0.9200 0.9400  2038 . 109 1929 66.0000  . . . 0.2632 0.0000 0.2124 . . . . . . . 26 . . . 
'X-RAY DIFFRACTION' 0.9400 0.9500  2440 . 137 2303 78.0000  . . . 0.1937 0.0000 0.1895 . . . . . . . 26 . . . 
'X-RAY DIFFRACTION' 0.9500 0.9700  2768 . 137 2631 89.0000  . . . 0.1991 0.0000 0.1690 . . . . . . . 26 . . . 
'X-RAY DIFFRACTION' 0.9700 0.9800  2868 . 133 2735 93.0000  . . . 0.1639 0.0000 0.1479 . . . . . . . 26 . . . 
'X-RAY DIFFRACTION' 0.9800 1.0000  2909 . 145 2764 95.0000  . . . 0.1638 0.0000 0.1243 . . . . . . . 26 . . . 
'X-RAY DIFFRACTION' 1.0000 1.0200  2975 . 122 2853 95.0000  . . . 0.1392 0.0000 0.1123 . . . . . . . 26 . . . 
'X-RAY DIFFRACTION' 1.0200 1.0400  2992 . 155 2837 96.0000  . . . 0.1101 0.0000 0.1070 . . . . . . . 26 . . . 
'X-RAY DIFFRACTION' 1.0400 1.0600  3013 . 153 2860 97.0000  . . . 0.1142 0.0000 0.0964 . . . . . . . 26 . . . 
'X-RAY DIFFRACTION' 1.0600 1.0800  3028 . 147 2881 97.0000  . . . 0.0868 0.0000 0.0893 . . . . . . . 26 . . . 
'X-RAY DIFFRACTION' 1.0800 1.1100  3003 . 152 2851 97.0000  . . . 0.1233 0.0000 0.0831 . . . . . . . 26 . . . 
'X-RAY DIFFRACTION' 1.1100 1.1300  3075 . 159 2916 98.0000  . . . 0.0953 0.0000 0.0845 . . . . . . . 26 . . . 
'X-RAY DIFFRACTION' 1.1300 1.1600  3004 . 164 2840 98.0000  . . . 0.1028 0.0000 0.0867 . . . . . . . 26 . . . 
'X-RAY DIFFRACTION' 1.1600 1.2000  3072 . 160 2912 98.0000  . . . 0.1084 0.0000 0.0854 . . . . . . . 26 . . . 
'X-RAY DIFFRACTION' 1.2000 1.2400  3084 . 148 2936 99.0000  . . . 0.1230 0.0000 0.0938 . . . . . . . 26 . . . 
'X-RAY DIFFRACTION' 1.2400 1.2800  3091 . 149 2942 99.0000  . . . 0.1147 0.0000 0.0926 . . . . . . . 26 . . . 
'X-RAY DIFFRACTION' 1.2800 1.3300  3055 . 178 2877 99.0000  . . . 0.1316 0.0000 0.0993 . . . . . . . 26 . . . 
'X-RAY DIFFRACTION' 1.3300 1.3900  3085 . 147 2938 99.0000  . . . 0.1369 0.0000 0.0996 . . . . . . . 26 . . . 
'X-RAY DIFFRACTION' 1.3900 1.4700  3073 . 143 2930 100.0000 . . . 0.1156 0.0000 0.1018 . . . . . . . 26 . . . 
'X-RAY DIFFRACTION' 1.4700 1.5600  3089 . 151 2938 100.0000 . . . 0.1174 0.0000 0.1038 . . . . . . . 26 . . . 
'X-RAY DIFFRACTION' 1.5600 1.6800  3117 . 134 2983 100.0000 . . . 0.1519 0.0000 0.1170 . . . . . . . 26 . . . 
'X-RAY DIFFRACTION' 1.6800 1.8500  3099 . 127 2972 100.0000 . . . 0.1584 0.0000 0.1271 . . . . . . . 26 . . . 
'X-RAY DIFFRACTION' 1.8500 2.1200  3090 . 137 2953 100.0000 . . . 0.1331 0.0000 0.1260 . . . . . . . 26 . . . 
'X-RAY DIFFRACTION' 2.1200 2.6600  3128 . 187 2941 100.0000 . . . 0.1513 0.0000 0.1540 . . . . . . . 26 . . . 
'X-RAY DIFFRACTION' 2.6700 17.5300 3086 . 152 2934 100.0000 . . . 0.1959 0.0000 0.1709 . . . . . . . 26 . . . 
# 
_struct.entry_id                     7A2P 
_struct.title                        
'Crystal structure of the Fyn SH3 domain L112V-S114N-S115T-E121L-R123H mutant at pH 5.0 with PEG' 
_struct.pdbx_model_details           'Fyn-SH3-SRC chimeric construction' 
_struct.pdbx_formula_weight          ? 
_struct.pdbx_formula_weight_method   ? 
_struct.pdbx_model_type_details      ? 
_struct.pdbx_CASP_flag               N 
# 
_struct_keywords.entry_id        7A2P 
_struct_keywords.text            'beta barrel, SH3 domain, PROTEIN BINDING' 
_struct_keywords.pdbx_keywords   'PROTEIN BINDING' 
# 
loop_
_struct_asym.id 
_struct_asym.pdbx_blank_PDB_chainid_flag 
_struct_asym.pdbx_modified 
_struct_asym.entity_id 
_struct_asym.details 
A N N 1 ? 
B N N 2 ? 
C N N 3 ? 
# 
_struct_ref.id                         1 
_struct_ref.db_name                    UNP 
_struct_ref.db_code                    FYN_HUMAN 
_struct_ref.pdbx_db_accession          P06241 
_struct_ref.pdbx_db_isoform            ? 
_struct_ref.entity_id                  1 
_struct_ref.pdbx_seq_one_letter_code   GVTLFVALYDYEARTEDDLSFHKGEKFQILNSSEGDWWEARSLTTGETGYIPSNYVAPVDS 
_struct_ref.pdbx_align_begin           83 
# 
_struct_ref_seq.align_id                      1 
_struct_ref_seq.ref_id                        1 
_struct_ref_seq.pdbx_PDB_id_code              7A2P 
_struct_ref_seq.pdbx_strand_id                A 
_struct_ref_seq.seq_align_beg                 1 
_struct_ref_seq.pdbx_seq_align_beg_ins_code   ? 
_struct_ref_seq.seq_align_end                 61 
_struct_ref_seq.pdbx_seq_align_end_ins_code   ? 
_struct_ref_seq.pdbx_db_accession             P06241 
_struct_ref_seq.db_align_beg                  83 
_struct_ref_seq.pdbx_db_align_beg_ins_code    ? 
_struct_ref_seq.db_align_end                  143 
_struct_ref_seq.pdbx_db_align_end_ins_code    ? 
_struct_ref_seq.pdbx_auth_seq_align_beg       83 
_struct_ref_seq.pdbx_auth_seq_align_end       143 
# 
loop_
_struct_ref_seq_dif.align_id 
_struct_ref_seq_dif.pdbx_pdb_id_code 
_struct_ref_seq_dif.mon_id 
_struct_ref_seq_dif.pdbx_pdb_strand_id 
_struct_ref_seq_dif.seq_num 
_struct_ref_seq_dif.pdbx_pdb_ins_code 
_struct_ref_seq_dif.pdbx_seq_db_name 
_struct_ref_seq_dif.pdbx_seq_db_accession_code 
_struct_ref_seq_dif.db_mon_id 
_struct_ref_seq_dif.pdbx_seq_db_seq_num 
_struct_ref_seq_dif.details 
_struct_ref_seq_dif.pdbx_auth_seq_num 
_struct_ref_seq_dif.pdbx_ordinal 
1 7A2P VAL A 30 ? UNP P06241 LEU 112 'engineered mutation' 112 1 
1 7A2P ASN A 32 ? UNP P06241 SER 114 'engineered mutation' 114 2 
1 7A2P THR A 33 ? UNP P06241 SER 115 'engineered mutation' 115 3 
1 7A2P LEU A 39 ? UNP P06241 GLU 121 'engineered mutation' 121 4 
1 7A2P HIS A 41 ? UNP P06241 ARG 123 'engineered mutation' 123 5 
# 
_pdbx_struct_assembly.id                   1 
_pdbx_struct_assembly.details              author_and_software_defined_assembly 
_pdbx_struct_assembly.method_details       PISA 
_pdbx_struct_assembly.oligomeric_details   monomeric 
_pdbx_struct_assembly.oligomeric_count     1 
# 
loop_
_pdbx_struct_assembly_prop.biol_id 
_pdbx_struct_assembly_prop.type 
_pdbx_struct_assembly_prop.value 
_pdbx_struct_assembly_prop.details 
1 'ABSA (A^2)' 280  ? 
1 MORE         3    ? 
1 'SSA (A^2)'  4010 ? 
# 
_pdbx_struct_assembly_gen.assembly_id       1 
_pdbx_struct_assembly_gen.oper_expression   1 
_pdbx_struct_assembly_gen.asym_id_list      A,B,C 
# 
_pdbx_struct_assembly_auth_evidence.id                     1 
_pdbx_struct_assembly_auth_evidence.assembly_id            1 
_pdbx_struct_assembly_auth_evidence.experimental_support   'light scattering' 
_pdbx_struct_assembly_auth_evidence.details                ? 
# 
_pdbx_struct_oper_list.id                   1 
_pdbx_struct_oper_list.type                 'identity operation' 
_pdbx_struct_oper_list.name                 1_555 
_pdbx_struct_oper_list.symmetry_operation   x,y,z 
_pdbx_struct_oper_list.matrix[1][1]         1.0000000000 
_pdbx_struct_oper_list.matrix[1][2]         0.0000000000 
_pdbx_struct_oper_list.matrix[1][3]         0.0000000000 
_pdbx_struct_oper_list.vector[1]            0.0000000000 
_pdbx_struct_oper_list.matrix[2][1]         0.0000000000 
_pdbx_struct_oper_list.matrix[2][2]         1.0000000000 
_pdbx_struct_oper_list.matrix[2][3]         0.0000000000 
_pdbx_struct_oper_list.vector[2]            0.0000000000 
_pdbx_struct_oper_list.matrix[3][1]         0.0000000000 
_pdbx_struct_oper_list.matrix[3][2]         0.0000000000 
_pdbx_struct_oper_list.matrix[3][3]         1.0000000000 
_pdbx_struct_oper_list.vector[3]            0.0000000000 
# 
_struct_sheet.id               AA1 
_struct_sheet.type             ? 
_struct_sheet.number_strands   5 
_struct_sheet.details          ? 
# 
loop_
_struct_sheet_order.sheet_id 
_struct_sheet_order.range_id_1 
_struct_sheet_order.range_id_2 
_struct_sheet_order.offset 
_struct_sheet_order.sense 
AA1 1 2 ? anti-parallel 
AA1 2 3 ? anti-parallel 
AA1 3 4 ? anti-parallel 
AA1 4 5 ? anti-parallel 
# 
loop_
_struct_sheet_range.sheet_id 
_struct_sheet_range.id 
_struct_sheet_range.beg_label_comp_id 
_struct_sheet_range.beg_label_asym_id 
_struct_sheet_range.beg_label_seq_id 
_struct_sheet_range.pdbx_beg_PDB_ins_code 
_struct_sheet_range.end_label_comp_id 
_struct_sheet_range.end_label_asym_id 
_struct_sheet_range.end_label_seq_id 
_struct_sheet_range.pdbx_end_PDB_ins_code 
_struct_sheet_range.beg_auth_comp_id 
_struct_sheet_range.beg_auth_asym_id 
_struct_sheet_range.beg_auth_seq_id 
_struct_sheet_range.end_auth_comp_id 
_struct_sheet_range.end_auth_asym_id 
_struct_sheet_range.end_auth_seq_id 
AA1 1 THR A 48 ? PRO A 52 ? THR A 130 PRO A 134 
AA1 2 TRP A 37 ? SER A 42 ? TRP A 119 SER A 124 
AA1 3 LYS A 26 ? ASN A 31 ? LYS A 108 ASN A 113 
AA1 4 PHE A 5  ? ALA A 7  ? PHE A 87  ALA A 89  
AA1 5 VAL A 56 ? PRO A 58 ? VAL A 138 PRO A 140 
# 
loop_
_pdbx_struct_sheet_hbond.sheet_id 
_pdbx_struct_sheet_hbond.range_id_1 
_pdbx_struct_sheet_hbond.range_id_2 
_pdbx_struct_sheet_hbond.range_1_label_atom_id 
_pdbx_struct_sheet_hbond.range_1_label_comp_id 
_pdbx_struct_sheet_hbond.range_1_label_asym_id 
_pdbx_struct_sheet_hbond.range_1_label_seq_id 
_pdbx_struct_sheet_hbond.range_1_PDB_ins_code 
_pdbx_struct_sheet_hbond.range_1_auth_atom_id 
_pdbx_struct_sheet_hbond.range_1_auth_comp_id 
_pdbx_struct_sheet_hbond.range_1_auth_asym_id 
_pdbx_struct_sheet_hbond.range_1_auth_seq_id 
_pdbx_struct_sheet_hbond.range_2_label_atom_id 
_pdbx_struct_sheet_hbond.range_2_label_comp_id 
_pdbx_struct_sheet_hbond.range_2_label_asym_id 
_pdbx_struct_sheet_hbond.range_2_label_seq_id 
_pdbx_struct_sheet_hbond.range_2_PDB_ins_code 
_pdbx_struct_sheet_hbond.range_2_auth_atom_id 
_pdbx_struct_sheet_hbond.range_2_auth_comp_id 
_pdbx_struct_sheet_hbond.range_2_auth_asym_id 
_pdbx_struct_sheet_hbond.range_2_auth_seq_id 
AA1 1 2 O GLY A 49 ? O GLY A 131 N ALA A 40 ? N ALA A 122 
AA1 2 3 O LEU A 39 ? O LEU A 121 N VAL A 30 ? N VAL A 112 
AA1 3 4 O PHE A 27 ? O PHE A 109 N PHE A 5  ? N PHE A 87  
AA1 4 5 N VAL A 6  ? N VAL A 88  O ALA A 57 ? O ALA A 139 
# 
_struct_site.id                   AC1 
_struct_site.pdbx_evidence_code   Software 
_struct_site.pdbx_auth_asym_id    A 
_struct_site.pdbx_auth_comp_id    PGE 
_struct_site.pdbx_auth_seq_id     201 
_struct_site.pdbx_auth_ins_code   ? 
_struct_site.pdbx_num_residues    9 
_struct_site.details              'binding site for residue PGE A 201' 
# 
loop_
_struct_site_gen.id 
_struct_site_gen.site_id 
_struct_site_gen.pdbx_num_res 
_struct_site_gen.label_comp_id 
_struct_site_gen.label_asym_id 
_struct_site_gen.label_seq_id 
_struct_site_gen.pdbx_auth_ins_code 
_struct_site_gen.auth_comp_id 
_struct_site_gen.auth_asym_id 
_struct_site_gen.auth_seq_id 
_struct_site_gen.label_atom_id 
_struct_site_gen.label_alt_id 
_struct_site_gen.symmetry 
_struct_site_gen.details 
1 AC1 9 THR A 3  ? THR A 85  . ? 1_555 ? 
2 AC1 9 TYR A 9  ? TYR A 91  . ? 4_555 ? 
3 AC1 9 ASP A 10 ? ASP A 92  . ? 1_655 ? 
4 AC1 9 HIS A 22 ? HIS A 104 . ? 1_655 ? 
5 AC1 9 ILE A 29 ? ILE A 111 . ? 1_555 ? 
6 AC1 9 ASN A 32 ? ASN A 114 . ? 1_555 ? 
7 AC1 9 HOH C .  ? HOH A 305 . ? 1_555 ? 
8 AC1 9 HOH C .  ? HOH A 336 . ? 1_555 ? 
9 AC1 9 HOH C .  ? HOH A 356 . ? 1_555 ? 
# 
_phasing.method   MR 
# 
_pdbx_entry_details.entry_id                 7A2P 
_pdbx_entry_details.has_ligand_of_interest   N 
_pdbx_entry_details.compound_details         ? 
_pdbx_entry_details.source_details           ? 
_pdbx_entry_details.nonpolymer_details       ? 
_pdbx_entry_details.sequence_details         ? 
# 
_pdbx_distant_solvent_atoms.id                                1 
_pdbx_distant_solvent_atoms.PDB_model_num                     1 
_pdbx_distant_solvent_atoms.auth_atom_id                      O 
_pdbx_distant_solvent_atoms.label_alt_id                      ? 
_pdbx_distant_solvent_atoms.auth_asym_id                      A 
_pdbx_distant_solvent_atoms.auth_comp_id                      HOH 
_pdbx_distant_solvent_atoms.auth_seq_id                       366 
_pdbx_distant_solvent_atoms.PDB_ins_code                      ? 
_pdbx_distant_solvent_atoms.neighbor_macromolecule_distance   6.11 
_pdbx_distant_solvent_atoms.neighbor_ligand_distance          . 
# 
loop_
_pdbx_unobs_or_zero_occ_residues.id 
_pdbx_unobs_or_zero_occ_residues.PDB_model_num 
_pdbx_unobs_or_zero_occ_residues.polymer_flag 
_pdbx_unobs_or_zero_occ_residues.occupancy_flag 
_pdbx_unobs_or_zero_occ_residues.auth_asym_id 
_pdbx_unobs_or_zero_occ_residues.auth_comp_id 
_pdbx_unobs_or_zero_occ_residues.auth_seq_id 
_pdbx_unobs_or_zero_occ_residues.PDB_ins_code 
_pdbx_unobs_or_zero_occ_residues.label_asym_id 
_pdbx_unobs_or_zero_occ_residues.label_comp_id 
_pdbx_unobs_or_zero_occ_residues.label_seq_id 
1 1 Y 1 A GLY 83  ? A GLY 1  
2 1 Y 1 A SER 143 ? A SER 61 
# 
loop_
_chem_comp_atom.comp_id 
_chem_comp_atom.atom_id 
_chem_comp_atom.type_symbol 
_chem_comp_atom.pdbx_aromatic_flag 
_chem_comp_atom.pdbx_stereo_config 
_chem_comp_atom.pdbx_ordinal 
ALA N    N N N 1   
ALA CA   C N S 2   
ALA C    C N N 3   
ALA O    O N N 4   
ALA CB   C N N 5   
ALA OXT  O N N 6   
ALA H    H N N 7   
ALA H2   H N N 8   
ALA HA   H N N 9   
ALA HB1  H N N 10  
ALA HB2  H N N 11  
ALA HB3  H N N 12  
ALA HXT  H N N 13  
ARG N    N N N 14  
ARG CA   C N S 15  
ARG C    C N N 16  
ARG O    O N N 17  
ARG CB   C N N 18  
ARG CG   C N N 19  
ARG CD   C N N 20  
ARG NE   N N N 21  
ARG CZ   C N N 22  
ARG NH1  N N N 23  
ARG NH2  N N N 24  
ARG OXT  O N N 25  
ARG H    H N N 26  
ARG H2   H N N 27  
ARG HA   H N N 28  
ARG HB2  H N N 29  
ARG HB3  H N N 30  
ARG HG2  H N N 31  
ARG HG3  H N N 32  
ARG HD2  H N N 33  
ARG HD3  H N N 34  
ARG HE   H N N 35  
ARG HH11 H N N 36  
ARG HH12 H N N 37  
ARG HH21 H N N 38  
ARG HH22 H N N 39  
ARG HXT  H N N 40  
ASN N    N N N 41  
ASN CA   C N S 42  
ASN C    C N N 43  
ASN O    O N N 44  
ASN CB   C N N 45  
ASN CG   C N N 46  
ASN OD1  O N N 47  
ASN ND2  N N N 48  
ASN OXT  O N N 49  
ASN H    H N N 50  
ASN H2   H N N 51  
ASN HA   H N N 52  
ASN HB2  H N N 53  
ASN HB3  H N N 54  
ASN HD21 H N N 55  
ASN HD22 H N N 56  
ASN HXT  H N N 57  
ASP N    N N N 58  
ASP CA   C N S 59  
ASP C    C N N 60  
ASP O    O N N 61  
ASP CB   C N N 62  
ASP CG   C N N 63  
ASP OD1  O N N 64  
ASP OD2  O N N 65  
ASP OXT  O N N 66  
ASP H    H N N 67  
ASP H2   H N N 68  
ASP HA   H N N 69  
ASP HB2  H N N 70  
ASP HB3  H N N 71  
ASP HD2  H N N 72  
ASP HXT  H N N 73  
GLN N    N N N 74  
GLN CA   C N S 75  
GLN C    C N N 76  
GLN O    O N N 77  
GLN CB   C N N 78  
GLN CG   C N N 79  
GLN CD   C N N 80  
GLN OE1  O N N 81  
GLN NE2  N N N 82  
GLN OXT  O N N 83  
GLN H    H N N 84  
GLN H2   H N N 85  
GLN HA   H N N 86  
GLN HB2  H N N 87  
GLN HB3  H N N 88  
GLN HG2  H N N 89  
GLN HG3  H N N 90  
GLN HE21 H N N 91  
GLN HE22 H N N 92  
GLN HXT  H N N 93  
GLU N    N N N 94  
GLU CA   C N S 95  
GLU C    C N N 96  
GLU O    O N N 97  
GLU CB   C N N 98  
GLU CG   C N N 99  
GLU CD   C N N 100 
GLU OE1  O N N 101 
GLU OE2  O N N 102 
GLU OXT  O N N 103 
GLU H    H N N 104 
GLU H2   H N N 105 
GLU HA   H N N 106 
GLU HB2  H N N 107 
GLU HB3  H N N 108 
GLU HG2  H N N 109 
GLU HG3  H N N 110 
GLU HE2  H N N 111 
GLU HXT  H N N 112 
GLY N    N N N 113 
GLY CA   C N N 114 
GLY C    C N N 115 
GLY O    O N N 116 
GLY OXT  O N N 117 
GLY H    H N N 118 
GLY H2   H N N 119 
GLY HA2  H N N 120 
GLY HA3  H N N 121 
GLY HXT  H N N 122 
HIS N    N N N 123 
HIS CA   C N S 124 
HIS C    C N N 125 
HIS O    O N N 126 
HIS CB   C N N 127 
HIS CG   C Y N 128 
HIS ND1  N Y N 129 
HIS CD2  C Y N 130 
HIS CE1  C Y N 131 
HIS NE2  N Y N 132 
HIS OXT  O N N 133 
HIS H    H N N 134 
HIS H2   H N N 135 
HIS HA   H N N 136 
HIS HB2  H N N 137 
HIS HB3  H N N 138 
HIS HD1  H N N 139 
HIS HD2  H N N 140 
HIS HE1  H N N 141 
HIS HE2  H N N 142 
HIS HXT  H N N 143 
HOH O    O N N 144 
HOH H1   H N N 145 
HOH H2   H N N 146 
ILE N    N N N 147 
ILE CA   C N S 148 
ILE C    C N N 149 
ILE O    O N N 150 
ILE CB   C N S 151 
ILE CG1  C N N 152 
ILE CG2  C N N 153 
ILE CD1  C N N 154 
ILE OXT  O N N 155 
ILE H    H N N 156 
ILE H2   H N N 157 
ILE HA   H N N 158 
ILE HB   H N N 159 
ILE HG12 H N N 160 
ILE HG13 H N N 161 
ILE HG21 H N N 162 
ILE HG22 H N N 163 
ILE HG23 H N N 164 
ILE HD11 H N N 165 
ILE HD12 H N N 166 
ILE HD13 H N N 167 
ILE HXT  H N N 168 
LEU N    N N N 169 
LEU CA   C N S 170 
LEU C    C N N 171 
LEU O    O N N 172 
LEU CB   C N N 173 
LEU CG   C N N 174 
LEU CD1  C N N 175 
LEU CD2  C N N 176 
LEU OXT  O N N 177 
LEU H    H N N 178 
LEU H2   H N N 179 
LEU HA   H N N 180 
LEU HB2  H N N 181 
LEU HB3  H N N 182 
LEU HG   H N N 183 
LEU HD11 H N N 184 
LEU HD12 H N N 185 
LEU HD13 H N N 186 
LEU HD21 H N N 187 
LEU HD22 H N N 188 
LEU HD23 H N N 189 
LEU HXT  H N N 190 
LYS N    N N N 191 
LYS CA   C N S 192 
LYS C    C N N 193 
LYS O    O N N 194 
LYS CB   C N N 195 
LYS CG   C N N 196 
LYS CD   C N N 197 
LYS CE   C N N 198 
LYS NZ   N N N 199 
LYS OXT  O N N 200 
LYS H    H N N 201 
LYS H2   H N N 202 
LYS HA   H N N 203 
LYS HB2  H N N 204 
LYS HB3  H N N 205 
LYS HG2  H N N 206 
LYS HG3  H N N 207 
LYS HD2  H N N 208 
LYS HD3  H N N 209 
LYS HE2  H N N 210 
LYS HE3  H N N 211 
LYS HZ1  H N N 212 
LYS HZ2  H N N 213 
LYS HZ3  H N N 214 
LYS HXT  H N N 215 
PGE C1   C N N 216 
PGE O1   O N N 217 
PGE C2   C N N 218 
PGE O2   O N N 219 
PGE C3   C N N 220 
PGE C4   C N N 221 
PGE O4   O N N 222 
PGE C6   C N N 223 
PGE C5   C N N 224 
PGE O3   O N N 225 
PGE H1   H N N 226 
PGE H12  H N N 227 
PGE HO1  H N N 228 
PGE H2   H N N 229 
PGE H22  H N N 230 
PGE H3   H N N 231 
PGE H32  H N N 232 
PGE H4   H N N 233 
PGE H42  H N N 234 
PGE HO4  H N N 235 
PGE H6   H N N 236 
PGE H62  H N N 237 
PGE H5   H N N 238 
PGE H52  H N N 239 
PHE N    N N N 240 
PHE CA   C N S 241 
PHE C    C N N 242 
PHE O    O N N 243 
PHE CB   C N N 244 
PHE CG   C Y N 245 
PHE CD1  C Y N 246 
PHE CD2  C Y N 247 
PHE CE1  C Y N 248 
PHE CE2  C Y N 249 
PHE CZ   C Y N 250 
PHE OXT  O N N 251 
PHE H    H N N 252 
PHE H2   H N N 253 
PHE HA   H N N 254 
PHE HB2  H N N 255 
PHE HB3  H N N 256 
PHE HD1  H N N 257 
PHE HD2  H N N 258 
PHE HE1  H N N 259 
PHE HE2  H N N 260 
PHE HZ   H N N 261 
PHE HXT  H N N 262 
PRO N    N N N 263 
PRO CA   C N S 264 
PRO C    C N N 265 
PRO O    O N N 266 
PRO CB   C N N 267 
PRO CG   C N N 268 
PRO CD   C N N 269 
PRO OXT  O N N 270 
PRO H    H N N 271 
PRO HA   H N N 272 
PRO HB2  H N N 273 
PRO HB3  H N N 274 
PRO HG2  H N N 275 
PRO HG3  H N N 276 
PRO HD2  H N N 277 
PRO HD3  H N N 278 
PRO HXT  H N N 279 
SER N    N N N 280 
SER CA   C N S 281 
SER C    C N N 282 
SER O    O N N 283 
SER CB   C N N 284 
SER OG   O N N 285 
SER OXT  O N N 286 
SER H    H N N 287 
SER H2   H N N 288 
SER HA   H N N 289 
SER HB2  H N N 290 
SER HB3  H N N 291 
SER HG   H N N 292 
SER HXT  H N N 293 
THR N    N N N 294 
THR CA   C N S 295 
THR C    C N N 296 
THR O    O N N 297 
THR CB   C N R 298 
THR OG1  O N N 299 
THR CG2  C N N 300 
THR OXT  O N N 301 
THR H    H N N 302 
THR H2   H N N 303 
THR HA   H N N 304 
THR HB   H N N 305 
THR HG1  H N N 306 
THR HG21 H N N 307 
THR HG22 H N N 308 
THR HG23 H N N 309 
THR HXT  H N N 310 
TRP N    N N N 311 
TRP CA   C N S 312 
TRP C    C N N 313 
TRP O    O N N 314 
TRP CB   C N N 315 
TRP CG   C Y N 316 
TRP CD1  C Y N 317 
TRP CD2  C Y N 318 
TRP NE1  N Y N 319 
TRP CE2  C Y N 320 
TRP CE3  C Y N 321 
TRP CZ2  C Y N 322 
TRP CZ3  C Y N 323 
TRP CH2  C Y N 324 
TRP OXT  O N N 325 
TRP H    H N N 326 
TRP H2   H N N 327 
TRP HA   H N N 328 
TRP HB2  H N N 329 
TRP HB3  H N N 330 
TRP HD1  H N N 331 
TRP HE1  H N N 332 
TRP HE3  H N N 333 
TRP HZ2  H N N 334 
TRP HZ3  H N N 335 
TRP HH2  H N N 336 
TRP HXT  H N N 337 
TYR N    N N N 338 
TYR CA   C N S 339 
TYR C    C N N 340 
TYR O    O N N 341 
TYR CB   C N N 342 
TYR CG   C Y N 343 
TYR CD1  C Y N 344 
TYR CD2  C Y N 345 
TYR CE1  C Y N 346 
TYR CE2  C Y N 347 
TYR CZ   C Y N 348 
TYR OH   O N N 349 
TYR OXT  O N N 350 
TYR H    H N N 351 
TYR H2   H N N 352 
TYR HA   H N N 353 
TYR HB2  H N N 354 
TYR HB3  H N N 355 
TYR HD1  H N N 356 
TYR HD2  H N N 357 
TYR HE1  H N N 358 
TYR HE2  H N N 359 
TYR HH   H N N 360 
TYR HXT  H N N 361 
VAL N    N N N 362 
VAL CA   C N S 363 
VAL C    C N N 364 
VAL O    O N N 365 
VAL CB   C N N 366 
VAL CG1  C N N 367 
VAL CG2  C N N 368 
VAL OXT  O N N 369 
VAL H    H N N 370 
VAL H2   H N N 371 
VAL HA   H N N 372 
VAL HB   H N N 373 
VAL HG11 H N N 374 
VAL HG12 H N N 375 
VAL HG13 H N N 376 
VAL HG21 H N N 377 
VAL HG22 H N N 378 
VAL HG23 H N N 379 
VAL HXT  H N N 380 
# 
loop_
_chem_comp_bond.comp_id 
_chem_comp_bond.atom_id_1 
_chem_comp_bond.atom_id_2 
_chem_comp_bond.value_order 
_chem_comp_bond.pdbx_aromatic_flag 
_chem_comp_bond.pdbx_stereo_config 
_chem_comp_bond.pdbx_ordinal 
ALA N   CA   sing N N 1   
ALA N   H    sing N N 2   
ALA N   H2   sing N N 3   
ALA CA  C    sing N N 4   
ALA CA  CB   sing N N 5   
ALA CA  HA   sing N N 6   
ALA C   O    doub N N 7   
ALA C   OXT  sing N N 8   
ALA CB  HB1  sing N N 9   
ALA CB  HB2  sing N N 10  
ALA CB  HB3  sing N N 11  
ALA OXT HXT  sing N N 12  
ARG N   CA   sing N N 13  
ARG N   H    sing N N 14  
ARG N   H2   sing N N 15  
ARG CA  C    sing N N 16  
ARG CA  CB   sing N N 17  
ARG CA  HA   sing N N 18  
ARG C   O    doub N N 19  
ARG C   OXT  sing N N 20  
ARG CB  CG   sing N N 21  
ARG CB  HB2  sing N N 22  
ARG CB  HB3  sing N N 23  
ARG CG  CD   sing N N 24  
ARG CG  HG2  sing N N 25  
ARG CG  HG3  sing N N 26  
ARG CD  NE   sing N N 27  
ARG CD  HD2  sing N N 28  
ARG CD  HD3  sing N N 29  
ARG NE  CZ   sing N N 30  
ARG NE  HE   sing N N 31  
ARG CZ  NH1  sing N N 32  
ARG CZ  NH2  doub N N 33  
ARG NH1 HH11 sing N N 34  
ARG NH1 HH12 sing N N 35  
ARG NH2 HH21 sing N N 36  
ARG NH2 HH22 sing N N 37  
ARG OXT HXT  sing N N 38  
ASN N   CA   sing N N 39  
ASN N   H    sing N N 40  
ASN N   H2   sing N N 41  
ASN CA  C    sing N N 42  
ASN CA  CB   sing N N 43  
ASN CA  HA   sing N N 44  
ASN C   O    doub N N 45  
ASN C   OXT  sing N N 46  
ASN CB  CG   sing N N 47  
ASN CB  HB2  sing N N 48  
ASN CB  HB3  sing N N 49  
ASN CG  OD1  doub N N 50  
ASN CG  ND2  sing N N 51  
ASN ND2 HD21 sing N N 52  
ASN ND2 HD22 sing N N 53  
ASN OXT HXT  sing N N 54  
ASP N   CA   sing N N 55  
ASP N   H    sing N N 56  
ASP N   H2   sing N N 57  
ASP CA  C    sing N N 58  
ASP CA  CB   sing N N 59  
ASP CA  HA   sing N N 60  
ASP C   O    doub N N 61  
ASP C   OXT  sing N N 62  
ASP CB  CG   sing N N 63  
ASP CB  HB2  sing N N 64  
ASP CB  HB3  sing N N 65  
ASP CG  OD1  doub N N 66  
ASP CG  OD2  sing N N 67  
ASP OD2 HD2  sing N N 68  
ASP OXT HXT  sing N N 69  
GLN N   CA   sing N N 70  
GLN N   H    sing N N 71  
GLN N   H2   sing N N 72  
GLN CA  C    sing N N 73  
GLN CA  CB   sing N N 74  
GLN CA  HA   sing N N 75  
GLN C   O    doub N N 76  
GLN C   OXT  sing N N 77  
GLN CB  CG   sing N N 78  
GLN CB  HB2  sing N N 79  
GLN CB  HB3  sing N N 80  
GLN CG  CD   sing N N 81  
GLN CG  HG2  sing N N 82  
GLN CG  HG3  sing N N 83  
GLN CD  OE1  doub N N 84  
GLN CD  NE2  sing N N 85  
GLN NE2 HE21 sing N N 86  
GLN NE2 HE22 sing N N 87  
GLN OXT HXT  sing N N 88  
GLU N   CA   sing N N 89  
GLU N   H    sing N N 90  
GLU N   H2   sing N N 91  
GLU CA  C    sing N N 92  
GLU CA  CB   sing N N 93  
GLU CA  HA   sing N N 94  
GLU C   O    doub N N 95  
GLU C   OXT  sing N N 96  
GLU CB  CG   sing N N 97  
GLU CB  HB2  sing N N 98  
GLU CB  HB3  sing N N 99  
GLU CG  CD   sing N N 100 
GLU CG  HG2  sing N N 101 
GLU CG  HG3  sing N N 102 
GLU CD  OE1  doub N N 103 
GLU CD  OE2  sing N N 104 
GLU OE2 HE2  sing N N 105 
GLU OXT HXT  sing N N 106 
GLY N   CA   sing N N 107 
GLY N   H    sing N N 108 
GLY N   H2   sing N N 109 
GLY CA  C    sing N N 110 
GLY CA  HA2  sing N N 111 
GLY CA  HA3  sing N N 112 
GLY C   O    doub N N 113 
GLY C   OXT  sing N N 114 
GLY OXT HXT  sing N N 115 
HIS N   CA   sing N N 116 
HIS N   H    sing N N 117 
HIS N   H2   sing N N 118 
HIS CA  C    sing N N 119 
HIS CA  CB   sing N N 120 
HIS CA  HA   sing N N 121 
HIS C   O    doub N N 122 
HIS C   OXT  sing N N 123 
HIS CB  CG   sing N N 124 
HIS CB  HB2  sing N N 125 
HIS CB  HB3  sing N N 126 
HIS CG  ND1  sing Y N 127 
HIS CG  CD2  doub Y N 128 
HIS ND1 CE1  doub Y N 129 
HIS ND1 HD1  sing N N 130 
HIS CD2 NE2  sing Y N 131 
HIS CD2 HD2  sing N N 132 
HIS CE1 NE2  sing Y N 133 
HIS CE1 HE1  sing N N 134 
HIS NE2 HE2  sing N N 135 
HIS OXT HXT  sing N N 136 
HOH O   H1   sing N N 137 
HOH O   H2   sing N N 138 
ILE N   CA   sing N N 139 
ILE N   H    sing N N 140 
ILE N   H2   sing N N 141 
ILE CA  C    sing N N 142 
ILE CA  CB   sing N N 143 
ILE CA  HA   sing N N 144 
ILE C   O    doub N N 145 
ILE C   OXT  sing N N 146 
ILE CB  CG1  sing N N 147 
ILE CB  CG2  sing N N 148 
ILE CB  HB   sing N N 149 
ILE CG1 CD1  sing N N 150 
ILE CG1 HG12 sing N N 151 
ILE CG1 HG13 sing N N 152 
ILE CG2 HG21 sing N N 153 
ILE CG2 HG22 sing N N 154 
ILE CG2 HG23 sing N N 155 
ILE CD1 HD11 sing N N 156 
ILE CD1 HD12 sing N N 157 
ILE CD1 HD13 sing N N 158 
ILE OXT HXT  sing N N 159 
LEU N   CA   sing N N 160 
LEU N   H    sing N N 161 
LEU N   H2   sing N N 162 
LEU CA  C    sing N N 163 
LEU CA  CB   sing N N 164 
LEU CA  HA   sing N N 165 
LEU C   O    doub N N 166 
LEU C   OXT  sing N N 167 
LEU CB  CG   sing N N 168 
LEU CB  HB2  sing N N 169 
LEU CB  HB3  sing N N 170 
LEU CG  CD1  sing N N 171 
LEU CG  CD2  sing N N 172 
LEU CG  HG   sing N N 173 
LEU CD1 HD11 sing N N 174 
LEU CD1 HD12 sing N N 175 
LEU CD1 HD13 sing N N 176 
LEU CD2 HD21 sing N N 177 
LEU CD2 HD22 sing N N 178 
LEU CD2 HD23 sing N N 179 
LEU OXT HXT  sing N N 180 
LYS N   CA   sing N N 181 
LYS N   H    sing N N 182 
LYS N   H2   sing N N 183 
LYS CA  C    sing N N 184 
LYS CA  CB   sing N N 185 
LYS CA  HA   sing N N 186 
LYS C   O    doub N N 187 
LYS C   OXT  sing N N 188 
LYS CB  CG   sing N N 189 
LYS CB  HB2  sing N N 190 
LYS CB  HB3  sing N N 191 
LYS CG  CD   sing N N 192 
LYS CG  HG2  sing N N 193 
LYS CG  HG3  sing N N 194 
LYS CD  CE   sing N N 195 
LYS CD  HD2  sing N N 196 
LYS CD  HD3  sing N N 197 
LYS CE  NZ   sing N N 198 
LYS CE  HE2  sing N N 199 
LYS CE  HE3  sing N N 200 
LYS NZ  HZ1  sing N N 201 
LYS NZ  HZ2  sing N N 202 
LYS NZ  HZ3  sing N N 203 
LYS OXT HXT  sing N N 204 
PGE C1  O1   sing N N 205 
PGE C1  C2   sing N N 206 
PGE C1  H1   sing N N 207 
PGE C1  H12  sing N N 208 
PGE O1  HO1  sing N N 209 
PGE C2  O2   sing N N 210 
PGE C2  H2   sing N N 211 
PGE C2  H22  sing N N 212 
PGE O2  C3   sing N N 213 
PGE C3  C4   sing N N 214 
PGE C3  H3   sing N N 215 
PGE C3  H32  sing N N 216 
PGE C4  O3   sing N N 217 
PGE C4  H4   sing N N 218 
PGE C4  H42  sing N N 219 
PGE O4  C6   sing N N 220 
PGE O4  HO4  sing N N 221 
PGE C6  C5   sing N N 222 
PGE C6  H6   sing N N 223 
PGE C6  H62  sing N N 224 
PGE C5  O3   sing N N 225 
PGE C5  H5   sing N N 226 
PGE C5  H52  sing N N 227 
PHE N   CA   sing N N 228 
PHE N   H    sing N N 229 
PHE N   H2   sing N N 230 
PHE CA  C    sing N N 231 
PHE CA  CB   sing N N 232 
PHE CA  HA   sing N N 233 
PHE C   O    doub N N 234 
PHE C   OXT  sing N N 235 
PHE CB  CG   sing N N 236 
PHE CB  HB2  sing N N 237 
PHE CB  HB3  sing N N 238 
PHE CG  CD1  doub Y N 239 
PHE CG  CD2  sing Y N 240 
PHE CD1 CE1  sing Y N 241 
PHE CD1 HD1  sing N N 242 
PHE CD2 CE2  doub Y N 243 
PHE CD2 HD2  sing N N 244 
PHE CE1 CZ   doub Y N 245 
PHE CE1 HE1  sing N N 246 
PHE CE2 CZ   sing Y N 247 
PHE CE2 HE2  sing N N 248 
PHE CZ  HZ   sing N N 249 
PHE OXT HXT  sing N N 250 
PRO N   CA   sing N N 251 
PRO N   CD   sing N N 252 
PRO N   H    sing N N 253 
PRO CA  C    sing N N 254 
PRO CA  CB   sing N N 255 
PRO CA  HA   sing N N 256 
PRO C   O    doub N N 257 
PRO C   OXT  sing N N 258 
PRO CB  CG   sing N N 259 
PRO CB  HB2  sing N N 260 
PRO CB  HB3  sing N N 261 
PRO CG  CD   sing N N 262 
PRO CG  HG2  sing N N 263 
PRO CG  HG3  sing N N 264 
PRO CD  HD2  sing N N 265 
PRO CD  HD3  sing N N 266 
PRO OXT HXT  sing N N 267 
SER N   CA   sing N N 268 
SER N   H    sing N N 269 
SER N   H2   sing N N 270 
SER CA  C    sing N N 271 
SER CA  CB   sing N N 272 
SER CA  HA   sing N N 273 
SER C   O    doub N N 274 
SER C   OXT  sing N N 275 
SER CB  OG   sing N N 276 
SER CB  HB2  sing N N 277 
SER CB  HB3  sing N N 278 
SER OG  HG   sing N N 279 
SER OXT HXT  sing N N 280 
THR N   CA   sing N N 281 
THR N   H    sing N N 282 
THR N   H2   sing N N 283 
THR CA  C    sing N N 284 
THR CA  CB   sing N N 285 
THR CA  HA   sing N N 286 
THR C   O    doub N N 287 
THR C   OXT  sing N N 288 
THR CB  OG1  sing N N 289 
THR CB  CG2  sing N N 290 
THR CB  HB   sing N N 291 
THR OG1 HG1  sing N N 292 
THR CG2 HG21 sing N N 293 
THR CG2 HG22 sing N N 294 
THR CG2 HG23 sing N N 295 
THR OXT HXT  sing N N 296 
TRP N   CA   sing N N 297 
TRP N   H    sing N N 298 
TRP N   H2   sing N N 299 
TRP CA  C    sing N N 300 
TRP CA  CB   sing N N 301 
TRP CA  HA   sing N N 302 
TRP C   O    doub N N 303 
TRP C   OXT  sing N N 304 
TRP CB  CG   sing N N 305 
TRP CB  HB2  sing N N 306 
TRP CB  HB3  sing N N 307 
TRP CG  CD1  doub Y N 308 
TRP CG  CD2  sing Y N 309 
TRP CD1 NE1  sing Y N 310 
TRP CD1 HD1  sing N N 311 
TRP CD2 CE2  doub Y N 312 
TRP CD2 CE3  sing Y N 313 
TRP NE1 CE2  sing Y N 314 
TRP NE1 HE1  sing N N 315 
TRP CE2 CZ2  sing Y N 316 
TRP CE3 CZ3  doub Y N 317 
TRP CE3 HE3  sing N N 318 
TRP CZ2 CH2  doub Y N 319 
TRP CZ2 HZ2  sing N N 320 
TRP CZ3 CH2  sing Y N 321 
TRP CZ3 HZ3  sing N N 322 
TRP CH2 HH2  sing N N 323 
TRP OXT HXT  sing N N 324 
TYR N   CA   sing N N 325 
TYR N   H    sing N N 326 
TYR N   H2   sing N N 327 
TYR CA  C    sing N N 328 
TYR CA  CB   sing N N 329 
TYR CA  HA   sing N N 330 
TYR C   O    doub N N 331 
TYR C   OXT  sing N N 332 
TYR CB  CG   sing N N 333 
TYR CB  HB2  sing N N 334 
TYR CB  HB3  sing N N 335 
TYR CG  CD1  doub Y N 336 
TYR CG  CD2  sing Y N 337 
TYR CD1 CE1  sing Y N 338 
TYR CD1 HD1  sing N N 339 
TYR CD2 CE2  doub Y N 340 
TYR CD2 HD2  sing N N 341 
TYR CE1 CZ   doub Y N 342 
TYR CE1 HE1  sing N N 343 
TYR CE2 CZ   sing Y N 344 
TYR CE2 HE2  sing N N 345 
TYR CZ  OH   sing N N 346 
TYR OH  HH   sing N N 347 
TYR OXT HXT  sing N N 348 
VAL N   CA   sing N N 349 
VAL N   H    sing N N 350 
VAL N   H2   sing N N 351 
VAL CA  C    sing N N 352 
VAL CA  CB   sing N N 353 
VAL CA  HA   sing N N 354 
VAL C   O    doub N N 355 
VAL C   OXT  sing N N 356 
VAL CB  CG1  sing N N 357 
VAL CB  CG2  sing N N 358 
VAL CB  HB   sing N N 359 
VAL CG1 HG11 sing N N 360 
VAL CG1 HG12 sing N N 361 
VAL CG1 HG13 sing N N 362 
VAL CG2 HG21 sing N N 363 
VAL CG2 HG22 sing N N 364 
VAL CG2 HG23 sing N N 365 
VAL OXT HXT  sing N N 366 
# 
_pdbx_audit_support.funding_organization   'Spanish Ministry of Economy and Competitiveness' 
_pdbx_audit_support.country                Spain 
_pdbx_audit_support.grant_number           BIO2016-78020-R 
_pdbx_audit_support.ordinal                1 
# 
_pdbx_initial_refinement_model.id               1 
_pdbx_initial_refinement_model.entity_id_list   ? 
_pdbx_initial_refinement_model.type             'experimental model' 
_pdbx_initial_refinement_model.source_name      PDB 
_pdbx_initial_refinement_model.accession_code   3UA6 
_pdbx_initial_refinement_model.details          ? 
# 
_atom_sites.entry_id                    7A2P 
_atom_sites.Cartn_transf_matrix[1][1]   ? 
_atom_sites.Cartn_transf_matrix[1][2]   ? 
_atom_sites.Cartn_transf_matrix[1][3]   ? 
_atom_sites.Cartn_transf_matrix[2][1]   ? 
_atom_sites.Cartn_transf_matrix[2][2]   ? 
_atom_sites.Cartn_transf_matrix[2][3]   ? 
_atom_sites.Cartn_transf_matrix[3][1]   ? 
_atom_sites.Cartn_transf_matrix[3][2]   ? 
_atom_sites.Cartn_transf_matrix[3][3]   ? 
_atom_sites.Cartn_transf_vector[1]      ? 
_atom_sites.Cartn_transf_vector[2]      ? 
_atom_sites.Cartn_transf_vector[3]      ? 
_atom_sites.fract_transf_matrix[1][1]   -0.02304942 
_atom_sites.fract_transf_matrix[1][2]   0.01324038 
_atom_sites.fract_transf_matrix[1][3]   0.02138341 
_atom_sites.fract_transf_matrix[2][1]   0.02123860 
_atom_sites.fract_transf_matrix[2][2]   0.00001965 
_atom_sites.fract_transf_matrix[2][3]   0.02288116 
_atom_sites.fract_transf_matrix[3][1]   0.00474268 
_atom_sites.fract_transf_matrix[3][2]   0.01538725 
_atom_sites.fract_transf_matrix[3][3]   -0.00441543 
_atom_sites.fract_transf_vector[1]      0.298107 
_atom_sites.fract_transf_vector[2]      0.136431 
_atom_sites.fract_transf_vector[3]      0.150811 
_atom_sites.solution_primary            ? 
_atom_sites.solution_secondary          ? 
_atom_sites.solution_hydrogens          ? 
_atom_sites.special_details             ? 
# 
loop_
_atom_type.symbol 
C 
H 
N 
O 
# 
loop_
_atom_site.group_PDB 
_atom_site.id 
_atom_site.type_symbol 
_atom_site.label_atom_id 
_atom_site.label_alt_id 
_atom_site.label_comp_id 
_atom_site.label_asym_id 
_atom_site.label_entity_id 
_atom_site.label_seq_id 
_atom_site.pdbx_PDB_ins_code 
_atom_site.Cartn_x 
_atom_site.Cartn_y 
_atom_site.Cartn_z 
_atom_site.occupancy 
_atom_site.B_iso_or_equiv 
_atom_site.pdbx_formal_charge 
_atom_site.auth_seq_id 
_atom_site.auth_comp_id 
_atom_site.auth_asym_id 
_atom_site.auth_atom_id 
_atom_site.pdbx_PDB_model_num 
ATOM   1    N N    . VAL A 1 2  ? -2.465  8.234   13.256  1.00 14.67 ? 84  VAL A N    1 
ATOM   2    C CA   . VAL A 1 2  ? -2.723  7.339   12.155  1.00 14.42 ? 84  VAL A CA   1 
ATOM   3    C C    . VAL A 1 2  ? -2.062  5.989   12.402  1.00 11.38 ? 84  VAL A C    1 
ATOM   4    O O    . VAL A 1 2  ? -1.140  5.851   13.198  1.00 14.60 ? 84  VAL A O    1 
ATOM   5    C CB   . VAL A 1 2  ? -2.272  7.952   10.822  1.00 18.35 ? 84  VAL A CB   1 
ATOM   6    C CG1  . VAL A 1 2  ? -2.915  9.307   10.615  1.00 21.29 ? 84  VAL A CG1  1 
ATOM   7    C CG2  . VAL A 1 2  ? -0.775  8.063   10.784  1.00 18.65 ? 84  VAL A CG2  1 
ATOM   8    H H    . VAL A 1 2  ? -1.692  8.124   13.618  1.00 17.60 ? 84  VAL A H    1 
ATOM   9    H HA   . VAL A 1 2  ? -3.679  7.189   12.092  1.00 17.31 ? 84  VAL A HA   1 
ATOM   10   H HB   . VAL A 1 2  ? -2.553  7.374   10.095  1.00 22.02 ? 84  VAL A HB   1 
ATOM   11   H HG11 . VAL A 1 2  ? -2.695  9.629   9.727   1.00 25.55 ? 84  VAL A HG11 1 
ATOM   12   H HG12 . VAL A 1 2  ? -3.877  9.217   10.706  1.00 25.55 ? 84  VAL A HG12 1 
ATOM   13   H HG13 . VAL A 1 2  ? -2.576  9.922   11.284  1.00 25.55 ? 84  VAL A HG13 1 
ATOM   14   H HG21 . VAL A 1 2  ? -0.519  8.637   10.046  1.00 22.38 ? 84  VAL A HG21 1 
ATOM   15   H HG22 . VAL A 1 2  ? -0.465  8.442   11.622  1.00 22.38 ? 84  VAL A HG22 1 
ATOM   16   H HG23 . VAL A 1 2  ? -0.396  7.177   10.663  1.00 22.38 ? 84  VAL A HG23 1 
ATOM   17   N N    . THR A 1 3  ? -2.572  4.984   11.710  1.00 8.34  ? 85  THR A N    1 
ATOM   18   C CA   . THR A 1 3  ? -1.981  3.658   11.688  1.00 8.29  ? 85  THR A CA   1 
ATOM   19   C C    . THR A 1 3  ? -1.302  3.472   10.347  1.00 8.25  ? 85  THR A C    1 
ATOM   20   O O    . THR A 1 3  ? -1.978  3.419   9.316   1.00 10.12 ? 85  THR A O    1 
ATOM   21   C CB   . THR A 1 3  ? -3.052  2.590   11.866  1.00 9.39  ? 85  THR A CB   1 
ATOM   22   O OG1  . THR A 1 3  ? -3.707  2.781   13.119  1.00 10.63 ? 85  THR A OG1  1 
ATOM   23   C CG2  . THR A 1 3  ? -2.451  1.198   11.842  1.00 10.31 ? 85  THR A CG2  1 
ATOM   24   H H    . THR A 1 3  ? -3.283  5.049   11.230  1.00 10.00 ? 85  THR A H    1 
ATOM   25   H HA   . THR A 1 3  ? -1.327  3.586   12.400  1.00 9.95  ? 85  THR A HA   1 
ATOM   26   H HB   . THR A 1 3  ? -3.689  2.661   11.137  1.00 11.27 ? 85  THR A HB   1 
ATOM   27   H HG1  . THR A 1 3  ? -4.292  2.188   13.230  1.00 12.76 ? 85  THR A HG1  1 
ATOM   28   H HG21 . THR A 1 3  ? -3.114  0.545   12.117  1.00 12.37 ? 85  THR A HG21 1 
ATOM   29   H HG22 . THR A 1 3  ? -2.150  0.982   10.946  1.00 12.37 ? 85  THR A HG22 1 
ATOM   30   H HG23 . THR A 1 3  ? -1.695  1.153   12.448  1.00 12.37 ? 85  THR A HG23 1 
ATOM   31   N N    . LEU A 1 4  ? 0.008   3.369   10.368  1.00 8.85  ? 86  LEU A N    1 
ATOM   32   C CA   . LEU A 1 4  ? 0.747   3.073   9.156   1.00 9.15  ? 86  LEU A CA   1 
ATOM   33   C C    . LEU A 1 4  ? 0.790   1.568   8.931   1.00 8.03  ? 86  LEU A C    1 
ATOM   34   O O    . LEU A 1 4  ? 0.551   0.762   9.834   1.00 8.74  ? 86  LEU A O    1 
ATOM   35   C CB   . LEU A 1 4  ? 2.154   3.643   9.262   1.00 10.66 ? 86  LEU A CB   1 
ATOM   36   C CG   . LEU A 1 4  ? 2.230   5.158   9.477   1.00 11.93 ? 86  LEU A CG   1 
ATOM   37   C CD1  . LEU A 1 4  ? 3.672   5.560   9.563   1.00 13.28 ? 86  LEU A CD1  1 
ATOM   38   C CD2  . LEU A 1 4  ? 1.514   5.917   8.372   1.00 13.33 ? 86  LEU A CD2  1 
ATOM   39   H H    . LEU A 1 4  ? 0.495   3.466   11.071  1.00 10.62 ? 86  LEU A H    1 
ATOM   40   H HA   . LEU A 1 4  ? 0.316   3.477   8.387   1.00 10.98 ? 86  LEU A HA   1 
ATOM   41   H HB2  . LEU A 1 4  ? 2.600   3.221   10.012  1.00 12.80 ? 86  LEU A HB2  1 
ATOM   42   H HB3  . LEU A 1 4  ? 2.628   3.443   8.438   1.00 12.80 ? 86  LEU A HB3  1 
ATOM   43   H HG   . LEU A 1 4  ? 1.780   5.395   10.302  1.00 14.31 ? 86  LEU A HG   1 
ATOM   44   H HD11 . LEU A 1 4  ? 3.726   6.506   9.765   1.00 15.94 ? 86  LEU A HD11 1 
ATOM   45   H HD12 . LEU A 1 4  ? 4.101   5.047   10.266  1.00 15.94 ? 86  LEU A HD12 1 
ATOM   46   H HD13 . LEU A 1 4  ? 4.102   5.379   8.712   1.00 15.94 ? 86  LEU A HD13 1 
ATOM   47   H HD21 . LEU A 1 4  ? 1.623   6.869   8.521   1.00 16.00 ? 86  LEU A HD21 1 
ATOM   48   H HD22 . LEU A 1 4  ? 1.900   5.669   7.518   1.00 16.00 ? 86  LEU A HD22 1 
ATOM   49   H HD23 . LEU A 1 4  ? 0.571   5.685   8.389   1.00 16.00 ? 86  LEU A HD23 1 
ATOM   50   N N    . PHE A 1 5  ? 1.114   1.207   7.690   1.00 7.62  ? 87  PHE A N    1 
ATOM   51   C CA   . PHE A 1 5  ? 1.171   -0.174  7.248   1.00 7.27  ? 87  PHE A CA   1 
ATOM   52   C C    . PHE A 1 5  ? 2.521   -0.429  6.597   1.00 7.19  ? 87  PHE A C    1 
ATOM   53   O O    . PHE A 1 5  ? 3.103   0.462   5.974   1.00 9.15  ? 87  PHE A O    1 
ATOM   54   C CB   . PHE A 1 5  ? 0.035   -0.473  6.275   1.00 7.27  ? 87  PHE A CB   1 
ATOM   55   C CG   . PHE A 1 5  ? -1.304  -0.582  6.982   1.00 7.08  ? 87  PHE A CG   1 
ATOM   56   C CD1  . PHE A 1 5  ? -1.946  0.544   7.463   1.00 7.82  ? 87  PHE A CD1  1 
ATOM   57   C CD2  . PHE A 1 5  ? -1.869  -1.826  7.231   1.00 7.56  ? 87  PHE A CD2  1 
ATOM   58   C CE1  . PHE A 1 5  ? -3.132  0.426   8.184   1.00 8.64  ? 87  PHE A CE1  1 
ATOM   59   C CE2  . PHE A 1 5  ? -3.054  -1.945  7.937   1.00 8.17  ? 87  PHE A CE2  1 
ATOM   60   C CZ   . PHE A 1 5  ? -3.685  -0.820  8.416   1.00 8.45  ? 87  PHE A CZ   1 
ATOM   61   H H    . PHE A 1 5  ? 1.309   1.768   7.068   1.00 9.14  ? 87  PHE A H    1 
ATOM   62   H HA   . PHE A 1 5  ? 1.089   -0.782  7.999   1.00 8.72  ? 87  PHE A HA   1 
ATOM   63   H HB2  . PHE A 1 5  ? -0.023  0.243   5.623   1.00 8.73  ? 87  PHE A HB2  1 
ATOM   64   H HB3  . PHE A 1 5  ? 0.212   -1.316  5.827   1.00 8.73  ? 87  PHE A HB3  1 
ATOM   65   H HD1  . PHE A 1 5  ? -1.584  1.386   7.303   1.00 9.38  ? 87  PHE A HD1  1 
ATOM   66   H HD2  . PHE A 1 5  ? -1.444  -2.591  6.917   1.00 9.07  ? 87  PHE A HD2  1 
ATOM   67   H HE1  . PHE A 1 5  ? -3.552  1.187   8.511   1.00 10.37 ? 87  PHE A HE1  1 
ATOM   68   H HE2  . PHE A 1 5  ? -3.424  -2.785  8.086   1.00 9.80  ? 87  PHE A HE2  1 
ATOM   69   H HZ   . PHE A 1 5  ? -4.479  -0.897  8.894   1.00 10.15 ? 87  PHE A HZ   1 
ATOM   70   N N    . VAL A 1 6  ? 2.997   -1.661  6.718   1.00 6.92  ? 88  VAL A N    1 
ATOM   71   C CA   . VAL A 1 6  ? 4.283   -2.076  6.161   1.00 7.30  ? 88  VAL A CA   1 
ATOM   72   C C    . VAL A 1 6  ? 4.071   -3.251  5.218   1.00 6.47  ? 88  VAL A C    1 
ATOM   73   O O    . VAL A 1 6  ? 3.296   -4.174  5.500   1.00 7.02  ? 88  VAL A O    1 
ATOM   74   C CB   . VAL A 1 6  ? 5.300   -2.417  7.273   1.00 8.88  ? 88  VAL A CB   1 
ATOM   75   C CG1  . VAL A 1 6  ? 4.817   -3.562  8.173   1.00 10.34 ? 88  VAL A CG1  1 
ATOM   76   C CG2  . VAL A 1 6  ? 6.671   -2.708  6.681   1.00 9.59  ? 88  VAL A CG2  1 
ATOM   77   H H    . VAL A 1 6  ? 2.584   -2.293  7.131   1.00 8.30  ? 88  VAL A H    1 
ATOM   78   H HA   . VAL A 1 6  ? 4.647   -1.348  5.633   1.00 8.76  ? 88  VAL A HA   1 
ATOM   79   H HB   . VAL A 1 6  ? 5.383   -1.639  7.846   1.00 10.66 ? 88  VAL A HB   1 
ATOM   80   H HG11 . VAL A 1 6  ? 5.465   -3.703  8.879   1.00 12.41 ? 88  VAL A HG11 1 
ATOM   81   H HG12 . VAL A 1 6  ? 3.958   -3.322  8.555   1.00 12.41 ? 88  VAL A HG12 1 
ATOM   82   H HG13 . VAL A 1 6  ? 4.728   -4.367  7.639   1.00 12.41 ? 88  VAL A HG13 1 
ATOM   83   H HG21 . VAL A 1 6  ? 7.310   -2.816  7.403   1.00 11.51 ? 88  VAL A HG21 1 
ATOM   84   H HG22 . VAL A 1 6  ? 6.623   -3.523  6.157   1.00 11.51 ? 88  VAL A HG22 1 
ATOM   85   H HG23 . VAL A 1 6  ? 6.934   -1.966  6.114   1.00 11.51 ? 88  VAL A HG23 1 
ATOM   86   N N    . ALA A 1 7  ? 4.774   -3.221  4.085   1.00 6.54  ? 89  ALA A N    1 
ATOM   87   C CA   . ALA A 1 7  ? 4.714   -4.317  3.128   1.00 6.64  ? 89  ALA A CA   1 
ATOM   88   C C    . ALA A 1 7  ? 5.412   -5.562  3.667   1.00 7.00  ? 89  ALA A C    1 
ATOM   89   O O    . ALA A 1 7  ? 6.583   -5.526  4.074   1.00 7.89  ? 89  ALA A O    1 
ATOM   90   C CB   . ALA A 1 7  ? 5.347   -3.890  1.806   1.00 7.00  ? 89  ALA A CB   1 
ATOM   91   H H    . ALA A 1 7  ? 5.294   -2.576  3.850   1.00 7.85  ? 89  ALA A H    1 
ATOM   92   H HA   . ALA A 1 7  ? 3.784   -4.545  2.972   1.00 7.97  ? 89  ALA A HA   1 
ATOM   93   H HB1  . ALA A 1 7  ? 5.303   -4.630  1.181   1.00 8.40  ? 89  ALA A HB1  1 
ATOM   94   H HB2  . ALA A 1 7  ? 4.859   -3.130  1.454   1.00 8.40  ? 89  ALA A HB2  1 
ATOM   95   H HB3  . ALA A 1 7  ? 6.272   -3.645  1.964   1.00 8.40  ? 89  ALA A HB3  1 
ATOM   96   N N    . LEU A 1 8  ? 4.680   -6.679  3.590   1.00 7.07  ? 90  LEU A N    1 
ATOM   97   C CA   . LEU A 1 8  ? 5.170   -7.994  3.975   1.00 7.59  ? 90  LEU A CA   1 
ATOM   98   C C    . LEU A 1 8  ? 5.938   -8.682  2.853   1.00 7.63  ? 90  LEU A C    1 
ATOM   99   O O    . LEU A 1 8  ? 6.749   -9.576  3.130   1.00 8.72  ? 90  LEU A O    1 
ATOM   100  C CB   . LEU A 1 8  ? 3.982   -8.876  4.363   1.00 8.38  ? 90  LEU A CB   1 
ATOM   101  C CG   . LEU A 1 8  ? 3.145   -8.365  5.538   1.00 8.79  ? 90  LEU A CG   1 
ATOM   102  C CD1  . LEU A 1 8  ? 1.944   -9.270  5.729   1.00 11.05 ? 90  LEU A CD1  1 
ATOM   103  C CD2  . LEU A 1 8  ? 3.993   -8.263  6.790   1.00 11.08 ? 90  LEU A CD2  1 
ATOM   104  H H    . LEU A 1 8  ? 3.868   -6.699  3.307   1.00 8.49  ? 90  LEU A H    1 
ATOM   105  H HA   . LEU A 1 8  ? 5.766   -7.890  4.733   1.00 9.11  ? 90  LEU A HA   1 
ATOM   106  H HB2  . LEU A 1 8  ? 3.392   -8.949  3.597   1.00 10.06 ? 90  LEU A HB2  1 
ATOM   107  H HB3  . LEU A 1 8  ? 4.319   -9.753  4.606   1.00 10.06 ? 90  LEU A HB3  1 
ATOM   108  H HG   . LEU A 1 8  ? 2.815   -7.471  5.357   1.00 10.55 ? 90  LEU A HG   1 
ATOM   109  H HD11 . LEU A 1 8  ? 1.420   -8.944  6.477   1.00 13.26 ? 90  LEU A HD11 1 
ATOM   110  H HD12 . LEU A 1 8  ? 1.409   -9.258  4.920   1.00 13.26 ? 90  LEU A HD12 1 
ATOM   111  H HD13 . LEU A 1 8  ? 2.254   -10.171 5.908   1.00 13.26 ? 90  LEU A HD13 1 
ATOM   112  H HD21 . LEU A 1 8  ? 3.416   -8.075  7.548   1.00 13.30 ? 90  LEU A HD21 1 
ATOM   113  H HD22 . LEU A 1 8  ? 4.456   -9.104  6.928   1.00 13.30 ? 90  LEU A HD22 1 
ATOM   114  H HD23 . LEU A 1 8  ? 4.636   -7.546  6.679   1.00 13.30 ? 90  LEU A HD23 1 
ATOM   115  N N    . TYR A 1 9  ? 5.646   -8.320  1.604   1.00 7.33  ? 91  TYR A N    1 
ATOM   116  C CA   . TYR A 1 9  ? 6.210   -8.940  0.415   1.00 7.12  ? 91  TYR A CA   1 
ATOM   117  C C    . TYR A 1 9  ? 6.398   -7.852  -0.634  1.00 7.28  ? 91  TYR A C    1 
ATOM   118  O O    . TYR A 1 9  ? 5.709   -6.828  -0.624  1.00 7.97  ? 91  TYR A O    1 
ATOM   119  C CB   . TYR A 1 9  ? 5.283   -10.038 -0.182  1.00 8.23  ? 91  TYR A CB   1 
ATOM   120  C CG   . TYR A 1 9  ? 4.436   -10.780 0.826   1.00 8.07  ? 91  TYR A CG   1 
ATOM   121  C CD1  . TYR A 1 9  ? 4.986   -11.704 1.702   1.00 8.73  ? 91  TYR A CD1  1 
ATOM   122  C CD2  . TYR A 1 9  ? 3.075   -10.532 0.926   1.00 7.80  ? 91  TYR A CD2  1 
ATOM   123  C CE1  . TYR A 1 9  ? 4.200   -12.339 2.661   1.00 8.81  ? 91  TYR A CE1  1 
ATOM   124  C CE2  . TYR A 1 9  ? 2.278   -11.169 1.858   1.00 7.57  ? 91  TYR A CE2  1 
ATOM   125  C CZ   . TYR A 1 9  ? 2.850   -12.077 2.732   1.00 7.99  ? 91  TYR A CZ   1 
ATOM   126  O OH   . TYR A 1 9  ? 2.111   -12.725 3.686   1.00 8.48  ? 91  TYR A OH   1 
ATOM   127  H H    . TYR A 1 9  ? 5.096   -7.687  1.415   1.00 8.79  ? 91  TYR A H    1 
ATOM   128  H HA   . TYR A 1 9  ? 7.061   -9.346  0.644   1.00 8.55  ? 91  TYR A HA   1 
ATOM   129  H HB2  . TYR A 1 9  ? 4.680   -9.620  -0.815  1.00 9.87  ? 91  TYR A HB2  1 
ATOM   130  H HB3  . TYR A 1 9  ? 5.836   -10.695 -0.634  1.00 9.87  ? 91  TYR A HB3  1 
ATOM   131  H HD1  . TYR A 1 9  ? 5.892   -11.904 1.648   1.00 10.48 ? 91  TYR A HD1  1 
ATOM   132  H HD2  . TYR A 1 9  ? 2.685   -9.916  0.347   1.00 9.37  ? 91  TYR A HD2  1 
ATOM   133  H HE1  . TYR A 1 9  ? 4.587   -12.940 3.255   1.00 10.58 ? 91  TYR A HE1  1 
ATOM   134  H HE2  . TYR A 1 9  ? 1.367   -10.989 1.899   1.00 9.09  ? 91  TYR A HE2  1 
ATOM   135  H HH   . TYR A 1 9  ? 1.314   -12.462 3.660   1.00 10.17 ? 91  TYR A HH   1 
ATOM   136  N N    . ASP A 1 10 ? 7.304   -8.110  -1.578  1.00 7.47  ? 92  ASP A N    1 
ATOM   137  C CA   . ASP A 1 10 ? 7.407   -7.293  -2.778  1.00 7.43  ? 92  ASP A CA   1 
ATOM   138  C C    . ASP A 1 10 ? 6.148   -7.421  -3.632  1.00 7.76  ? 92  ASP A C    1 
ATOM   139  O O    . ASP A 1 10 ? 5.481   -8.463  -3.626  1.00 8.60  ? 92  ASP A O    1 
ATOM   140  C CB   . ASP A 1 10 ? 8.582   -7.777  -3.649  1.00 8.13  ? 92  ASP A CB   1 
ATOM   141  C CG   . ASP A 1 10 ? 9.955   -7.657  -2.993  1.00 8.17  ? 92  ASP A CG   1 
ATOM   142  O OD1  . ASP A 1 10 ? 10.193  -6.725  -2.206  1.00 9.34  ? 92  ASP A OD1  1 
ATOM   143  O OD2  . ASP A 1 10 ? 10.818  -8.501  -3.343  1.00 9.10  ? 92  ASP A OD2  1 
ATOM   144  H H    . ASP A 1 10 ? 7.872   -8.755  -1.544  1.00 8.97  ? 92  ASP A H    1 
ATOM   145  H HA   . ASP A 1 10 ? 7.539   -6.370  -2.510  1.00 8.91  ? 92  ASP A HA   1 
ATOM   146  H HB2  . ASP A 1 10 ? 8.442   -8.713  -3.864  1.00 9.76  ? 92  ASP A HB2  1 
ATOM   147  H HB3  . ASP A 1 10 ? 8.601   -7.250  -4.463  1.00 9.76  ? 92  ASP A HB3  1 
ATOM   148  N N    . TYR A 1 11 ? 5.861   -6.387  -4.434  1.00 7.58  ? 93  TYR A N    1 
ATOM   149  C CA   . TYR A 1 11 ? 4.754   -6.439  -5.377  1.00 8.09  ? 93  TYR A CA   1 
ATOM   150  C C    . TYR A 1 11 ? 5.094   -5.590  -6.590  1.00 8.63  ? 93  TYR A C    1 
ATOM   151  O O    . TYR A 1 11 ? 5.515   -4.437  -6.447  1.00 9.53  ? 93  TYR A O    1 
ATOM   152  C CB   . TYR A 1 11 ? 3.463   -5.897  -4.720  1.00 8.14  ? 93  TYR A CB   1 
ATOM   153  C CG   . TYR A 1 11 ? 2.298   -5.807  -5.655  1.00 9.13  ? 93  TYR A CG   1 
ATOM   154  C CD1  . TYR A 1 11 ? 1.596   -6.923  -6.028  1.00 10.59 ? 93  TYR A CD1  1 
ATOM   155  C CD2  . TYR A 1 11 ? 1.898   -4.570  -6.180  1.00 9.33  ? 93  TYR A CD2  1 
ATOM   156  C CE1  . TYR A 1 11 ? 0.538   -6.824  -6.918  1.00 11.92 ? 93  TYR A CE1  1 
ATOM   157  C CE2  . TYR A 1 11 ? 0.857   -4.468  -7.064  1.00 10.39 ? 93  TYR A CE2  1 
ATOM   158  C CZ   . TYR A 1 11 ? 0.186   -5.596  -7.431  1.00 10.40 ? 93  TYR A CZ   1 
ATOM   159  O OH   . TYR A 1 11 ? -0.864  -5.540  -8.318  1.00 13.60 ? 93  TYR A OH   1 
ATOM   160  H H    . TYR A 1 11 ? 6.300   -5.647  -4.446  1.00 9.10  ? 93  TYR A H    1 
ATOM   161  H HA   . TYR A 1 11 ? 4.616   -7.354  -5.664  1.00 9.70  ? 93  TYR A HA   1 
ATOM   162  H HB2  . TYR A 1 11 ? 3.213   -6.487  -3.992  1.00 9.77  ? 93  TYR A HB2  1 
ATOM   163  H HB3  . TYR A 1 11 ? 3.637   -5.006  -4.380  1.00 9.77  ? 93  TYR A HB3  1 
ATOM   164  H HD1  . TYR A 1 11 ? 1.830   -7.754  -5.682  1.00 12.71 ? 93  TYR A HD1  1 
ATOM   165  H HD2  . TYR A 1 11 ? 2.349   -3.799  -5.920  1.00 11.19 ? 93  TYR A HD2  1 
ATOM   166  H HE1  . TYR A 1 11 ? 0.065   -7.586  -7.168  1.00 14.30 ? 93  TYR A HE1  1 
ATOM   167  H HE2  . TYR A 1 11 ? 0.612   -3.641  -7.412  1.00 12.46 ? 93  TYR A HE2  1 
ATOM   168  H HH   . TYR A 1 11 ? -0.970  -4.752  -8.588  1.00 16.32 ? 93  TYR A HH   1 
ATOM   169  N N    . GLU A 1 12 ? 4.897   -6.148  -7.780  1.00 9.75  ? 94  GLU A N    1 
ATOM   170  C CA   . GLU A 1 12 ? 5.075   -5.412  -9.028  1.00 11.43 ? 94  GLU A CA   1 
ATOM   171  C C    . GLU A 1 12 ? 3.718   -4.981  -9.579  1.00 11.73 ? 94  GLU A C    1 
ATOM   172  O O    . GLU A 1 12 ? 2.825   -5.810  -9.753  1.00 12.46 ? 94  GLU A O    1 
ATOM   173  C CB   . GLU A 1 12 ? 5.823   -6.271  -10.050 1.00 14.06 ? 94  GLU A CB   1 
ATOM   174  C CG   . GLU A 1 12 ? 6.181   -5.515  -11.313 1.00 19.84 ? 94  GLU A CG   1 
ATOM   175  C CD   . GLU A 1 12 ? 7.128   -4.336  -11.088 1.00 22.91 ? 94  GLU A CD   1 
ATOM   176  O OE1  . GLU A 1 12 ? 7.751   -4.245  -10.010 1.00 25.02 ? 94  GLU A OE1  1 
ATOM   177  O OE2  . GLU A 1 12 ? 7.253   -3.497  -12.005 1.00 25.12 ? 94  GLU A OE2  1 
ATOM   178  H H    . GLU A 1 12 ? 4.655   -6.966  -7.892  1.00 11.70 ? 94  GLU A H    1 
ATOM   179  H HA   . GLU A 1 12 ? 5.595   -4.610  -8.861  1.00 13.72 ? 94  GLU A HA   1 
ATOM   180  H HB2  . GLU A 1 12 ? 6.647   -6.590  -9.650  1.00 16.87 ? 94  GLU A HB2  1 
ATOM   181  H HB3  . GLU A 1 12 ? 5.262   -7.022  -10.299 1.00 16.87 ? 94  GLU A HB3  1 
ATOM   182  H HG2  . GLU A 1 12 ? 6.613   -6.126  -11.930 1.00 23.81 ? 94  GLU A HG2  1 
ATOM   183  H HG3  . GLU A 1 12 ? 5.366   -5.166  -11.708 1.00 23.81 ? 94  GLU A HG3  1 
ATOM   184  N N    . ALA A 1 13 ? 3.577   -3.688  -9.877  1.00 11.36 ? 95  ALA A N    1 
ATOM   185  C CA   . ALA A 1 13 ? 2.337   -3.174  -10.442 1.00 12.26 ? 95  ALA A CA   1 
ATOM   186  C C    . ALA A 1 13 ? 1.999   -3.900  -11.734 1.00 11.51 ? 95  ALA A C    1 
ATOM   187  O O    . ALA A 1 13 ? 2.879   -4.192  -12.545 1.00 11.97 ? 95  ALA A O    1 
ATOM   188  C CB   . ALA A 1 13 ? 2.474   -1.676  -10.746 1.00 13.12 ? 95  ALA A CB   1 
ATOM   189  H H    . ALA A 1 13 ? 4.185   -3.092  -9.762  1.00 13.63 ? 95  ALA A H    1 
ATOM   190  H HA   . ALA A 1 13 ? 1.620   -3.307  -9.802  1.00 14.71 ? 95  ALA A HA   1 
ATOM   191  H HB1  . ALA A 1 13 ? 1.644   -1.355  -11.133 1.00 15.75 ? 95  ALA A HB1  1 
ATOM   192  H HB2  . ALA A 1 13 ? 2.658   -1.201  -9.920  1.00 15.75 ? 95  ALA A HB2  1 
ATOM   193  H HB3  . ALA A 1 13 ? 3.203   -1.545  -11.373 1.00 15.75 ? 95  ALA A HB3  1 
ATOM   194  N N    . ARG A 1 14 ? 0.695   -4.086  -11.958 1.00 12.38 ? 96  ARG A N    1 
ATOM   195  C CA   . ARG A 1 14 ? 0.140   -4.755  -13.115 1.00 15.00 ? 96  ARG A CA   1 
ATOM   196  C C    . ARG A 1 14 ? -0.766  -3.851  -13.947 1.00 12.19 ? 96  ARG A C    1 
ATOM   197  O O    . ARG A 1 14 ? -1.146  -4.238  -15.062 1.00 13.19 ? 96  ARG A O    1 
ATOM   198  C CB   . ARG A 1 14 ? -0.701  -5.960  -12.638 1.00 18.36 ? 96  ARG A CB   1 
ATOM   199  C CG   . ARG A 1 14 ? -0.031  -6.879  -11.589 1.00 18.87 ? 96  ARG A CG   1 
ATOM   200  C CD   . ARG A 1 14 ? -1.003  -7.881  -10.935 1.00 19.36 ? 96  ARG A CD   1 
ATOM   201  N NE   . ARG A 1 14 ? -0.305  -8.806  -10.047 1.00 20.11 ? 96  ARG A NE   1 
ATOM   202  C CZ   . ARG A 1 14 ? -0.866  -9.850  -9.447  1.00 22.11 ? 96  ARG A CZ   1 
ATOM   203  N NH1  . ARG A 1 14 ? -2.155  -10.118 -9.629  1.00 24.39 ? 96  ARG A NH1  1 
ATOM   204  N NH2  . ARG A 1 14 ? -0.132  -10.629 -8.659  1.00 23.02 ? 96  ARG A NH2  1 
ATOM   205  H H    . ARG A 1 14 ? 0.084   -3.814  -11.418 1.00 14.85 ? 96  ARG A H    1 
ATOM   206  H HA   . ARG A 1 14 ? 0.860   -5.072  -13.683 1.00 18.00 ? 96  ARG A HA   1 
ATOM   207  H HB2  . ARG A 1 14 ? -1.518  -5.622  -12.242 1.00 22.03 ? 96  ARG A HB2  1 
ATOM   208  H HB3  . ARG A 1 14 ? -0.908  -6.509  -13.410 1.00 22.03 ? 96  ARG A HB3  1 
ATOM   209  H HG2  . ARG A 1 14 ? 0.672   -7.389  -12.022 1.00 22.65 ? 96  ARG A HG2  1 
ATOM   210  H HG3  . ARG A 1 14 ? 0.346   -6.329  -10.884 1.00 22.65 ? 96  ARG A HG3  1 
ATOM   211  H HD2  . ARG A 1 14 ? -1.661  -7.395  -10.414 1.00 23.23 ? 96  ARG A HD2  1 
ATOM   212  H HD3  . ARG A 1 14 ? -1.445  -8.397  -11.627 1.00 23.23 ? 96  ARG A HD3  1 
ATOM   213  H HE   . ARG A 1 14 ? 0.530   -8.665  -9.902  1.00 24.13 ? 96  ARG A HE   1 
ATOM   214  H HH11 . ARG A 1 14 ? -2.631  -9.615  -10.139 1.00 29.27 ? 96  ARG A HH11 1 
ATOM   215  H HH12 . ARG A 1 14 ? -2.514  -10.795 -9.239  1.00 29.27 ? 96  ARG A HH12 1 
ATOM   216  H HH21 . ARG A 1 14 ? 0.701   -10.457 -8.540  1.00 27.62 ? 96  ARG A HH21 1 
ATOM   217  H HH22 . ARG A 1 14 ? -0.492  -11.306 -8.269  1.00 27.62 ? 96  ARG A HH22 1 
ATOM   218  N N    . THR A 1 15 ? -1.178  -2.702  -13.412 1.00 11.10 ? 97  THR A N    1 
ATOM   219  C CA   . THR A 1 15 ? -2.149  -1.840  -14.059 1.00 11.55 ? 97  THR A CA   1 
ATOM   220  C C    . THR A 1 15 ? -1.665  -0.403  -13.975 1.00 10.78 ? 97  THR A C    1 
ATOM   221  O O    . THR A 1 15 ? -0.595  -0.113  -13.452 1.00 12.99 ? 97  THR A O    1 
ATOM   222  C CB   . THR A 1 15 ? -3.541  -1.941  -13.412 1.00 14.39 ? 97  THR A CB   1 
ATOM   223  O OG1  . THR A 1 15 ? -3.532  -1.252  -12.153 1.00 15.78 ? 97  THR A OG1  1 
ATOM   224  C CG2  . THR A 1 15 ? -3.957  -3.391  -13.219 1.00 16.98 ? 97  THR A CG2  1 
ATOM   225  H H    . THR A 1 15 ? -0.900  -2.398  -12.657 1.00 13.32 ? 97  THR A H    1 
ATOM   226  H HA   . THR A 1 15 ? -2.208  -2.118  -14.986 1.00 13.86 ? 97  THR A HA   1 
ATOM   227  H HB   . THR A 1 15 ? -4.199  -1.532  -13.995 1.00 17.27 ? 97  THR A HB   1 
ATOM   228  H HG1  . THR A 1 15 ? -2.965  -1.599  -11.640 1.00 18.94 ? 97  THR A HG1  1 
ATOM   229  H HG21 . THR A 1 15 ? -4.867  -3.434  -12.886 1.00 20.38 ? 97  THR A HG21 1 
ATOM   230  H HG22 . THR A 1 15 ? -3.908  -3.866  -14.064 1.00 20.38 ? 97  THR A HG22 1 
ATOM   231  H HG23 . THR A 1 15 ? -3.367  -3.823  -12.581 1.00 20.38 ? 97  THR A HG23 1 
ATOM   232  N N    . GLU A 1 16 ? -2.466  0.511   -14.509 1.00 11.01 ? 98  GLU A N    1 
ATOM   233  C CA   . GLU A 1 16 ? -2.130  1.922   -14.409 1.00 11.53 ? 98  GLU A CA   1 
ATOM   234  C C    . GLU A 1 16 ? -2.294  2.469   -13.003 1.00 12.89 ? 98  GLU A C    1 
ATOM   235  O O    . GLU A 1 16 ? -1.637  3.453   -12.654 1.00 17.46 ? 98  GLU A O    1 
ATOM   236  C CB   . GLU A 1 16 ? -2.985  2.734   -15.377 1.00 12.20 ? 98  GLU A CB   1 
ATOM   237  C CG   . GLU A 1 16 ? -2.573  2.575   -16.818 1.00 11.80 ? 98  GLU A CG   1 
ATOM   238  C CD   . GLU A 1 16 ? -1.211  3.160   -17.060 1.00 11.84 ? 98  GLU A CD   1 
ATOM   239  O OE1  . GLU A 1 16 ? -0.353  2.433   -17.599 1.00 11.98 ? 98  GLU A OE1  1 
ATOM   240  O OE2  . GLU A 1 16 ? -0.994  4.351   -16.764 1.00 15.28 ? 98  GLU A OE2  1 
ATOM   241  H H    . GLU A 1 16 ? -3.197  0.342   -14.928 1.00 13.21 ? 98  GLU A H    1 
ATOM   242  H HA   . GLU A 1 16 ? -1.197  2.021   -14.656 1.00 13.83 ? 98  GLU A HA   1 
ATOM   243  H HB2  . GLU A 1 16 ? -3.907  2.444   -15.298 1.00 14.64 ? 98  GLU A HB2  1 
ATOM   244  H HB3  . GLU A 1 16 ? -2.911  3.673   -15.148 1.00 14.64 ? 98  GLU A HB3  1 
ATOM   245  H HG2  . GLU A 1 16 ? -2.545  1.633   -17.045 1.00 14.16 ? 98  GLU A HG2  1 
ATOM   246  H HG3  . GLU A 1 16 ? -3.209  3.035   -17.388 1.00 14.16 ? 98  GLU A HG3  1 
ATOM   247  N N    . ASP A 1 17 ? -3.162  1.875   -12.190 1.00 10.70 ? 99  ASP A N    1 
ATOM   248  C CA   . ASP A 1 17 ? -3.557  2.516   -10.942 1.00 11.98 ? 99  ASP A CA   1 
ATOM   249  C C    . ASP A 1 17 ? -2.980  1.877   -9.689  1.00 9.89  ? 99  ASP A C    1 
ATOM   250  O O    . ASP A 1 17 ? -3.225  2.406   -8.594  1.00 11.21 ? 99  ASP A O    1 
ATOM   251  C CB   . ASP A 1 17 ? -5.080  2.602   -10.846 1.00 14.77 ? 99  ASP A CB   1 
ATOM   252  C CG   . ASP A 1 17 ? -5.652  3.592   -11.830 1.00 22.36 ? 99  ASP A CG   1 
ATOM   253  O OD1  . ASP A 1 17 ? -4.850  4.256   -12.526 1.00 24.78 ? 99  ASP A OD1  1 
ATOM   254  O OD2  . ASP A 1 17 ? -6.889  3.718   -11.906 1.00 25.01 ? 99  ASP A OD2  1 
ATOM   255  H H    . ASP A 1 17 ? -3.530  1.111   -12.338 1.00 12.84 ? 99  ASP A H    1 
ATOM   256  H HA   . ASP A 1 17 ? -3.212  3.423   -10.959 1.00 14.38 ? 99  ASP A HA   1 
ATOM   257  H HB2  . ASP A 1 17 ? -5.462  1.730   -11.037 1.00 17.72 ? 99  ASP A HB2  1 
ATOM   258  H HB3  . ASP A 1 17 ? -5.329  2.884   -9.953  1.00 17.72 ? 99  ASP A HB3  1 
ATOM   259  N N    . ASP A 1 18 ? -2.224  0.785   -9.815  1.00 9.58  ? 100 ASP A N    1 
ATOM   260  C CA   . ASP A 1 18 ? -1.605  0.142   -8.668  1.00 9.24  ? 100 ASP A CA   1 
ATOM   261  C C    . ASP A 1 18 ? -0.153  0.598   -8.511  1.00 9.51  ? 100 ASP A C    1 
ATOM   262  O O    . ASP A 1 18 ? 0.440   1.180   -9.416  1.00 12.97 ? 100 ASP A O    1 
ATOM   263  C CB   . ASP A 1 18 ? -1.758  -1.387  -8.678  1.00 10.70 ? 100 ASP A CB   1 
ATOM   264  C CG   . ASP A 1 18 ? -1.173  -2.053  -9.863  1.00 12.20 ? 100 ASP A CG   1 
ATOM   265  O OD1  . ASP A 1 18 ? -1.105  -3.304  -9.822  1.00 12.97 ? 100 ASP A OD1  1 
ATOM   266  O OD2  . ASP A 1 18 ? -0.805  -1.358  -10.825 1.00 15.17 ? 100 ASP A OD2  1 
ATOM   267  H H    . ASP A 1 18 ? -2.057  0.397   -10.565 1.00 11.50 ? 100 ASP A H    1 
ATOM   268  H HA   . ASP A 1 18 ? -2.074  0.422   -7.866  1.00 11.09 ? 100 ASP A HA   1 
ATOM   269  H HB2  . ASP A 1 18 ? -1.319  -1.747  -7.891  1.00 12.84 ? 100 ASP A HB2  1 
ATOM   270  H HB3  . ASP A 1 18 ? -2.704  -1.603  -8.657  1.00 12.84 ? 100 ASP A HB3  1 
ATOM   271  N N    . LEU A 1 19 ? 0.390   0.393   -7.326  1.00 8.96  ? 101 LEU A N    1 
ATOM   272  C CA   . LEU A 1 19 ? 1.762   0.759   -7.001  1.00 8.58  ? 101 LEU A CA   1 
ATOM   273  C C    . LEU A 1 19 ? 2.652   -0.481  -6.970  1.00 9.10  ? 101 LEU A C    1 
ATOM   274  O O    . LEU A 1 19 ? 2.275   -1.500  -6.402  1.00 11.72 ? 101 LEU A O    1 
ATOM   275  C CB   . LEU A 1 19 ? 1.875   1.393   -5.610  1.00 8.78  ? 101 LEU A CB   1 
ATOM   276  C CG   . LEU A 1 19 ? 1.067   2.671   -5.391  1.00 10.16 ? 101 LEU A CG   1 
ATOM   277  C CD1  . LEU A 1 19 ? 1.297   3.167   -3.987  1.00 11.31 ? 101 LEU A CD1  1 
ATOM   278  C CD2  . LEU A 1 19 ? 1.401   3.727   -6.434  1.00 12.23 ? 101 LEU A CD2  1 
ATOM   279  H H    . LEU A 1 19 ? -0.028  0.030   -6.668  1.00 10.75 ? 101 LEU A H    1 
ATOM   280  H HA   . LEU A 1 19 ? 2.058   1.385   -7.680  1.00 10.30 ? 101 LEU A HA   1 
ATOM   281  H HB2  . LEU A 1 19 ? 1.571   0.745   -4.955  1.00 10.54 ? 101 LEU A HB2  1 
ATOM   282  H HB3  . LEU A 1 19 ? 2.807   1.613   -5.451  1.00 10.54 ? 101 LEU A HB3  1 
ATOM   283  H HG   . LEU A 1 19 ? 0.121   2.485   -5.498  1.00 12.20 ? 101 LEU A HG   1 
ATOM   284  H HD11 . LEU A 1 19 ? 0.792   3.983   -3.853  1.00 13.57 ? 101 LEU A HD11 1 
ATOM   285  H HD12 . LEU A 1 19 ? 1.001   2.487   -3.360  1.00 13.57 ? 101 LEU A HD12 1 
ATOM   286  H HD13 . LEU A 1 19 ? 2.244   3.340   -3.865  1.00 13.57 ? 101 LEU A HD13 1 
ATOM   287  H HD21 . LEU A 1 19 ? 0.975   4.562   -6.185  1.00 14.68 ? 101 LEU A HD21 1 
ATOM   288  H HD22 . LEU A 1 19 ? 2.364   3.844   -6.468  1.00 14.68 ? 101 LEU A HD22 1 
ATOM   289  H HD23 . LEU A 1 19 ? 1.072   3.433   -7.298  1.00 14.68 ? 101 LEU A HD23 1 
ATOM   290  N N    . SER A 1 20 ? 3.871   -0.356  -7.490  1.00 9.15  ? 102 SER A N    1 
ATOM   291  C CA   . SER A 1 20 ? 4.929   -1.308  -7.193  1.00 9.20  ? 102 SER A CA   1 
ATOM   292  C C    . SER A 1 20 ? 5.579   -0.931  -5.869  1.00 8.94  ? 102 SER A C    1 
ATOM   293  O O    . SER A 1 20 ? 5.773   0.252   -5.580  1.00 11.01 ? 102 SER A O    1 
ATOM   294  C CB   . SER A 1 20 ? 6.026   -1.255  -8.261  1.00 10.71 ? 102 SER A CB   1 
ATOM   295  O OG   . SER A 1 20 ? 5.546   -1.708  -9.502  1.00 12.28 ? 102 SER A OG   1 
ATOM   296  H H    . SER A 1 20 ? 4.109   0.277   -8.021  1.00 10.98 ? 102 SER A H    1 
ATOM   297  H HA   . SER A 1 20 ? 4.551   -2.201  -7.160  1.00 11.04 ? 102 SER A HA   1 
ATOM   298  H HB2  . SER A 1 20 ? 6.329   -0.339  -8.356  1.00 12.86 ? 102 SER A HB2  1 
ATOM   299  H HB3  . SER A 1 20 ? 6.763   -1.822  -7.983  1.00 12.86 ? 102 SER A HB3  1 
ATOM   300  H HG   . SER A 1 20 ? 6.170   -1.714  -10.066 1.00 14.74 ? 102 SER A HG   1 
ATOM   301  N N    . PHE A 1 21 ? 5.922   -1.930  -5.061  1.00 7.89  ? 103 PHE A N    1 
ATOM   302  C CA   . PHE A 1 21 ? 6.566   -1.659  -3.791  1.00 7.72  ? 103 PHE A CA   1 
ATOM   303  C C    . PHE A 1 21 ? 7.442   -2.831  -3.374  1.00 7.71  ? 103 PHE A C    1 
ATOM   304  O O    . PHE A 1 21 ? 7.309   -3.960  -3.858  1.00 8.28  ? 103 PHE A O    1 
ATOM   305  C CB   . PHE A 1 21 ? 5.536   -1.319  -2.686  1.00 7.55  ? 103 PHE A CB   1 
ATOM   306  C CG   . PHE A 1 21 ? 4.443   -2.352  -2.488  1.00 7.17  ? 103 PHE A CG   1 
ATOM   307  C CD1  . PHE A 1 21 ? 4.622   -3.436  -1.638  1.00 7.30  ? 103 PHE A CD1  1 
ATOM   308  C CD2  . PHE A 1 21 ? 3.218   -2.199  -3.122  1.00 7.47  ? 103 PHE A CD2  1 
ATOM   309  C CE1  . PHE A 1 21 ? 3.592   -4.340  -1.414  1.00 7.52  ? 103 PHE A CE1  1 
ATOM   310  C CE2  . PHE A 1 21 ? 2.195   -3.100  -2.917  1.00 7.49  ? 103 PHE A CE2  1 
ATOM   311  C CZ   . PHE A 1 21 ? 2.376   -4.163  -2.055  1.00 7.56  ? 103 PHE A CZ   1 
ATOM   312  H H    . PHE A 1 21 ? 5.793   -2.763  -5.228  1.00 9.46  ? 103 PHE A H    1 
ATOM   313  H HA   . PHE A 1 21 ? 7.153   -0.896  -3.906  1.00 9.26  ? 103 PHE A HA   1 
ATOM   314  H HB2  . PHE A 1 21 ? 6.008   -1.230  -1.843  1.00 9.06  ? 103 PHE A HB2  1 
ATOM   315  H HB3  . PHE A 1 21 ? 5.105   -0.480  -2.914  1.00 9.06  ? 103 PHE A HB3  1 
ATOM   316  H HD1  . PHE A 1 21 ? 5.441   -3.558  -1.214  1.00 8.77  ? 103 PHE A HD1  1 
ATOM   317  H HD2  . PHE A 1 21 ? 3.086   -1.477  -3.694  1.00 8.97  ? 103 PHE A HD2  1 
ATOM   318  H HE1  . PHE A 1 21 ? 3.717   -5.059  -0.837  1.00 9.02  ? 103 PHE A HE1  1 
ATOM   319  H HE2  . PHE A 1 21 ? 1.383   -2.992  -3.359  1.00 8.99  ? 103 PHE A HE2  1 
ATOM   320  H HZ   . PHE A 1 21 ? 1.680   -4.762  -1.904  1.00 9.08  ? 103 PHE A HZ   1 
ATOM   321  N N    . HIS A 1 22 ? 8.337   -2.537  -2.451  1.00 8.70  ? 104 HIS A N    1 
ATOM   322  C CA   . HIS A 1 22 ? 9.229   -3.531  -1.888  1.00 9.10  ? 104 HIS A CA   1 
ATOM   323  C C    . HIS A 1 22 ? 8.808   -3.900  -0.473  1.00 8.55  ? 104 HIS A C    1 
ATOM   324  O O    . HIS A 1 22 ? 8.278   -3.075  0.284   1.00 8.65  ? 104 HIS A O    1 
ATOM   325  C CB   . HIS A 1 22 ? 10.658  -3.007  -1.877  1.00 11.39 ? 104 HIS A CB   1 
ATOM   326  C CG   . HIS A 1 22 ? 11.226  -2.879  -3.252  1.00 14.63 ? 104 HIS A CG   1 
ATOM   327  N ND1  . HIS A 1 22 ? 12.096  -1.877  -3.620  1.00 18.58 ? 104 HIS A ND1  1 
ATOM   328  C CD2  . HIS A 1 22 ? 11.014  -3.620  -4.367  1.00 17.75 ? 104 HIS A CD2  1 
ATOM   329  C CE1  . HIS A 1 22 ? 12.426  -2.028  -4.890  1.00 18.34 ? 104 HIS A CE1  1 
ATOM   330  N NE2  . HIS A 1 22 ? 11.782  -3.076  -5.369  1.00 18.96 ? 104 HIS A NE2  1 
ATOM   331  H H    . HIS A 1 22 ? 8.453   -1.749  -2.128  1.00 10.44 ? 104 HIS A H    1 
ATOM   332  H HA   . HIS A 1 22 ? 9.188   -4.339  -2.422  1.00 10.92 ? 104 HIS A HA   1 
ATOM   333  H HB2  . HIS A 1 22 ? 10.671  -2.131  -1.462  1.00 13.67 ? 104 HIS A HB2  1 
ATOM   334  H HB3  . HIS A 1 22 ? 11.217  -3.620  -1.375  1.00 13.67 ? 104 HIS A HB3  1 
ATOM   335  H HD2  . HIS A 1 22 ? 10.454  -4.358  -4.441  1.00 21.30 ? 104 HIS A HD2  1 
ATOM   336  H HE1  . HIS A 1 22 ? 13.014  -1.486  -5.367  1.00 22.00 ? 104 HIS A HE1  1 
ATOM   337  H HE2  . HIS A 1 22 ? 11.834  -3.370  -6.176  1.00 22.76 ? 104 HIS A HE2  1 
ATOM   338  N N    . LYS A 1 23 ? 9.115   -5.140  -0.110  1.00 8.75  ? 105 LYS A N    1 
ATOM   339  C CA   . LYS A 1 23 ? 9.004   -5.563  1.273   1.00 8.83  ? 105 LYS A CA   1 
ATOM   340  C C    . LYS A 1 23 ? 9.662   -4.528  2.178   1.00 8.52  ? 105 LYS A C    1 
ATOM   341  O O    . LYS A 1 23 ? 10.767  -4.061  1.900   1.00 9.77  ? 105 LYS A O    1 
ATOM   342  C CB   . LYS A 1 23 ? 9.702   -6.922  1.417   1.00 9.89  ? 105 LYS A CB   1 
ATOM   343  C CG   . LYS A 1 23 ? 9.642   -7.501  2.809   1.00 10.92 ? 105 LYS A CG   1 
ATOM   344  C CD   . LYS A 1 23 ? 10.308  -8.865  2.833   1.00 13.38 ? 105 LYS A CD   1 
ATOM   345  C CE   . LYS A 1 23 ? 10.180  -9.557  4.156   1.00 15.91 ? 105 LYS A CE   1 
ATOM   346  N NZ   . LYS A 1 23 ? 10.650  -10.963 4.040   1.00 18.71 ? 105 LYS A NZ   1 
ATOM   347  H H    . LYS A 1 23 ? 9.388   -5.754  -0.647  1.00 10.50 ? 105 LYS A H    1 
ATOM   348  H HA   . LYS A 1 23 ? 8.075   -5.655  1.539   1.00 10.60 ? 105 LYS A HA   1 
ATOM   349  H HB2  . LYS A 1 23 ? 9.278   -7.555  0.817   1.00 11.87 ? 105 LYS A HB2  1 
ATOM   350  H HB3  . LYS A 1 23 ? 10.637  -6.818  1.181   1.00 11.87 ? 105 LYS A HB3  1 
ATOM   351  H HG2  . LYS A 1 23 ? 10.109  -6.916  3.426   1.00 13.11 ? 105 LYS A HG2  1 
ATOM   352  H HG3  . LYS A 1 23 ? 8.718   -7.602  3.082   1.00 13.11 ? 105 LYS A HG3  1 
ATOM   353  H HD2  . LYS A 1 23 ? 9.896   -9.429  2.161   1.00 16.06 ? 105 LYS A HD2  1 
ATOM   354  H HD3  . LYS A 1 23 ? 11.253  -8.758  2.642   1.00 16.06 ? 105 LYS A HD3  1 
ATOM   355  H HE2  . LYS A 1 23 ? 10.724  -9.100  4.817   1.00 19.09 ? 105 LYS A HE2  1 
ATOM   356  H HE3  . LYS A 1 23 ? 9.252   -9.560  4.435   1.00 19.09 ? 105 LYS A HE3  1 
ATOM   357  H HZ1  . LYS A 1 23 ? 10.164  -11.397 3.434   1.00 22.45 ? 105 LYS A HZ1  1 
ATOM   358  H HZ2  . LYS A 1 23 ? 11.504  -10.979 3.790   1.00 22.45 ? 105 LYS A HZ2  1 
ATOM   359  H HZ3  . LYS A 1 23 ? 10.571  -11.377 4.824   1.00 22.45 ? 105 LYS A HZ3  1 
ATOM   360  N N    . GLY A 1 24 ? 8.967   -4.151  3.255   1.00 8.29  ? 106 GLY A N    1 
ATOM   361  C CA   . GLY A 1 24 ? 9.459   -3.173  4.199   1.00 8.54  ? 106 GLY A CA   1 
ATOM   362  C C    . GLY A 1 24 ? 9.042   -1.743  3.914   1.00 8.30  ? 106 GLY A C    1 
ATOM   363  O O    . GLY A 1 24 ? 9.217   -0.879  4.783   1.00 9.58  ? 106 GLY A O    1 
ATOM   364  H H    . GLY A 1 24 ? 8.189   -4.461  3.455   1.00 9.95  ? 106 GLY A H    1 
ATOM   365  H HA2  . GLY A 1 24 ? 9.135   -3.405  5.084   1.00 10.25 ? 106 GLY A HA2  1 
ATOM   366  H HA3  . GLY A 1 24 ? 10.429  -3.204  4.200   1.00 10.25 ? 106 GLY A HA3  1 
ATOM   367  N N    . GLU A 1 25 ? 8.496   -1.466  2.739   1.00 7.81  ? 107 GLU A N    1 
ATOM   368  C CA   . GLU A 1 25 ? 8.007   -0.131  2.426   1.00 8.00  ? 107 GLU A CA   1 
ATOM   369  C C    . GLU A 1 25 ? 6.807   0.188   3.322   1.00 7.22  ? 107 GLU A C    1 
ATOM   370  O O    . GLU A 1 25 ? 5.997   -0.689  3.640   1.00 7.89  ? 107 GLU A O    1 
ATOM   371  C CB   . GLU A 1 25 ? 7.606   -0.074  0.950   1.00 8.35  ? 107 GLU A CB   1 
ATOM   372  C CG   . GLU A 1 25 ? 7.295   1.309   0.426   1.00 9.40  ? 107 GLU A CG   1 
ATOM   373  C CD   . GLU A 1 25 ? 7.341   1.426   -1.083  1.00 9.27  ? 107 GLU A CD   1 
ATOM   374  O OE1  . GLU A 1 25 ? 8.042   0.611   -1.730  1.00 10.27 ? 107 GLU A OE1  1 
ATOM   375  O OE2  . GLU A 1 25 ? 6.671   2.322   -1.633  1.00 11.11 ? 107 GLU A OE2  1 
ATOM   376  H H    . GLU A 1 25 ? 8.395   -2.035  2.101   1.00 9.37  ? 107 GLU A H    1 
ATOM   377  H HA   . GLU A 1 25 ? 8.694   0.538   2.579   1.00 9.60  ? 107 GLU A HA   1 
ATOM   378  H HB2  . GLU A 1 25 ? 8.338   -0.428  0.420   1.00 10.02 ? 107 GLU A HB2  1 
ATOM   379  H HB3  . GLU A 1 25 ? 6.813   -0.617  0.826   1.00 10.02 ? 107 GLU A HB3  1 
ATOM   380  H HG2  . GLU A 1 25 ? 6.402   1.556   0.713   1.00 11.28 ? 107 GLU A HG2  1 
ATOM   381  H HG3  . GLU A 1 25 ? 7.944   1.933   0.789   1.00 11.28 ? 107 GLU A HG3  1 
ATOM   382  N N    . LYS A 1 26 ? 6.690   1.454   3.727   1.00 7.27  ? 108 LYS A N    1 
ATOM   383  C CA   . LYS A 1 26 ? 5.604   1.895   4.590   1.00 7.49  ? 108 LYS A CA   1 
ATOM   384  C C    . LYS A 1 26 ? 4.626   2.774   3.830   1.00 6.94  ? 108 LYS A C    1 
ATOM   385  O O    . LYS A 1 26 ? 4.988   3.503   2.897   1.00 7.72  ? 108 LYS A O    1 
ATOM   386  C CB   . LYS A 1 26 ? 6.139   2.651   5.810   1.00 9.36  ? 108 LYS A CB   1 
ATOM   387  C CG   . LYS A 1 26 ? 6.956   1.772   6.735   1.00 13.45 ? 108 LYS A CG   1 
ATOM   388  C CD   . LYS A 1 26 ? 7.362   2.527   7.987   1.00 19.34 ? 108 LYS A CD   1 
ATOM   389  C CE   . LYS A 1 26 ? 8.224   1.708   8.930   1.00 24.63 ? 108 LYS A CE   1 
ATOM   390  N NZ   . LYS A 1 26 ? 8.714   2.559   10.054  1.00 27.51 ? 108 LYS A NZ   1 
ATOM   391  H H    . LYS A 1 26 ? 7.237   2.080   3.510   1.00 8.73  ? 108 LYS A H    1 
ATOM   392  H HA   . LYS A 1 26 ? 5.118   1.115   4.900   1.00 8.99  ? 108 LYS A HA   1 
ATOM   393  H HB2  . LYS A 1 26 ? 6.707   3.376   5.507   1.00 11.23 ? 108 LYS A HB2  1 
ATOM   394  H HB3  . LYS A 1 26 ? 5.391   3.003   6.315   1.00 11.23 ? 108 LYS A HB3  1 
ATOM   395  H HG2  . LYS A 1 26 ? 6.428   1.003   7.000   1.00 16.14 ? 108 LYS A HG2  1 
ATOM   396  H HG3  . LYS A 1 26 ? 7.761   1.482   6.278   1.00 16.14 ? 108 LYS A HG3  1 
ATOM   397  H HD2  . LYS A 1 26 ? 7.869   3.314   7.729   1.00 23.21 ? 108 LYS A HD2  1 
ATOM   398  H HD3  . LYS A 1 26 ? 6.563   2.790   8.468   1.00 23.21 ? 108 LYS A HD3  1 
ATOM   399  H HE2  . LYS A 1 26 ? 7.701   0.978   9.298   1.00 29.56 ? 108 LYS A HE2  1 
ATOM   400  H HE3  . LYS A 1 26 ? 8.990   1.357   8.449   1.00 29.56 ? 108 LYS A HE3  1 
ATOM   401  H HZ1  . LYS A 1 26 ? 9.195   3.237   9.735   1.00 33.01 ? 108 LYS A HZ1  1 
ATOM   402  H HZ2  . LYS A 1 26 ? 8.024   2.885   10.512  1.00 33.01 ? 108 LYS A HZ2  1 
ATOM   403  H HZ3  . LYS A 1 26 ? 9.223   2.076   10.602  1.00 33.01 ? 108 LYS A HZ3  1 
ATOM   404  N N    . PHE A 1 27 ? 3.375   2.710   4.286   1.00 6.94  ? 109 PHE A N    1 
ATOM   405  C CA   . PHE A 1 27 ? 2.270   3.397   3.656   1.00 7.36  ? 109 PHE A CA   1 
ATOM   406  C C    . PHE A 1 27 ? 1.347   4.030   4.682   1.00 7.73  ? 109 PHE A C    1 
ATOM   407  O O    . PHE A 1 27 ? 1.121   3.490   5.769   1.00 8.48  ? 109 PHE A O    1 
ATOM   408  C CB   . PHE A 1 27 ? 1.371   2.422   2.872   1.00 7.76  ? 109 PHE A CB   1 
ATOM   409  C CG   . PHE A 1 27 ? 2.095   1.684   1.778   1.00 7.16  ? 109 PHE A CG   1 
ATOM   410  C CD1  . PHE A 1 27 ? 2.151   2.210   0.500   1.00 8.15  ? 109 PHE A CD1  1 
ATOM   411  C CD2  . PHE A 1 27 ? 2.727   0.484   2.052   1.00 9.29  ? 109 PHE A CD2  1 
ATOM   412  C CE1  . PHE A 1 27 ? 2.837   1.541   -0.501  1.00 10.80 ? 109 PHE A CE1  1 
ATOM   413  C CE2  . PHE A 1 27 ? 3.409   -0.183  1.062   1.00 12.15 ? 109 PHE A CE2  1 
ATOM   414  C CZ   . PHE A 1 27 ? 3.453   0.339   -0.213  1.00 11.84 ? 109 PHE A CZ   1 
ATOM   415  H H    . PHE A 1 27 ? 3.142   2.260   4.980   1.00 8.33  ? 109 PHE A H    1 
ATOM   416  H HA   . PHE A 1 27 ? 2.659   4.080   3.089   1.00 8.83  ? 109 PHE A HA   1 
ATOM   417  H HB2  . PHE A 1 27 ? 1.011   1.763   3.486   1.00 9.31  ? 109 PHE A HB2  1 
ATOM   418  H HB3  . PHE A 1 27 ? 0.649   2.923   2.462   1.00 9.31  ? 109 PHE A HB3  1 
ATOM   419  H HD1  . PHE A 1 27 ? 1.727   3.016   0.313   1.00 9.78  ? 109 PHE A HD1  1 
ATOM   420  H HD2  . PHE A 1 27 ? 2.691   0.127   2.911   1.00 11.15 ? 109 PHE A HD2  1 
ATOM   421  H HE1  . PHE A 1 27 ? 2.880   1.898   -1.357  1.00 12.96 ? 109 PHE A HE1  1 
ATOM   422  H HE2  . PHE A 1 27 ? 3.839   -0.984  1.252   1.00 14.58 ? 109 PHE A HE2  1 
ATOM   423  H HZ   . PHE A 1 27 ? 3.902   -0.122  -0.885  1.00 14.20 ? 109 PHE A HZ   1 
ATOM   424  N N    A GLN A 1 28 ? 0.774   5.156   4.270   0.62 8.19  ? 110 GLN A N    1 
ATOM   425  N N    B GLN A 1 28 ? 0.823   5.191   4.306   0.38 9.02  ? 110 GLN A N    1 
ATOM   426  C CA   A GLN A 1 28 ? -0.409  5.734   4.896   0.62 9.20  ? 110 GLN A CA   1 
ATOM   427  C CA   B GLN A 1 28 ? -0.421  5.695   4.865   0.38 10.53 ? 110 GLN A CA   1 
ATOM   428  C C    A GLN A 1 28 ? -1.589  5.372   4.012   0.62 10.06 ? 110 GLN A C    1 
ATOM   429  C C    B GLN A 1 28 ? -1.543  5.185   3.985   0.38 9.48  ? 110 GLN A C    1 
ATOM   430  O O    A GLN A 1 28 ? -1.555  5.639   2.808   0.62 11.53 ? 110 GLN A O    1 
ATOM   431  O O    B GLN A 1 28 ? -1.424  5.169   2.762   0.38 11.10 ? 110 GLN A O    1 
ATOM   432  C CB   A GLN A 1 28 ? -0.265  7.254   5.013   0.62 10.98 ? 110 GLN A CB   1 
ATOM   433  C CB   B GLN A 1 28 ? -0.473  7.219   4.837   0.38 14.50 ? 110 GLN A CB   1 
ATOM   434  C CG   A GLN A 1 28 ? -1.461  7.921   5.695   0.62 12.18 ? 110 GLN A CG   1 
ATOM   435  C CG   B GLN A 1 28 ? 0.724   7.915   5.401   0.38 17.49 ? 110 GLN A CG   1 
ATOM   436  C CD   A GLN A 1 28 ? -1.295  9.419   5.878   0.62 15.43 ? 110 GLN A CD   1 
ATOM   437  C CD   B GLN A 1 28 ? 0.697   9.392   5.084   0.38 18.57 ? 110 GLN A CD   1 
ATOM   438  O OE1  A GLN A 1 28 ? -0.245  9.984   5.576   0.62 18.63 ? 110 GLN A OE1  1 
ATOM   439  O OE1  B GLN A 1 28 ? 1.458   9.867   4.240   0.38 19.53 ? 110 GLN A OE1  1 
ATOM   440  N NE2  A GLN A 1 28 ? -2.336  10.062  6.378   0.62 17.77 ? 110 GLN A NE2  1 
ATOM   441  N NE2  B GLN A 1 28 ? -0.194  10.126  5.745   0.38 17.95 ? 110 GLN A NE2  1 
ATOM   442  H H    A GLN A 1 28 ? 1.063   5.620   3.607   0.62 9.83  ? 110 GLN A H    1 
ATOM   443  H H    B GLN A 1 28 ? 1.175   5.713   3.719   0.38 10.83 ? 110 GLN A H    1 
ATOM   444  H HA   A GLN A 1 28 ? -0.548  5.387   5.792   0.62 11.04 ? 110 GLN A HA   1 
ATOM   445  H HA   B GLN A 1 28 ? -0.513  5.406   5.787   0.38 12.64 ? 110 GLN A HA   1 
ATOM   446  H HB2  A GLN A 1 28 ? 0.526   7.456   5.535   0.62 13.17 ? 110 GLN A HB2  1 
ATOM   447  H HB2  B GLN A 1 28 ? -0.564  7.502   3.914   0.38 17.40 ? 110 GLN A HB2  1 
ATOM   448  H HB3  A GLN A 1 28 ? -0.182  7.630   4.123   0.62 13.17 ? 110 GLN A HB3  1 
ATOM   449  H HB3  B GLN A 1 28 ? -1.243  7.507   5.350   0.38 17.40 ? 110 GLN A HB3  1 
ATOM   450  H HG2  A GLN A 1 28 ? -2.253  7.774   5.152   0.62 14.61 ? 110 GLN A HG2  1 
ATOM   451  H HG2  B GLN A 1 28 ? 0.734   7.809   6.366   0.38 20.99 ? 110 GLN A HG2  1 
ATOM   452  H HG3  A GLN A 1 28 ? -1.581  7.526   6.572   0.62 14.61 ? 110 GLN A HG3  1 
ATOM   453  H HG3  B GLN A 1 28 ? 1.530   7.534   5.018   0.38 20.99 ? 110 GLN A HG3  1 
ATOM   454  H HE21 A GLN A 1 28 ? -3.053  9.631   6.579   0.62 21.32 ? 110 GLN A HE21 1 
ATOM   455  H HE21 B GLN A 1 28 ? -0.716  9.755   6.319   0.38 21.54 ? 110 GLN A HE21 1 
ATOM   456  H HE22 A GLN A 1 28 ? -2.296  10.913  6.503   0.62 21.32 ? 110 GLN A HE22 1 
ATOM   457  H HE22 B GLN A 1 28 ? -0.248  10.972  5.598   0.38 21.54 ? 110 GLN A HE22 1 
ATOM   458  N N    . ILE A 1 29 ? -2.619  4.754   4.590   1.00 10.37 ? 111 ILE A N    1 
ATOM   459  C CA   . ILE A 1 29 ? -3.775  4.308   3.826   1.00 10.88 ? 111 ILE A CA   1 
ATOM   460  C C    . ILE A 1 29 ? -4.722  5.481   3.637   1.00 11.14 ? 111 ILE A C    1 
ATOM   461  O O    . ILE A 1 29 ? -5.106  6.153   4.601   1.00 13.88 ? 111 ILE A O    1 
ATOM   462  C CB   . ILE A 1 29 ? -4.473  3.125   4.510   1.00 13.22 ? 111 ILE A CB   1 
ATOM   463  C CG1  . ILE A 1 29 ? -3.478  1.996   4.788   1.00 15.85 ? 111 ILE A CG1  1 
ATOM   464  C CG2  . ILE A 1 29 ? -5.613  2.612   3.642   1.00 12.75 ? 111 ILE A CG2  1 
ATOM   465  C CD1  . ILE A 1 29 ? -2.679  1.556   3.583   1.00 16.85 ? 111 ILE A CD1  1 
ATOM   466  H H    . ILE A 1 29 ? -2.673  4.579   5.430   1.00 12.44 ? 111 ILE A H    1 
ATOM   467  H HA   . ILE A 1 29 ? -3.482  4.011   2.951   1.00 13.05 ? 111 ILE A HA   1 
ATOM   468  H HB   . ILE A 1 29 ? -4.833  3.436   5.356   1.00 15.86 ? 111 ILE A HB   1 
ATOM   469  H HG12 . ILE A 1 29 ? -2.851  2.297   5.463   1.00 19.02 ? 111 ILE A HG12 1 
ATOM   470  H HG13 . ILE A 1 29 ? -3.970  1.225   5.112   1.00 19.02 ? 111 ILE A HG13 1 
ATOM   471  H HG21 . ILE A 1 29 ? -5.921  1.762   3.995   1.00 15.29 ? 111 ILE A HG21 1 
ATOM   472  H HG22 . ILE A 1 29 ? -6.337  3.257   3.655   1.00 15.29 ? 111 ILE A HG22 1 
ATOM   473  H HG23 . ILE A 1 29 ? -5.291  2.495   2.734   1.00 15.29 ? 111 ILE A HG23 1 
ATOM   474  H HD11 . ILE A 1 29 ? -2.197  0.744   3.805   1.00 20.22 ? 111 ILE A HD11 1 
ATOM   475  H HD12 . ILE A 1 29 ? -3.286  1.390   2.845   1.00 20.22 ? 111 ILE A HD12 1 
ATOM   476  H HD13 . ILE A 1 29 ? -2.053  2.257   3.347   1.00 20.22 ? 111 ILE A HD13 1 
ATOM   477  N N    . VAL A 1 30 ? -5.101  5.720   2.392   1.00 9.75  ? 112 VAL A N    1 
ATOM   478  C CA   . VAL A 1 30 ? -6.013  6.797   2.036   1.00 10.19 ? 112 VAL A CA   1 
ATOM   479  C C    . VAL A 1 30 ? -7.455  6.329   2.100   1.00 9.78  ? 112 VAL A C    1 
ATOM   480  O O    . VAL A 1 30 ? -8.325  7.069   2.571   1.00 11.27 ? 112 VAL A O    1 
ATOM   481  C CB   . VAL A 1 30 ? -5.675  7.368   0.643   1.00 12.44 ? 112 VAL A CB   1 
ATOM   482  C CG1  . VAL A 1 30 ? -6.646  8.486   0.281   1.00 14.92 ? 112 VAL A CG1  1 
ATOM   483  C CG2  . VAL A 1 30 ? -4.234  7.833   0.603   1.00 14.25 ? 112 VAL A CG2  1 
ATOM   484  H H    . VAL A 1 30 ? -4.838  5.260   1.715   1.00 11.70 ? 112 VAL A H    1 
ATOM   485  H HA   . VAL A 1 30 ? -5.894  7.514   2.678   1.00 12.23 ? 112 VAL A HA   1 
ATOM   486  H HB   . VAL A 1 30 ? -5.772  6.675   -0.028  1.00 14.93 ? 112 VAL A HB   1 
ATOM   487  H HG11 . VAL A 1 30 ? -6.298  8.972   -0.483  1.00 17.90 ? 112 VAL A HG11 1 
ATOM   488  H HG12 . VAL A 1 30 ? -7.507  8.097   0.061   1.00 17.90 ? 112 VAL A HG12 1 
ATOM   489  H HG13 . VAL A 1 30 ? -6.737  9.083   1.039   1.00 17.90 ? 112 VAL A HG13 1 
ATOM   490  H HG21 . VAL A 1 30 ? -4.065  8.265   -0.250  1.00 17.10 ? 112 VAL A HG21 1 
ATOM   491  H HG22 . VAL A 1 30 ? -4.085  8.461   1.327   1.00 17.10 ? 112 VAL A HG22 1 
ATOM   492  H HG23 . VAL A 1 30 ? -3.651  7.065   0.706   1.00 17.10 ? 112 VAL A HG23 1 
ATOM   493  N N    . ASN A 1 31 ? -7.736  5.119   1.613   1.00 9.27  ? 113 ASN A N    1 
ATOM   494  C CA   . ASN A 1 31 ? -9.079  4.571   1.627   1.00 9.56  ? 113 ASN A CA   1 
ATOM   495  C C    . ASN A 1 31 ? -8.976  3.058   1.673   1.00 9.30  ? 113 ASN A C    1 
ATOM   496  O O    . ASN A 1 31 ? -8.208  2.464   0.903   1.00 9.43  ? 113 ASN A O    1 
ATOM   497  C CB   . ASN A 1 31 ? -9.865  5.009   0.384   1.00 9.70  ? 113 ASN A CB   1 
ATOM   498  C CG   . ASN A 1 31 ? -11.255 4.444   0.379   1.00 10.87 ? 113 ASN A CG   1 
ATOM   499  O OD1  . ASN A 1 31 ? -11.440 3.252   0.120   1.00 12.47 ? 113 ASN A OD1  1 
ATOM   500  N ND2  . ASN A 1 31 ? -12.237 5.265   0.704   1.00 12.91 ? 113 ASN A ND2  1 
ATOM   501  H H    . ASN A 1 31 ? -7.151  4.592   1.266   1.00 11.12 ? 113 ASN A H    1 
ATOM   502  H HA   . ASN A 1 31 ? -9.554  4.878   2.414   1.00 11.48 ? 113 ASN A HA   1 
ATOM   503  H HB2  . ASN A 1 31 ? -9.931  5.976   0.371   1.00 11.64 ? 113 ASN A HB2  1 
ATOM   504  H HB3  . ASN A 1 31 ? -9.408  4.696   -0.412  1.00 11.64 ? 113 ASN A HB3  1 
ATOM   505  H HD21 . ASN A 1 31 ? -13.050 4.982   0.713   1.00 15.49 ? 113 ASN A HD21 1 
ATOM   506  H HD22 . ASN A 1 31 ? -12.064 6.084   0.905   1.00 15.49 ? 113 ASN A HD22 1 
ATOM   507  N N    . ASN A 1 32 ? -9.740  2.451   2.582   1.00 10.40 ? 114 ASN A N    1 
ATOM   508  C CA   . ASN A 1 32 ? -9.806  1.006   2.647   1.00 11.40 ? 114 ASN A CA   1 
ATOM   509  C C    . ASN A 1 32 ? -11.222 0.538   2.847   1.00 14.59 ? 114 ASN A C    1 
ATOM   510  O O    . ASN A 1 32 ? -11.442 -0.507  3.456   1.00 15.10 ? 114 ASN A O    1 
ATOM   511  C CB   . ASN A 1 32 ? -8.844  0.395   3.688   1.00 12.30 ? 114 ASN A CB   1 
ATOM   512  C CG   . ASN A 1 32 ? -9.118  0.773   5.140   1.00 12.79 ? 114 ASN A CG   1 
ATOM   513  O OD1  . ASN A 1 32 ? -9.997  1.554   5.444   1.00 14.27 ? 114 ASN A OD1  1 
ATOM   514  N ND2  . ASN A 1 32 ? -8.338  0.183   6.052   1.00 14.53 ? 114 ASN A ND2  1 
ATOM   515  H H    . ASN A 1 32 ? -10.224 2.858   3.165   1.00 12.48 ? 114 ASN A H    1 
ATOM   516  H HA   . ASN A 1 32 ? -9.501  0.656   1.796   1.00 13.68 ? 114 ASN A HA   1 
ATOM   517  H HB2  . ASN A 1 32 ? -8.902  -0.572  3.627   1.00 14.75 ? 114 ASN A HB2  1 
ATOM   518  H HB3  . ASN A 1 32 ? -7.943  0.688   3.480   1.00 14.75 ? 114 ASN A HB3  1 
ATOM   519  H HD21 . ASN A 1 32 ? -7.729  -0.371  5.804   1.00 17.44 ? 114 ASN A HD21 1 
ATOM   520  H HD22 . ASN A 1 32 ? -8.445  0.357   6.888   1.00 17.44 ? 114 ASN A HD22 1 
ATOM   521  N N    . THR A 1 33 ? -12.191 1.291   2.332   1.00 16.48 ? 115 THR A N    1 
ATOM   522  C CA   . THR A 1 33 ? -13.600 0.977   2.517   1.00 17.96 ? 115 THR A CA   1 
ATOM   523  C C    . THR A 1 33 ? -14.254 0.477   1.239   1.00 19.53 ? 115 THR A C    1 
ATOM   524  O O    . THR A 1 33 ? -15.487 0.435   1.155   1.00 21.41 ? 115 THR A O    1 
ATOM   525  C CB   . THR A 1 33 ? -14.376 2.188   3.040   1.00 19.23 ? 115 THR A CB   1 
ATOM   526  O OG1  . THR A 1 33 ? -14.257 3.266   2.103   1.00 20.12 ? 115 THR A OG1  1 
ATOM   527  C CG2  . THR A 1 33 ? -13.844 2.630   4.393   1.00 21.76 ? 115 THR A CG2  1 
ATOM   528  H H    . THR A 1 33 ? -12.053 2.000   1.864   1.00 19.77 ? 115 THR A H    1 
ATOM   529  H HA   . THR A 1 33 ? -13.653 0.276   3.186   1.00 21.55 ? 115 THR A HA   1 
ATOM   530  H HB   . THR A 1 33 ? -15.311 1.952   3.149   1.00 23.07 ? 115 THR A HB   1 
ATOM   531  H HG1  . THR A 1 33 ? -14.666 3.942   2.389   1.00 24.15 ? 115 THR A HG1  1 
ATOM   532  H HG21 . THR A 1 33 ? -14.235 3.481   4.641   1.00 26.11 ? 115 THR A HG21 1 
ATOM   533  H HG22 . THR A 1 33 ? -14.069 1.970   5.067   1.00 26.11 ? 115 THR A HG22 1 
ATOM   534  H HG23 . THR A 1 33 ? -12.879 2.724   4.355   1.00 26.11 ? 115 THR A HG23 1 
ATOM   535  N N    . GLU A 1 34 ? -13.456 0.093   0.245   1.00 20.01 ? 116 GLU A N    1 
ATOM   536  C CA   . GLU A 1 34 ? -13.970 -0.301  -1.061  1.00 21.51 ? 116 GLU A CA   1 
ATOM   537  C C    . GLU A 1 34 ? -13.415 -1.645  -1.518  1.00 22.87 ? 116 GLU A C    1 
ATOM   538  O O    . GLU A 1 34 ? -13.247 -1.883  -2.718  1.00 25.88 ? 116 GLU A O    1 
ATOM   539  C CB   . GLU A 1 34 ? -13.703 0.792   -2.092  1.00 24.92 ? 116 GLU A CB   1 
ATOM   540  C CG   . GLU A 1 34 ? -14.350 2.109   -1.697  1.00 28.46 ? 116 GLU A CG   1 
ATOM   541  C CD   . GLU A 1 34 ? -14.166 3.202   -2.727  1.00 32.41 ? 116 GLU A CD   1 
ATOM   542  O OE1  . GLU A 1 34 ? -13.443 2.972   -3.718  1.00 34.15 ? 116 GLU A OE1  1 
ATOM   543  O OE2  . GLU A 1 34 ? -14.745 4.297   -2.545  1.00 33.78 ? 116 GLU A OE2  1 
ATOM   544  H H    . GLU A 1 34 ? -12.599 0.050   0.306   1.00 24.02 ? 116 GLU A H    1 
ATOM   545  H HA   . GLU A 1 34 ? -14.930 -0.416  -0.991  1.00 25.81 ? 116 GLU A HA   1 
ATOM   546  H HB2  . GLU A 1 34 ? -12.746 0.933   -2.167  1.00 29.90 ? 116 GLU A HB2  1 
ATOM   547  H HB3  . GLU A 1 34 ? -14.067 0.519   -2.948  1.00 29.90 ? 116 GLU A HB3  1 
ATOM   548  H HG2  . GLU A 1 34 ? -15.303 1.968   -1.580  1.00 34.15 ? 116 GLU A HG2  1 
ATOM   549  H HG3  . GLU A 1 34 ? -13.956 2.415   -0.864  1.00 34.15 ? 116 GLU A HG3  1 
ATOM   550  N N    . GLY A 1 35 ? -13.134 -2.529  -0.583  1.00 21.13 ? 117 GLY A N    1 
ATOM   551  C CA   . GLY A 1 35 ? -12.704 -3.868  -0.907  1.00 20.29 ? 117 GLY A CA   1 
ATOM   552  C C    . GLY A 1 35 ? -11.254 -4.092  -0.530  1.00 18.83 ? 117 GLY A C    1 
ATOM   553  O O    . GLY A 1 35 ? -10.610 -3.275  0.139   1.00 19.96 ? 117 GLY A O    1 
ATOM   554  H H    . GLY A 1 35 ? -13.186 -2.373  0.262   1.00 25.35 ? 117 GLY A H    1 
ATOM   555  H HA2  . GLY A 1 35 ? -13.251 -4.511  -0.429  1.00 24.35 ? 117 GLY A HA2  1 
ATOM   556  H HA3  . GLY A 1 35 ? -12.802 -4.018  -1.861  1.00 24.35 ? 117 GLY A HA3  1 
ATOM   557  N N    . ASP A 1 36 ? -10.739 -5.227  -0.993  1.00 17.41 ? 118 ASP A N    1 
ATOM   558  C CA   . ASP A 1 36 ? -9.435  -5.696  -0.556  1.00 16.99 ? 118 ASP A CA   1 
ATOM   559  C C    . ASP A 1 36 ? -8.270  -4.994  -1.228  1.00 13.90 ? 118 ASP A C    1 
ATOM   560  O O    . ASP A 1 36 ? -7.149  -5.165  -0.762  1.00 15.17 ? 118 ASP A O    1 
ATOM   561  C CB   . ASP A 1 36 ? -9.314  -7.200  -0.773  1.00 20.25 ? 118 ASP A CB   1 
ATOM   562  C CG   . ASP A 1 36 ? -10.086 -7.991  0.248   1.00 24.43 ? 118 ASP A CG   1 
ATOM   563  O OD1  . ASP A 1 36 ? -10.368 -7.454  1.343   1.00 25.65 ? 118 ASP A OD1  1 
ATOM   564  O OD2  . ASP A 1 36 ? -10.410 -9.155  -0.040  1.00 26.60 ? 118 ASP A OD2  1 
ATOM   565  H H    . ASP A 1 36 ? -11.129 -5.743  -1.561  1.00 20.90 ? 118 ASP A H    1 
ATOM   566  H HA   . ASP A 1 36 ? -9.365  -5.521  0.395   1.00 20.39 ? 118 ASP A HA   1 
ATOM   567  H HB2  . ASP A 1 36 ? -9.659  -7.424  -1.651  1.00 24.30 ? 118 ASP A HB2  1 
ATOM   568  H HB3  . ASP A 1 36 ? -8.381  -7.456  -0.708  1.00 24.30 ? 118 ASP A HB3  1 
ATOM   569  N N    . TRP A 1 37 ? -8.490  -4.235  -2.292  1.00 11.81 ? 119 TRP A N    1 
ATOM   570  C CA   . TRP A 1 37 ? -7.483  -3.340  -2.835  1.00 10.50 ? 119 TRP A CA   1 
ATOM   571  C C    . TRP A 1 37 ? -7.679  -1.987  -2.173  1.00 9.67  ? 119 TRP A C    1 
ATOM   572  O O    . TRP A 1 37 ? -8.769  -1.395  -2.247  1.00 12.66 ? 119 TRP A O    1 
ATOM   573  C CB   . TRP A 1 37 ? -7.622  -3.211  -4.344  1.00 13.25 ? 119 TRP A CB   1 
ATOM   574  C CG   . TRP A 1 37 ? -7.219  -4.452  -5.068  1.00 14.53 ? 119 TRP A CG   1 
ATOM   575  C CD1  . TRP A 1 37 ? -8.001  -5.536  -5.326  1.00 17.59 ? 119 TRP A CD1  1 
ATOM   576  C CD2  . TRP A 1 37 ? -5.923  -4.749  -5.608  1.00 13.77 ? 119 TRP A CD2  1 
ATOM   577  N NE1  . TRP A 1 37 ? -7.278  -6.483  -5.999  1.00 18.50 ? 119 TRP A NE1  1 
ATOM   578  C CE2  . TRP A 1 37 ? -6.001  -6.027  -6.186  1.00 16.39 ? 119 TRP A CE2  1 
ATOM   579  C CE3  . TRP A 1 37 ? -4.712  -4.056  -5.670  1.00 13.08 ? 119 TRP A CE3  1 
ATOM   580  C CZ2  . TRP A 1 37 ? -4.914  -6.628  -6.817  1.00 17.01 ? 119 TRP A CZ2  1 
ATOM   581  C CZ3  . TRP A 1 37 ? -3.631  -4.658  -6.305  1.00 14.61 ? 119 TRP A CZ3  1 
ATOM   582  C CH2  . TRP A 1 37 ? -3.741  -5.933  -6.860  1.00 16.34 ? 119 TRP A CH2  1 
ATOM   583  H H    . TRP A 1 37 ? -9.233  -4.221  -2.727  1.00 14.18 ? 119 TRP A H    1 
ATOM   584  H HA   . TRP A 1 37 ? -6.593  -3.681  -2.647  1.00 12.60 ? 119 TRP A HA   1 
ATOM   585  H HB2  . TRP A 1 37 ? -8.549  -3.024  -4.560  1.00 15.90 ? 119 TRP A HB2  1 
ATOM   586  H HB3  . TRP A 1 37 ? -7.056  -2.486  -4.653  1.00 15.90 ? 119 TRP A HB3  1 
ATOM   587  H HD1  . TRP A 1 37 ? -8.894  -5.620  -5.082  1.00 21.11 ? 119 TRP A HD1  1 
ATOM   588  H HE1  . TRP A 1 37 ? -7.579  -7.244  -6.264  1.00 22.20 ? 119 TRP A HE1  1 
ATOM   589  H HE3  . TRP A 1 37 ? -4.631  -3.209  -5.295  1.00 15.70 ? 119 TRP A HE3  1 
ATOM   590  H HZ2  . TRP A 1 37 ? -4.986  -7.474  -7.198  1.00 20.41 ? 119 TRP A HZ2  1 
ATOM   591  H HZ3  . TRP A 1 37 ? -2.821  -4.203  -6.360  1.00 17.53 ? 119 TRP A HZ3  1 
ATOM   592  H HH2  . TRP A 1 37 ? -2.998  -6.318  -7.267  1.00 19.61 ? 119 TRP A HH2  1 
ATOM   593  N N    . TRP A 1 38 ? -6.634  -1.499  -1.535  1.00 8.27  ? 120 TRP A N    1 
ATOM   594  C CA   . TRP A 1 38 ? -6.693  -0.262  -0.783  1.00 8.00  ? 120 TRP A CA   1 
ATOM   595  C C    . TRP A 1 38 ? -5.947  0.828   -1.522  1.00 7.32  ? 120 TRP A C    1 
ATOM   596  O O    . TRP A 1 38 ? -4.889  0.588   -2.107  1.00 8.38  ? 120 TRP A O    1 
ATOM   597  C CB   . TRP A 1 38 ? -6.017  -0.426  0.578   1.00 8.44  ? 120 TRP A CB   1 
ATOM   598  C CG   . TRP A 1 38 ? -6.682  -1.340  1.557   1.00 8.89  ? 120 TRP A CG   1 
ATOM   599  C CD1  . TRP A 1 38 ? -7.867  -2.000  1.441   1.00 10.12 ? 120 TRP A CD1  1 
ATOM   600  C CD2  . TRP A 1 38 ? -6.156  -1.662  2.852   1.00 9.49  ? 120 TRP A CD2  1 
ATOM   601  N NE1  . TRP A 1 38 ? -8.105  -2.719  2.610   1.00 11.23 ? 120 TRP A NE1  1 
ATOM   602  C CE2  . TRP A 1 38 ? -7.074  -2.510  3.490   1.00 10.37 ? 120 TRP A CE2  1 
ATOM   603  C CE3  . TRP A 1 38 ? -4.988  -1.299  3.527   1.00 10.22 ? 120 TRP A CE3  1 
ATOM   604  C CZ2  . TRP A 1 38 ? -6.844  -3.022  4.776   1.00 11.66 ? 120 TRP A CZ2  1 
ATOM   605  C CZ3  . TRP A 1 38 ? -4.762  -1.798  4.787   1.00 11.83 ? 120 TRP A CZ3  1 
ATOM   606  C CH2  . TRP A 1 38 ? -5.674  -2.649  5.393   1.00 12.27 ? 120 TRP A CH2  1 
ATOM   607  H H    . TRP A 1 38 ? -5.861  -1.874  -1.522  1.00 9.93  ? 120 TRP A H    1 
ATOM   608  H HA   . TRP A 1 38 ? -7.622  -0.010  -0.668  1.00 9.60  ? 120 TRP A HA   1 
ATOM   609  H HB2  . TRP A 1 38 ? -5.124  -0.773  0.430   1.00 10.13 ? 120 TRP A HB2  1 
ATOM   610  H HB3  . TRP A 1 38 ? -5.969  0.449   0.997   1.00 10.13 ? 120 TRP A HB3  1 
ATOM   611  H HD1  . TRP A 1 38 ? -8.427  -1.975  0.699   1.00 12.15 ? 120 TRP A HD1  1 
ATOM   612  H HE1  . TRP A 1 38 ? -8.791  -3.217  2.756   1.00 13.48 ? 120 TRP A HE1  1 
ATOM   613  H HE3  . TRP A 1 38 ? -4.372  -0.728  3.129   1.00 12.27 ? 120 TRP A HE3  1 
ATOM   614  H HZ2  . TRP A 1 38 ? -7.455  -3.588  5.190   1.00 13.99 ? 120 TRP A HZ2  1 
ATOM   615  H HZ3  . TRP A 1 38 ? -3.986  -1.560  5.241   1.00 14.20 ? 120 TRP A HZ3  1 
ATOM   616  H HH2  . TRP A 1 38 ? -5.488  -2.978  6.242   1.00 14.72 ? 120 TRP A HH2  1 
ATOM   617  N N    A LEU A 1 39 ? -6.451  2.036   -1.416  0.55 7.67  ? 121 LEU A N    1 
ATOM   618  N N    B LEU A 1 39 ? -6.490  2.047   -1.502  0.45 8.18  ? 121 LEU A N    1 
ATOM   619  C CA   A LEU A 1 39 ? -5.755  3.197   -1.933  0.55 7.83  ? 121 LEU A CA   1 
ATOM   620  C CA   B LEU A 1 39 ? -5.735  3.214   -1.953  0.45 7.90  ? 121 LEU A CA   1 
ATOM   621  C C    A LEU A 1 39 ? -4.767  3.675   -0.879  0.55 7.80  ? 121 LEU A C    1 
ATOM   622  C C    B LEU A 1 39 ? -4.750  3.588   -0.861  0.45 7.64  ? 121 LEU A C    1 
ATOM   623  O O    A LEU A 1 39 ? -5.168  4.057   0.225   0.55 8.88  ? 121 LEU A O    1 
ATOM   624  O O    B LEU A 1 39 ? -5.144  3.791   0.296   0.45 8.01  ? 121 LEU A O    1 
ATOM   625  C CB   A LEU A 1 39 ? -6.819  4.241   -2.231  0.55 10.11 ? 121 LEU A CB   1 
ATOM   626  C CB   B LEU A 1 39 ? -6.650  4.397   -2.252  0.45 9.03  ? 121 LEU A CB   1 
ATOM   627  C CG   A LEU A 1 39 ? -6.346  5.435   -3.005  0.55 9.99  ? 121 LEU A CG   1 
ATOM   628  C CG   B LEU A 1 39 ? -7.324  4.483   -3.613  0.45 9.46  ? 121 LEU A CG   1 
ATOM   629  C CD1  A LEU A 1 39 ? -5.719  5.046   -4.330  0.55 10.88 ? 121 LEU A CD1  1 
ATOM   630  C CD1  B LEU A 1 39 ? -8.332  5.627   -3.621  0.45 10.36 ? 121 LEU A CD1  1 
ATOM   631  C CD2  A LEU A 1 39 ? -7.534  6.343   -3.232  0.55 12.23 ? 121 LEU A CD2  1 
ATOM   632  C CD2  B LEU A 1 39 ? -6.316  4.630   -4.743  0.45 9.93  ? 121 LEU A CD2  1 
ATOM   633  H H    A LEU A 1 39 ? -7.205  2.214   -1.044  0.55 9.21  ? 121 LEU A H    1 
ATOM   634  H H    B LEU A 1 39 ? -7.289  2.221   -1.235  0.45 9.81  ? 121 LEU A H    1 
ATOM   635  H HA   A LEU A 1 39 ? -5.242  3.010   -2.735  0.55 9.40  ? 121 LEU A HA   1 
ATOM   636  H HA   B LEU A 1 39 ? -5.266  2.991   -2.773  0.45 9.48  ? 121 LEU A HA   1 
ATOM   637  H HB2  A LEU A 1 39 ? -7.522  3.820   -2.748  0.55 12.13 ? 121 LEU A HB2  1 
ATOM   638  H HB2  B LEU A 1 39 ? -7.362  4.388   -1.594  0.45 10.83 ? 121 LEU A HB2  1 
ATOM   639  H HB3  A LEU A 1 39 ? -7.173  4.564   -1.388  0.55 12.13 ? 121 LEU A HB3  1 
ATOM   640  H HB3  B LEU A 1 39 ? -6.120  5.205   -2.158  0.45 10.83 ? 121 LEU A HB3  1 
ATOM   641  H HG   A LEU A 1 39 ? -5.656  5.896   -2.503  0.55 11.99 ? 121 LEU A HG   1 
ATOM   642  H HG   B LEU A 1 39 ? -7.797  3.651   -3.777  0.45 11.36 ? 121 LEU A HG   1 
ATOM   643  H HD11 A LEU A 1 39 ? -5.606  5.842   -4.872  0.55 13.05 ? 121 LEU A HD11 1 
ATOM   644  H HD11 B LEU A 1 39 ? -8.643  5.768   -4.530  0.45 12.44 ? 121 LEU A HD11 1 
ATOM   645  H HD12 A LEU A 1 39 ? -4.856  4.636   -4.162  0.55 13.05 ? 121 LEU A HD12 1 
ATOM   646  H HD12 B LEU A 1 39 ? -9.079  5.395   -3.048  0.45 12.44 ? 121 LEU A HD12 1 
ATOM   647  H HD13 A LEU A 1 39 ? -6.302  4.417   -4.783  0.55 13.05 ? 121 LEU A HD13 1 
ATOM   648  H HD13 B LEU A 1 39 ? -7.899  6.432   -3.292  0.45 12.44 ? 121 LEU A HD13 1 
ATOM   649  H HD21 A LEU A 1 39 ? -7.227  7.169   -3.637  0.55 14.67 ? 121 LEU A HD21 1 
ATOM   650  H HD21 B LEU A 1 39 ? -6.792  4.779   -5.574  0.45 11.91 ? 121 LEU A HD21 1 
ATOM   651  H HD22 A LEU A 1 39 ? -8.162  5.899   -3.823  0.55 14.67 ? 121 LEU A HD22 1 
ATOM   652  H HD22 B LEU A 1 39 ? -5.737  5.386   -4.554  0.45 11.91 ? 121 LEU A HD22 1 
ATOM   653  H HD23 A LEU A 1 39 ? -7.957  6.529   -2.379  0.55 14.67 ? 121 LEU A HD23 1 
ATOM   654  H HD23 B LEU A 1 39 ? -5.788  3.817   -4.805  0.45 11.91 ? 121 LEU A HD23 1 
ATOM   655  N N    . ALA A 1 40 ? -3.477  3.644   -1.213  1.00 7.87  ? 122 ALA A N    1 
ATOM   656  C CA   . ALA A 1 40 ? -2.407  3.848   -0.258  1.00 8.52  ? 122 ALA A CA   1 
ATOM   657  C C    . ALA A 1 40 ? -1.437  4.904   -0.771  1.00 8.03  ? 122 ALA A C    1 
ATOM   658  O O    . ALA A 1 40 ? -1.317  5.125   -1.976  1.00 10.09 ? 122 ALA A O    1 
ATOM   659  C CB   . ALA A 1 40 ? -1.649  2.539   -0.025  1.00 10.71 ? 122 ALA A CB   1 
ATOM   660  H H    . ALA A 1 40 ? -3.193  3.502   -2.013  1.00 9.45  ? 122 ALA A H    1 
ATOM   661  H HA   . ALA A 1 40 ? -2.776  4.168   0.580   1.00 10.23 ? 122 ALA A HA   1 
ATOM   662  H HB1  . ALA A 1 40 ? -0.946  2.693   0.626   1.00 12.85 ? 122 ALA A HB1  1 
ATOM   663  H HB2  . ALA A 1 40 ? -2.268  1.871   0.308   1.00 12.85 ? 122 ALA A HB2  1 
ATOM   664  H HB3  . ALA A 1 40 ? -1.264  2.243   -0.865  1.00 12.85 ? 122 ALA A HB3  1 
ATOM   665  N N    . HIS A 1 41 ? -0.717  5.520   0.153   1.00 8.43  ? 123 HIS A N    1 
ATOM   666  C CA   . HIS A 1 41 ? 0.275   6.548   -0.143  1.00 8.75  ? 123 HIS A CA   1 
ATOM   667  C C    . HIS A 1 41 ? 1.627   6.073   0.378   1.00 8.24  ? 123 HIS A C    1 
ATOM   668  O O    . HIS A 1 41 ? 1.791   5.840   1.576   1.00 8.40  ? 123 HIS A O    1 
ATOM   669  C CB   . HIS A 1 41 ? -0.148  7.855   0.525   1.00 10.24 ? 123 HIS A CB   1 
ATOM   670  C CG   . HIS A 1 41 ? 0.800   8.971   0.299   1.00 13.01 ? 123 HIS A CG   1 
ATOM   671  N ND1  . HIS A 1 41 ? 0.949   9.580   -0.925  1.00 15.72 ? 123 HIS A ND1  1 
ATOM   672  C CD2  . HIS A 1 41 ? 1.677   9.568   1.134   1.00 17.93 ? 123 HIS A CD2  1 
ATOM   673  C CE1  . HIS A 1 41 ? 1.857   10.537  -0.824  1.00 17.53 ? 123 HIS A CE1  1 
ATOM   674  N NE2  . HIS A 1 41 ? 2.318   10.542  0.412   1.00 19.26 ? 123 HIS A NE2  1 
ATOM   675  H H    . HIS A 1 41 ? -0.786  5.355   0.994   1.00 10.12 ? 123 HIS A H    1 
ATOM   676  H HA   . HIS A 1 41 ? 0.362   6.691   -1.098  1.00 10.50 ? 123 HIS A HA   1 
ATOM   677  H HB2  . HIS A 1 41 ? -1.011  8.122   0.170   1.00 12.29 ? 123 HIS A HB2  1 
ATOM   678  H HB3  . HIS A 1 41 ? -0.214  7.710   1.481   1.00 12.29 ? 123 HIS A HB3  1 
ATOM   679  H HD1  . HIS A 1 41 ? 0.523   9.371   -1.642  1.00 18.87 ? 123 HIS A HD1  1 
ATOM   680  H HD2  . HIS A 1 41 ? 1.820   9.358   2.028   1.00 21.52 ? 123 HIS A HD2  1 
ATOM   681  H HE1  . HIS A 1 41 ? 2.124   11.109  -1.508  1.00 21.04 ? 123 HIS A HE1  1 
ATOM   682  N N    . SER A 1 42 ? 2.586   5.900   -0.536  1.00 7.85  ? 124 SER A N    1 
ATOM   683  C CA   . SER A 1 42 ? 3.907   5.418   -0.167  1.00 7.57  ? 124 SER A CA   1 
ATOM   684  C C    . SER A 1 42 ? 4.721   6.494   0.539   1.00 7.86  ? 124 SER A C    1 
ATOM   685  O O    . SER A 1 42 ? 4.890   7.603   0.019   1.00 9.12  ? 124 SER A O    1 
ATOM   686  C CB   . SER A 1 42 ? 4.679   4.994   -1.414  1.00 8.59  ? 124 SER A CB   1 
ATOM   687  O OG   . SER A 1 42 ? 6.036   4.771   -1.077  1.00 8.82  ? 124 SER A OG   1 
ATOM   688  H H    . SER A 1 42 ? 2.492   6.058   -1.377  1.00 9.42  ? 124 SER A H    1 
ATOM   689  H HA   . SER A 1 42 ? 3.788   4.666   0.434   1.00 9.08  ? 124 SER A HA   1 
ATOM   690  H HB2  . SER A 1 42 ? 4.297   4.175   -1.765  1.00 10.30 ? 124 SER A HB2  1 
ATOM   691  H HB3  . SER A 1 42 ? 4.625   5.697   -2.080  1.00 10.30 ? 124 SER A HB3  1 
ATOM   692  H HG   . SER A 1 42 ? 6.092   4.166   -0.497  1.00 10.59 ? 124 SER A HG   1 
ATOM   693  N N    . LEU A 1 43 ? 5.283   6.138   1.680   1.00 7.66  ? 125 LEU A N    1 
ATOM   694  C CA   . LEU A 1 43 ? 6.193   7.032   2.381   1.00 8.70  ? 125 LEU A CA   1 
ATOM   695  C C    . LEU A 1 43 ? 7.583   7.056   1.756   1.00 10.31 ? 125 LEU A C    1 
ATOM   696  O O    . LEU A 1 43 ? 8.380   7.931   2.092   1.00 14.39 ? 125 LEU A O    1 
ATOM   697  C CB   . LEU A 1 43 ? 6.263   6.663   3.857   1.00 9.85  ? 125 LEU A CB   1 
ATOM   698  C CG   . LEU A 1 43 ? 4.913   6.847   4.591   1.00 15.11 ? 125 LEU A CG   1 
ATOM   699  C CD1  . LEU A 1 43 ? 5.133   6.549   6.050   1.00 18.45 ? 125 LEU A CD1  1 
ATOM   700  C CD2  . LEU A 1 43 ? 4.267   8.210   4.374   1.00 15.78 ? 125 LEU A CD2  1 
ATOM   701  H H    . LEU A 1 43 ? 5.157   5.383   2.072   1.00 9.19  ? 125 LEU A H    1 
ATOM   702  H HA   . LEU A 1 43 ? 5.846   7.937   2.341   1.00 10.44 ? 125 LEU A HA   1 
ATOM   703  H HB2  . LEU A 1 43 ? 6.525   5.733   3.935   1.00 11.82 ? 125 LEU A HB2  1 
ATOM   704  H HB3  . LEU A 1 43 ? 6.921   7.230   4.291   1.00 11.82 ? 125 LEU A HB3  1 
ATOM   705  H HG   . LEU A 1 43 ? 4.265   6.228   4.219   1.00 18.13 ? 125 LEU A HG   1 
ATOM   706  H HD11 . LEU A 1 43 ? 4.294   6.661   6.525   1.00 22.14 ? 125 LEU A HD11 1 
ATOM   707  H HD12 . LEU A 1 43 ? 5.445   5.635   6.142   1.00 22.14 ? 125 LEU A HD12 1 
ATOM   708  H HD13 . LEU A 1 43 ? 5.797   7.162   6.400   1.00 22.14 ? 125 LEU A HD13 1 
ATOM   709  H HD21 . LEU A 1 43 ? 3.594   8.354   5.057   1.00 18.94 ? 125 LEU A HD21 1 
ATOM   710  H HD22 . LEU A 1 43 ? 4.951   8.896   4.433   1.00 18.94 ? 125 LEU A HD22 1 
ATOM   711  H HD23 . LEU A 1 43 ? 3.857   8.228   3.496   1.00 18.94 ? 125 LEU A HD23 1 
ATOM   712  N N    . THR A 1 44 ? 7.898   6.130   0.861   1.00 8.84  ? 126 THR A N    1 
ATOM   713  C CA   . THR A 1 44 ? 9.149   6.188   0.111   1.00 9.80  ? 126 THR A CA   1 
ATOM   714  C C    . THR A 1 44 ? 9.027   7.083   -1.117  1.00 10.35 ? 126 THR A C    1 
ATOM   715  O O    . THR A 1 44 ? 9.832   8.010   -1.303  1.00 12.79 ? 126 THR A O    1 
ATOM   716  C CB   . THR A 1 44 ? 9.574   4.774   -0.307  1.00 12.02 ? 126 THR A CB   1 
ATOM   717  O OG1  . THR A 1 44 ? 9.847   3.981   0.857   1.00 13.23 ? 126 THR A OG1  1 
ATOM   718  C CG2  . THR A 1 44 ? 10.799  4.800   -1.206  1.00 13.83 ? 126 THR A CG2  1 
ATOM   719  H H    . THR A 1 44 ? 7.403   5.455   0.665   1.00 10.61 ? 126 THR A H    1 
ATOM   720  H HA   . THR A 1 44 ? 9.836   6.559   0.688   1.00 11.76 ? 126 THR A HA   1 
ATOM   721  H HB   . THR A 1 44 ? 8.851   4.368   -0.810  1.00 14.43 ? 126 THR A HB   1 
ATOM   722  H HG1  . THR A 1 44 ? 10.442  4.349   1.323   1.00 15.88 ? 126 THR A HG1  1 
ATOM   723  H HG21 . THR A 1 44 ? 11.188  3.914   -1.262  1.00 16.60 ? 126 THR A HG21 1 
ATOM   724  H HG22 . THR A 1 44 ? 10.550  5.092   -2.096  1.00 16.60 ? 126 THR A HG22 1 
ATOM   725  H HG23 . THR A 1 44 ? 11.460  5.413   -0.847  1.00 16.60 ? 126 THR A HG23 1 
ATOM   726  N N    . THR A 1 45 ? 8.049   6.813   -1.980  1.00 9.73  ? 127 THR A N    1 
ATOM   727  C CA   . THR A 1 45 ? 8.000   7.474   -3.275  1.00 10.49 ? 127 THR A CA   1 
ATOM   728  C C    . THR A 1 45 ? 7.087   8.691   -3.298  1.00 10.80 ? 127 THR A C    1 
ATOM   729  O O    . THR A 1 45 ? 7.177   9.491   -4.234  1.00 13.04 ? 127 THR A O    1 
ATOM   730  C CB   . THR A 1 45 ? 7.502   6.521   -4.359  1.00 11.21 ? 127 THR A CB   1 
ATOM   731  O OG1  . THR A 1 45 ? 6.129   6.255   -4.086  1.00 10.56 ? 127 THR A OG1  1 
ATOM   732  C CG2  . THR A 1 45 ? 8.311   5.217   -4.402  1.00 12.40 ? 127 THR A CG2  1 
ATOM   733  H H    . THR A 1 45 ? 7.411   6.255   -1.838  1.00 11.68 ? 127 THR A H    1 
ATOM   734  H HA   . THR A 1 45 ? 8.904   7.749   -3.495  1.00 12.59 ? 127 THR A HA   1 
ATOM   735  H HB   . THR A 1 45 ? 7.608   6.920   -5.238  1.00 13.45 ? 127 THR A HB   1 
ATOM   736  H HG1  . THR A 1 45 ? 5.816   5.733   -4.664  1.00 12.68 ? 127 THR A HG1  1 
ATOM   737  H HG21 . THR A 1 45 ? 7.998   4.657   -5.129  1.00 14.88 ? 127 THR A HG21 1 
ATOM   738  H HG22 . THR A 1 45 ? 9.251   5.414   -4.538  1.00 14.88 ? 127 THR A HG22 1 
ATOM   739  H HG23 . THR A 1 45 ? 8.206   4.735   -3.567  1.00 14.88 ? 127 THR A HG23 1 
ATOM   740  N N    . GLY A 1 46 ? 6.189   8.832   -2.322  1.00 10.28 ? 128 GLY A N    1 
ATOM   741  C CA   . GLY A 1 46 ? 5.170   9.851   -2.371  1.00 11.56 ? 128 GLY A CA   1 
ATOM   742  C C    . GLY A 1 46 ? 4.035   9.582   -3.336  1.00 11.39 ? 128 GLY A C    1 
ATOM   743  O O    . GLY A 1 46 ? 3.147   10.429  -3.463  1.00 13.89 ? 128 GLY A O    1 
ATOM   744  H H    . GLY A 1 46 ? 6.157   8.339   -1.619  1.00 12.34 ? 128 GLY A H    1 
ATOM   745  H HA2  . GLY A 1 46 ? 4.787   9.948   -1.485  1.00 13.87 ? 128 GLY A HA2  1 
ATOM   746  H HA3  . GLY A 1 46 ? 5.584   10.690  -2.629  1.00 13.87 ? 128 GLY A HA3  1 
ATOM   747  N N    . GLU A 1 47 ? 4.020   8.440   -4.014  1.00 10.29 ? 129 GLU A N    1 
ATOM   748  C CA   . GLU A 1 47 ? 2.937   8.109   -4.924  1.00 10.71 ? 129 GLU A CA   1 
ATOM   749  C C    . GLU A 1 47 ? 1.735   7.571   -4.145  1.00 9.60  ? 129 GLU A C    1 
ATOM   750  O O    . GLU A 1 47 ? 1.871   6.995   -3.061  1.00 10.25 ? 129 GLU A O    1 
ATOM   751  C CB   . GLU A 1 47 ? 3.384   7.048   -5.929  1.00 12.15 ? 129 GLU A CB   1 
ATOM   752  C CG   . GLU A 1 47 ? 4.534   7.459   -6.834  1.00 15.60 ? 129 GLU A CG   1 
ATOM   753  C CD   . GLU A 1 47 ? 4.979   6.326   -7.740  1.00 20.80 ? 129 GLU A CD   1 
ATOM   754  O OE1  . GLU A 1 47 ? 6.157   6.312   -8.143  1.00 24.64 ? 129 GLU A OE1  1 
ATOM   755  O OE2  . GLU A 1 47 ? 4.153   5.439   -8.039  1.00 23.14 ? 129 GLU A OE2  1 
ATOM   756  H H    . GLU A 1 47 ? 4.631   7.838   -3.964  1.00 12.35 ? 129 GLU A H    1 
ATOM   757  H HA   . GLU A 1 47 ? 2.674   8.908   -5.407  1.00 12.85 ? 129 GLU A HA   1 
ATOM   758  H HB2  . GLU A 1 47 ? 3.667   6.261   -5.438  1.00 14.58 ? 129 GLU A HB2  1 
ATOM   759  H HB3  . GLU A 1 47 ? 2.630   6.831   -6.500  1.00 14.58 ? 129 GLU A HB3  1 
ATOM   760  H HG2  . GLU A 1 47 ? 4.253   8.200   -7.391  1.00 18.72 ? 129 GLU A HG2  1 
ATOM   761  H HG3  . GLU A 1 47 ? 5.291   7.723   -6.286  1.00 18.72 ? 129 GLU A HG3  1 
ATOM   762  N N    . THR A 1 48 ? 0.564   7.733   -4.746  1.00 10.17 ? 130 THR A N    1 
ATOM   763  C CA   . THR A 1 48 ? -0.691  7.191   -4.240  1.00 9.71  ? 130 THR A CA   1 
ATOM   764  C C    . THR A 1 48 ? -1.249  6.232   -5.279  1.00 8.83  ? 130 THR A C    1 
ATOM   765  O O    . THR A 1 48 ? -1.223  6.528   -6.478  1.00 10.84 ? 130 THR A O    1 
ATOM   766  C CB   . THR A 1 48 ? -1.687  8.323   -3.955  1.00 11.85 ? 130 THR A CB   1 
ATOM   767  O OG1  . THR A 1 48 ? -1.152  9.153   -2.918  1.00 15.17 ? 130 THR A OG1  1 
ATOM   768  C CG2  . THR A 1 48 ? -3.037  7.784   -3.526  1.00 12.40 ? 130 THR A CG2  1 
ATOM   769  H H    . THR A 1 48 ? 0.465   8.172   -5.478  1.00 12.21 ? 130 THR A H    1 
ATOM   770  H HA   . THR A 1 48 ? -0.555  6.702   -3.413  1.00 11.65 ? 130 THR A HA   1 
ATOM   771  H HB   . THR A 1 48 ? -1.827  8.840   -4.764  1.00 14.22 ? 130 THR A HB   1 
ATOM   772  H HG1  . THR A 1 48 ? -1.678  9.789   -2.761  1.00 18.21 ? 130 THR A HG1  1 
ATOM   773  H HG21 . THR A 1 48 ? -3.590  8.505   -3.189  1.00 14.88 ? 130 THR A HG21 1 
ATOM   774  H HG22 . THR A 1 48 ? -3.484  7.371   -4.281  1.00 14.88 ? 130 THR A HG22 1 
ATOM   775  H HG23 . THR A 1 48 ? -2.922  7.121   -2.826  1.00 14.88 ? 130 THR A HG23 1 
ATOM   776  N N    . GLY A 1 49 ? -1.747  5.085   -4.844  1.00 8.28  ? 131 GLY A N    1 
ATOM   777  C CA   . GLY A 1 49 ? -2.307  4.132   -5.781  1.00 8.08  ? 131 GLY A CA   1 
ATOM   778  C C    . GLY A 1 49 ? -2.779  2.904   -5.037  1.00 7.14  ? 131 GLY A C    1 
ATOM   779  O O    . GLY A 1 49 ? -2.664  2.815   -3.810  1.00 7.62  ? 131 GLY A O    1 
ATOM   780  H H    . GLY A 1 49 ? -1.771  4.838   -4.020  1.00 9.93  ? 131 GLY A H    1 
ATOM   781  H HA2  . GLY A 1 49 ? -3.060  4.527   -6.248  1.00 9.69  ? 131 GLY A HA2  1 
ATOM   782  H HA3  . GLY A 1 49 ? -1.636  3.870   -6.430  1.00 9.69  ? 131 GLY A HA3  1 
ATOM   783  N N    . TYR A 1 50 ? -3.321  1.949   -5.783  1.00 7.38  ? 132 TYR A N    1 
ATOM   784  C CA   . TYR A 1 50 ? -3.878  0.755   -5.151  1.00 7.43  ? 132 TYR A CA   1 
ATOM   785  C C    . TYR A 1 50 ? -2.794  -0.262  -4.807  1.00 7.38  ? 132 TYR A C    1 
ATOM   786  O O    . TYR A 1 50 ? -1.838  -0.481  -5.566  1.00 8.49  ? 132 TYR A O    1 
ATOM   787  C CB   . TYR A 1 50 ? -4.911  0.105   -6.063  1.00 8.89  ? 132 TYR A CB   1 
ATOM   788  C CG   . TYR A 1 50 ? -6.190  0.899   -6.094  1.00 10.61 ? 132 TYR A CG   1 
ATOM   789  C CD1  . TYR A 1 50 ? -7.114  0.750   -5.081  1.00 11.05 ? 132 TYR A CD1  1 
ATOM   790  C CD2  . TYR A 1 50 ? -6.461  1.827   -7.085  1.00 14.21 ? 132 TYR A CD2  1 
ATOM   791  C CE1  . TYR A 1 50 ? -8.293  1.443   -5.064  1.00 13.98 ? 132 TYR A CE1  1 
ATOM   792  C CE2  . TYR A 1 50 ? -7.651  2.544   -7.078  1.00 18.01 ? 132 TYR A CE2  1 
ATOM   793  C CZ   . TYR A 1 50 ? -8.557  2.350   -6.059  1.00 17.78 ? 132 TYR A CZ   1 
ATOM   794  O OH   . TYR A 1 50 ? -9.734  3.057   -6.028  1.00 21.50 ? 132 TYR A OH   1 
ATOM   795  H H    . TYR A 1 50 ? -3.379  1.967   -6.641  1.00 8.86  ? 132 TYR A H    1 
ATOM   796  H HA   . TYR A 1 50 ? -4.307  1.019   -4.323  1.00 8.92  ? 132 TYR A HA   1 
ATOM   797  H HB2  . TYR A 1 50 ? -4.559  0.058   -6.965  1.00 10.67 ? 132 TYR A HB2  1 
ATOM   798  H HB3  . TYR A 1 50 ? -5.111  -0.786  -5.738  1.00 10.67 ? 132 TYR A HB3  1 
ATOM   799  H HD1  . TYR A 1 50 ? -6.929  0.159   -4.387  1.00 13.25 ? 132 TYR A HD1  1 
ATOM   800  H HD2  . TYR A 1 50 ? -5.840  1.972   -7.761  1.00 17.06 ? 132 TYR A HD2  1 
ATOM   801  H HE1  . TYR A 1 50 ? -8.910  1.300   -4.383  1.00 16.78 ? 132 TYR A HE1  1 
ATOM   802  H HE2  . TYR A 1 50 ? -7.834  3.153   -7.757  1.00 21.62 ? 132 TYR A HE2  1 
ATOM   803  H HH   . TYR A 1 50 ? -10.219 2.836   -6.677  1.00 25.80 ? 132 TYR A HH   1 
ATOM   804  N N    . ILE A 1 51 ? -2.996  -0.912  -3.661  1.00 7.26  ? 133 ILE A N    1 
ATOM   805  C CA   . ILE A 1 51 ? -2.152  -2.012  -3.217  1.00 7.50  ? 133 ILE A CA   1 
ATOM   806  C C    . ILE A 1 51 ? -3.047  -3.150  -2.746  1.00 7.27  ? 133 ILE A C    1 
ATOM   807  O O    . ILE A 1 51 ? -4.166  -2.927  -2.254  1.00 7.71  ? 133 ILE A O    1 
ATOM   808  C CB   . ILE A 1 51 ? -1.177  -1.600  -2.103  1.00 7.81  ? 133 ILE A CB   1 
ATOM   809  C CG1  . ILE A 1 51 ? -1.891  -1.182  -0.797  1.00 8.65  ? 133 ILE A CG1  1 
ATOM   810  C CG2  . ILE A 1 51 ? -0.256  -0.495  -2.609  1.00 8.53  ? 133 ILE A CG2  1 
ATOM   811  C CD1  . ILE A 1 51 ? -0.940  -0.937  0.345   1.00 10.82 ? 133 ILE A CD1  1 
ATOM   812  H H    . ILE A 1 51 ? -3.632  -0.728  -3.112  1.00 8.72  ? 133 ILE A H    1 
ATOM   813  H HA   . ILE A 1 51 ? -1.623  -2.306  -3.976  1.00 9.00  ? 133 ILE A HA   1 
ATOM   814  H HB   . ILE A 1 51 ? -0.653  -2.383  -1.877  1.00 9.37  ? 133 ILE A HB   1 
ATOM   815  H HG12 . ILE A 1 51 ? -2.383  -0.362  -0.956  1.00 10.38 ? 133 ILE A HG12 1 
ATOM   816  H HG13 . ILE A 1 51 ? -2.500  -1.889  -0.531  1.00 10.38 ? 133 ILE A HG13 1 
ATOM   817  H HG21 . ILE A 1 51 ? 0.456   -0.358  -1.964  1.00 10.24 ? 133 ILE A HG21 1 
ATOM   818  H HG22 . ILE A 1 51 ? 0.119   -0.763  -3.462  1.00 10.24 ? 133 ILE A HG22 1 
ATOM   819  H HG23 . ILE A 1 51 ? -0.768  0.321   -2.714  1.00 10.24 ? 133 ILE A HG23 1 
ATOM   820  H HD11 . ILE A 1 51 ? -1.450  -0.805  1.159   1.00 12.99 ? 133 ILE A HD11 1 
ATOM   821  H HD12 . ILE A 1 51 ? -0.357  -1.706  0.440   1.00 12.99 ? 133 ILE A HD12 1 
ATOM   822  H HD13 . ILE A 1 51 ? -0.413  -0.145  0.153   1.00 12.99 ? 133 ILE A HD13 1 
ATOM   823  N N    . PRO A 1 52 ? -2.583  -4.392  -2.867  1.00 7.41  ? 134 PRO A N    1 
ATOM   824  C CA   . PRO A 1 52 ? -3.359  -5.522  -2.331  1.00 8.02  ? 134 PRO A CA   1 
ATOM   825  C C    . PRO A 1 52 ? -3.241  -5.527  -0.810  1.00 7.65  ? 134 PRO A C    1 
ATOM   826  O O    . PRO A 1 52 ? -2.145  -5.564  -0.265  1.00 8.00  ? 134 PRO A O    1 
ATOM   827  C CB   . PRO A 1 52 ? -2.706  -6.745  -2.985  1.00 9.49  ? 134 PRO A CB   1 
ATOM   828  C CG   . PRO A 1 52 ? -1.355  -6.290  -3.416  1.00 10.57 ? 134 PRO A CG   1 
ATOM   829  C CD   . PRO A 1 52 ? -1.326  -4.821  -3.515  1.00 8.72  ? 134 PRO A CD   1 
ATOM   830  H HA   . PRO A 1 52 ? -4.292  -5.491  -2.594  1.00 9.62  ? 134 PRO A HA   1 
ATOM   831  H HB2  . PRO A 1 52 ? -2.638  -7.466  -2.339  1.00 11.39 ? 134 PRO A HB2  1 
ATOM   832  H HB3  . PRO A 1 52 ? -3.233  -7.030  -3.747  1.00 11.39 ? 134 PRO A HB3  1 
ATOM   833  H HG2  . PRO A 1 52 ? -0.703  -6.589  -2.761  1.00 12.69 ? 134 PRO A HG2  1 
ATOM   834  H HG3  . PRO A 1 52 ? -1.157  -6.682  -4.281  1.00 12.69 ? 134 PRO A HG3  1 
ATOM   835  H HD2  . PRO A 1 52 ? -0.558  -4.460  -3.045  1.00 10.46 ? 134 PRO A HD2  1 
ATOM   836  H HD3  . PRO A 1 52 ? -1.307  -4.540  -4.444  1.00 10.46 ? 134 PRO A HD3  1 
ATOM   837  N N    . SER A 1 53 ? -4.380  -5.497  -0.110  1.00 8.51  ? 135 SER A N    1 
ATOM   838  C CA   . SER A 1 53 ? -4.325  -5.301  1.337   1.00 8.94  ? 135 SER A CA   1 
ATOM   839  C C    . SER A 1 53 ? -3.695  -6.474  2.076   1.00 7.80  ? 135 SER A C    1 
ATOM   840  O O    . SER A 1 53 ? -3.190  -6.283  3.190   1.00 8.93  ? 135 SER A O    1 
ATOM   841  C CB   . SER A 1 53 ? -5.706  -5.023  1.914   1.00 10.99 ? 135 SER A CB   1 
ATOM   842  O OG   . SER A 1 53 ? -6.570  -6.107  1.688   1.00 12.49 ? 135 SER A OG   1 
ATOM   843  H H    . SER A 1 53 ? -5.169  -5.583  -0.440  1.00 10.21 ? 135 SER A H    1 
ATOM   844  H HA   . SER A 1 53 ? -3.776  -4.517  1.495   1.00 10.72 ? 135 SER A HA   1 
ATOM   845  H HB2  . SER A 1 53 ? -5.626  -4.879  2.870   1.00 13.19 ? 135 SER A HB2  1 
ATOM   846  H HB3  . SER A 1 53 ? -6.073  -4.233  1.489   1.00 13.19 ? 135 SER A HB3  1 
ATOM   847  H HG   . SER A 1 53 ? -6.651  -6.242  0.863   1.00 14.99 ? 135 SER A HG   1 
ATOM   848  N N    . ASN A 1 54 ? -3.703  -7.672  1.490   1.00 7.19  ? 136 ASN A N    1 
ATOM   849  C CA   . ASN A 1 54 ? -3.057  -8.800  2.155   1.00 7.16  ? 136 ASN A CA   1 
ATOM   850  C C    . ASN A 1 54 ? -1.532  -8.735  2.067   1.00 7.12  ? 136 ASN A C    1 
ATOM   851  O O    . ASN A 1 54 ? -0.846  -9.571  2.671   1.00 8.35  ? 136 ASN A O    1 
ATOM   852  C CB   . ASN A 1 54 ? -3.585  -10.146 1.648   1.00 7.85  ? 136 ASN A CB   1 
ATOM   853  C CG   . ASN A 1 54 ? -3.173  -10.441 0.228   1.00 8.73  ? 136 ASN A CG   1 
ATOM   854  O OD1  . ASN A 1 54 ? -3.286  -9.594  -0.662  1.00 9.98  ? 136 ASN A OD1  1 
ATOM   855  N ND2  . ASN A 1 54 ? -2.671  -11.643 0.010   1.00 10.67 ? 136 ASN A ND2  1 
ATOM   856  H H    . ASN A 1 54 ? -4.064  -7.851  0.731   1.00 8.63  ? 136 ASN A H    1 
ATOM   857  H HA   . ASN A 1 54 ? -3.297  -8.777  3.095   1.00 8.59  ? 136 ASN A HA   1 
ATOM   858  H HB2  . ASN A 1 54 ? -3.239  -10.854 2.214   1.00 9.42  ? 136 ASN A HB2  1 
ATOM   859  H HB3  . ASN A 1 54 ? -4.554  -10.137 1.683   1.00 9.42  ? 136 ASN A HB3  1 
ATOM   860  H HD21 . ASN A 1 54 ? -2.419  -11.868 -0.782  1.00 12.80 ? 136 ASN A HD21 1 
ATOM   861  H HD22 . ASN A 1 54 ? -2.598  -12.203 0.659   1.00 12.80 ? 136 ASN A HD22 1 
ATOM   862  N N    . TYR A 1 55 ? -0.984  -7.765  1.336   1.00 6.51  ? 137 TYR A N    1 
ATOM   863  C CA   . TYR A 1 55 ? 0.455   -7.600  1.254   1.00 6.61  ? 137 TYR A CA   1 
ATOM   864  C C    . TYR A 1 55 ? 1.005   -6.671  2.330   1.00 6.63  ? 137 TYR A C    1 
ATOM   865  O O    . TYR A 1 55 ? 2.221   -6.460  2.357   1.00 7.58  ? 137 TYR A O    1 
ATOM   866  C CB   . TYR A 1 55 ? 0.893   -7.075  -0.120  1.00 6.98  ? 137 TYR A CB   1 
ATOM   867  C CG   . TYR A 1 55 ? 1.013   -8.105  -1.216  1.00 6.86  ? 137 TYR A CG   1 
ATOM   868  C CD1  . TYR A 1 55 ? -0.040  -8.964  -1.540  1.00 7.25  ? 137 TYR A CD1  1 
ATOM   869  C CD2  . TYR A 1 55 ? 2.184   -8.204  -1.946  1.00 7.60  ? 137 TYR A CD2  1 
ATOM   870  C CE1  . TYR A 1 55 ? 0.084   -9.876  -2.586  1.00 8.31  ? 137 TYR A CE1  1 
ATOM   871  C CE2  . TYR A 1 55 ? 2.311   -9.112  -2.985  1.00 8.10  ? 137 TYR A CE2  1 
ATOM   872  C CZ   . TYR A 1 55 ? 1.262   -9.925  -3.300  1.00 8.72  ? 137 TYR A CZ   1 
ATOM   873  O OH   . TYR A 1 55 ? 1.403   -10.806 -4.364  1.00 11.19 ? 137 TYR A OH   1 
ATOM   874  H H    . TYR A 1 55 ? -1.432  -7.192  0.878   1.00 7.81  ? 137 TYR A H    1 
ATOM   875  H HA   . TYR A 1 55 ? 0.850   -8.480  1.363   1.00 7.93  ? 137 TYR A HA   1 
ATOM   876  H HB2  . TYR A 1 55 ? 0.243   -6.417  -0.414  1.00 8.37  ? 137 TYR A HB2  1 
ATOM   877  H HB3  . TYR A 1 55 ? 1.764   -6.658  -0.022  1.00 8.37  ? 137 TYR A HB3  1 
ATOM   878  H HD1  . TYR A 1 55 ? -0.831  -8.928  -1.053  1.00 8.70  ? 137 TYR A HD1  1 
ATOM   879  H HD2  . TYR A 1 55 ? 2.901   -7.650  -1.734  1.00 9.12  ? 137 TYR A HD2  1 
ATOM   880  H HE1  . TYR A 1 55 ? -0.620  -10.445 -2.799  1.00 9.97  ? 137 TYR A HE1  1 
ATOM   881  H HE2  . TYR A 1 55 ? 3.106   -9.167  -3.465  1.00 9.72  ? 137 TYR A HE2  1 
ATOM   882  H HH   . TYR A 1 55 ? 0.691   -11.240 -4.473  1.00 13.42 ? 137 TYR A HH   1 
ATOM   883  N N    . VAL A 1 56 ? 0.151   -6.104  3.194   1.00 6.49  ? 138 VAL A N    1 
ATOM   884  C CA   . VAL A 1 56 ? 0.620   -5.212  4.245   1.00 6.53  ? 138 VAL A CA   1 
ATOM   885  C C    . VAL A 1 56 ? 0.075   -5.662  5.596   1.00 6.69  ? 138 VAL A C    1 
ATOM   886  O O    . VAL A 1 56 ? -0.904  -6.412  5.684   1.00 7.64  ? 138 VAL A O    1 
ATOM   887  C CB   . VAL A 1 56 ? 0.242   -3.727  3.969   1.00 6.94  ? 138 VAL A CB   1 
ATOM   888  C CG1  . VAL A 1 56 ? 0.961   -3.212  2.743   1.00 7.77  ? 138 VAL A CG1  1 
ATOM   889  C CG2  . VAL A 1 56 ? -1.269  -3.534  3.844   1.00 7.93  ? 138 VAL A CG2  1 
ATOM   890  H H    . VAL A 1 56 ? -0.701  -6.228  3.185   1.00 7.79  ? 138 VAL A H    1 
ATOM   891  H HA   . VAL A 1 56 ? 1.586   -5.280  4.293   1.00 7.84  ? 138 VAL A HA   1 
ATOM   892  H HB   . VAL A 1 56 ? 0.529   -3.200  4.730   1.00 8.33  ? 138 VAL A HB   1 
ATOM   893  H HG11 . VAL A 1 56 ? 0.687   -2.296  2.577   1.00 9.32  ? 138 VAL A HG11 1 
ATOM   894  H HG12 . VAL A 1 56 ? 1.917   -3.248  2.899   1.00 9.32  ? 138 VAL A HG12 1 
ATOM   895  H HG13 . VAL A 1 56 ? 0.728   -3.768  1.983   1.00 9.32  ? 138 VAL A HG13 1 
ATOM   896  H HG21 . VAL A 1 56 ? -1.453  -2.602  3.650   1.00 9.52  ? 138 VAL A HG21 1 
ATOM   897  H HG22 . VAL A 1 56 ? -1.601  -4.093  3.123   1.00 9.52  ? 138 VAL A HG22 1 
ATOM   898  H HG23 . VAL A 1 56 ? -1.689  -3.788  4.680   1.00 9.52  ? 138 VAL A HG23 1 
ATOM   899  N N    . ALA A 1 57 ? 0.719   -5.160  6.640   1.00 7.18  ? 139 ALA A N    1 
ATOM   900  C CA   . ALA A 1 57 ? 0.295   -5.352  8.022   1.00 7.36  ? 139 ALA A CA   1 
ATOM   901  C C    . ALA A 1 57 ? 0.391   -4.012  8.731   1.00 7.09  ? 139 ALA A C    1 
ATOM   902  O O    . ALA A 1 57 ? 1.254   -3.194  8.404   1.00 7.59  ? 139 ALA A O    1 
ATOM   903  C CB   . ALA A 1 57 ? 1.197   -6.360  8.738   1.00 8.61  ? 139 ALA A CB   1 
ATOM   904  H H    . ALA A 1 57 ? 1.433   -4.686  6.572   1.00 8.62  ? 139 ALA A H    1 
ATOM   905  H HA   . ALA A 1 57 ? -0.620  -5.672  8.059   1.00 8.84  ? 139 ALA A HA   1 
ATOM   906  H HB1  . ALA A 1 57 ? 0.884   -6.473  9.648   1.00 10.34 ? 139 ALA A HB1  1 
ATOM   907  H HB2  . ALA A 1 57 ? 1.159   -7.208  8.267   1.00 10.34 ? 139 ALA A HB2  1 
ATOM   908  H HB3  . ALA A 1 57 ? 2.107   -6.023  8.739   1.00 10.34 ? 139 ALA A HB3  1 
ATOM   909  N N    . PRO A 1 58 ? -0.449  -3.784  9.747   1.00 7.72  ? 140 PRO A N    1 
ATOM   910  C CA   . PRO A 1 58 ? -0.320  -2.558  10.527  1.00 8.50  ? 140 PRO A CA   1 
ATOM   911  C C    . PRO A 1 58 ? 0.981   -2.579  11.278  1.00 9.32  ? 140 PRO A C    1 
ATOM   912  O O    . PRO A 1 58 ? 1.407   -3.616  11.794  1.00 10.86 ? 140 PRO A O    1 
ATOM   913  C CB   . PRO A 1 58 ? -1.531  -2.608  11.477  1.00 10.89 ? 140 PRO A CB   1 
ATOM   914  C CG   . PRO A 1 58 ? -2.013  -3.946  11.454  1.00 11.27 ? 140 PRO A CG   1 
ATOM   915  C CD   . PRO A 1 58 ? -1.535  -4.649  10.241  1.00 8.53  ? 140 PRO A CD   1 
ATOM   916  H HA   . PRO A 1 58 ? -0.388  -1.763  9.976   1.00 10.20 ? 140 PRO A HA   1 
ATOM   917  H HB2  . PRO A 1 58 ? -1.249  -2.363  12.372  1.00 13.06 ? 140 PRO A HB2  1 
ATOM   918  H HB3  . PRO A 1 58 ? -2.213  -1.994  11.164  1.00 13.06 ? 140 PRO A HB3  1 
ATOM   919  H HG2  . PRO A 1 58 ? -1.690  -4.405  12.246  1.00 13.52 ? 140 PRO A HG2  1 
ATOM   920  H HG3  . PRO A 1 58 ? -2.983  -3.923  11.456  1.00 13.52 ? 140 PRO A HG3  1 
ATOM   921  H HD2  . PRO A 1 58 ? -1.197  -5.531  10.465  1.00 10.24 ? 140 PRO A HD2  1 
ATOM   922  H HD3  . PRO A 1 58 ? -2.243  -4.722  9.583   1.00 10.24 ? 140 PRO A HD3  1 
ATOM   923  N N    . VAL A 1 59 ? 1.599   -1.413  11.374  1.00 10.30 ? 141 VAL A N    1 
ATOM   924  C CA   . VAL A 1 59 ? 2.811   -1.261  12.154  1.00 12.64 ? 141 VAL A CA   1 
ATOM   925  C C    . VAL A 1 59 ? 2.408   -1.183  13.619  1.00 14.96 ? 141 VAL A C    1 
ATOM   926  O O    . VAL A 1 59 ? 1.416   -0.527  13.971  1.00 17.20 ? 141 VAL A O    1 
ATOM   927  C CB   . VAL A 1 59 ? 3.580   -0.019  11.671  1.00 14.40 ? 141 VAL A CB   1 
ATOM   928  C CG1  . VAL A 1 59 ? 4.756   0.287   12.579  1.00 17.71 ? 141 VAL A CG1  1 
ATOM   929  C CG2  . VAL A 1 59 ? 4.051   -0.214  10.228  1.00 14.88 ? 141 VAL A CG2  1 
ATOM   930  H H    . VAL A 1 59 ? 1.333   -0.689  10.992  1.00 12.36 ? 141 VAL A H    1 
ATOM   931  H HA   . VAL A 1 59 ? 3.403   -2.023  12.047  1.00 15.17 ? 141 VAL A HA   1 
ATOM   932  H HB   . VAL A 1 59 ? 2.982   0.744   11.702  1.00 17.28 ? 141 VAL A HB   1 
ATOM   933  H HG11 . VAL A 1 59 ? 5.314   0.960   12.157  1.00 21.26 ? 141 VAL A HG11 1 
ATOM   934  H HG12 . VAL A 1 59 ? 4.423   0.619   13.426  1.00 21.26 ? 141 VAL A HG12 1 
ATOM   935  H HG13 . VAL A 1 59 ? 5.267   -0.525  12.719  1.00 21.26 ? 141 VAL A HG13 1 
ATOM   936  H HG21 . VAL A 1 59 ? 4.572   0.559   9.958   1.00 17.86 ? 141 VAL A HG21 1 
ATOM   937  H HG22 . VAL A 1 59 ? 4.596   -1.014  10.178  1.00 17.86 ? 141 VAL A HG22 1 
ATOM   938  H HG23 . VAL A 1 59 ? 3.275   -0.306  9.652   1.00 17.86 ? 141 VAL A HG23 1 
ATOM   939  N N    . ASP A 1 60 ? 3.127   -1.910  14.471  1.00 17.02 ? 142 ASP A N    1 
ATOM   940  C CA   . ASP A 1 60 ? 2.868   -1.882  15.906  1.00 20.34 ? 142 ASP A CA   1 
ATOM   941  C C    . ASP A 1 60 ? 2.926   -0.447  16.413  1.00 23.04 ? 142 ASP A C    1 
ATOM   942  O O    . ASP A 1 60 ? 3.743   0.345   15.947  1.00 23.66 ? 142 ASP A O    1 
ATOM   943  C CB   . ASP A 1 60 ? 3.910   -2.699  16.671  1.00 22.04 ? 142 ASP A CB   1 
ATOM   944  C CG   . ASP A 1 60 ? 3.663   -4.198  16.614  1.00 23.73 ? 142 ASP A CG   1 
ATOM   945  O OD1  . ASP A 1 60 ? 2.691   -4.645  15.973  1.00 23.49 ? 142 ASP A OD1  1 
ATOM   946  O OD2  . ASP A 1 60 ? 4.461   -4.934  17.234  1.00 26.41 ? 142 ASP A OD2  1 
ATOM   947  H H    . ASP A 1 60 ? 3.772   -2.430  14.241  1.00 20.42 ? 142 ASP A H    1 
ATOM   948  H HA   . ASP A 1 60 ? 1.992   -2.264  16.071  1.00 24.41 ? 142 ASP A HA   1 
ATOM   949  H HB2  . ASP A 1 60 ? 4.785   -2.528  16.291  1.00 26.44 ? 142 ASP A HB2  1 
ATOM   950  H HB3  . ASP A 1 60 ? 3.895   -2.431  17.604  1.00 26.44 ? 142 ASP A HB3  1 
HETATM 951  C C1   . PGE B 2 .  ? -7.942  4.378   6.422   1.00 22.68 ? 201 PGE A C1   1 
HETATM 952  O O1   . PGE B 2 .  ? -7.772  5.733   6.820   1.00 24.45 ? 201 PGE A O1   1 
HETATM 953  C C2   . PGE B 2 .  ? -6.850  3.551   7.074   1.00 21.07 ? 201 PGE A C2   1 
HETATM 954  O O2   . PGE B 2 .  ? -7.204  3.250   8.406   1.00 18.20 ? 201 PGE A O2   1 
HETATM 955  C C3   . PGE B 2 .  ? -6.305  2.377   9.056   1.00 16.22 ? 201 PGE A C3   1 
HETATM 956  C C4   . PGE B 2 .  ? -6.727  2.229   10.496  1.00 15.77 ? 201 PGE A C4   1 
HETATM 957  O O4   . PGE B 2 .  ? -5.537  4.711   13.464  1.00 15.48 ? 201 PGE A O4   1 
HETATM 958  C C6   . PGE B 2 .  ? -6.894  4.789   13.071  1.00 14.03 ? 201 PGE A C6   1 
HETATM 959  C C5   . PGE B 2 .  ? -7.254  3.524   12.346  1.00 13.55 ? 201 PGE A C5   1 
HETATM 960  O O3   . PGE B 2 .  ? -6.563  3.477   11.115  1.00 15.38 ? 201 PGE A O3   1 
HETATM 961  H H1   . PGE B 2 .  ? -8.916  3.977   6.738   1.00 27.21 ? 201 PGE A H1   1 
HETATM 962  H H12  . PGE B 2 .  ? -7.865  4.257   5.332   1.00 27.21 ? 201 PGE A H12  1 
HETATM 963  H HO1  . PGE B 2 .  ? -8.435  6.262   6.355   1.00 29.35 ? 201 PGE A HO1  1 
HETATM 964  H H2   . PGE B 2 .  ? -6.705  2.625   6.491   1.00 25.29 ? 201 PGE A H2   1 
HETATM 965  H H22  . PGE B 2 .  ? -5.904  4.118   7.041   1.00 25.29 ? 201 PGE A H22  1 
HETATM 966  H H3   . PGE B 2 .  ? -6.302  1.384   8.577   1.00 19.46 ? 201 PGE A H3   1 
HETATM 967  H H32  . PGE B 2 .  ? -5.275  2.771   9.020   1.00 19.46 ? 201 PGE A H32  1 
HETATM 968  H H4   . PGE B 2 .  ? -7.778  1.895   10.542  1.00 18.92 ? 201 PGE A H4   1 
HETATM 969  H H42  . PGE B 2 .  ? -6.108  1.457   10.985  1.00 18.92 ? 201 PGE A H42  1 
HETATM 970  H HO4  . PGE B 2 .  ? -5.407  5.352   14.176  1.00 18.57 ? 201 PGE A HO4  1 
HETATM 971  H H6   . PGE B 2 .  ? -7.075  5.643   12.397  1.00 16.84 ? 201 PGE A H6   1 
HETATM 972  H H62  . PGE B 2 .  ? -7.565  4.898   13.940  1.00 16.84 ? 201 PGE A H62  1 
HETATM 973  H H5   . PGE B 2 .  ? -6.991  2.662   12.980  1.00 16.26 ? 201 PGE A H5   1 
HETATM 974  H H52  . PGE B 2 .  ? -8.346  3.501   12.187  1.00 16.26 ? 201 PGE A H52  1 
HETATM 975  O O    . HOH C 3 .  ? -11.226 2.563   -3.921  1.00 31.31 ? 301 HOH A O    1 
HETATM 976  O O    . HOH C 3 .  ? -0.329  -12.666 -4.735  1.00 12.42 ? 302 HOH A O    1 
HETATM 977  O O    . HOH C 3 .  ? 5.058   4.219   -5.301  1.00 17.35 ? 303 HOH A O    1 
HETATM 978  O O    . HOH C 3 .  ? 5.046   2.079   -3.695  1.00 13.77 ? 304 HOH A O    1 
HETATM 979  O O    . HOH C 3 .  ? -8.690  5.702   9.315   1.00 37.09 ? 305 HOH A O    1 
HETATM 980  O O    . HOH C 3 .  ? -2.710  5.071   7.360   1.00 17.34 ? 306 HOH A O    1 
HETATM 981  O O    . HOH C 3 .  ? -0.454  -11.928 3.880   1.00 8.18  ? 307 HOH A O    1 
HETATM 982  O O    . HOH C 3 .  ? 2.493   -8.468  -9.673  1.00 23.40 ? 308 HOH A O    1 
HETATM 983  O O    . HOH C 3 .  ? -2.578  11.393  -2.554  1.00 27.09 ? 309 HOH A O    1 
HETATM 984  O O    . HOH C 3 .  ? 1.138   1.376   -12.043 1.00 17.44 ? 310 HOH A O    1 
HETATM 985  O O    . HOH C 3 .  ? 13.175  -9.068  -2.189  1.00 12.36 ? 311 HOH A O    1 
HETATM 986  O O    . HOH C 3 .  ? 9.925   -12.092 6.371   1.00 25.45 ? 312 HOH A O    1 
HETATM 987  O O    . HOH C 3 .  ? 5.256   -3.394  13.752  1.00 37.72 ? 313 HOH A O    1 
HETATM 988  O O    . HOH C 3 .  ? 5.945   -11.067 -4.150  1.00 14.67 ? 314 HOH A O    1 
HETATM 989  O O    . HOH C 3 .  ? -5.085  0.855   14.412  1.00 9.76  ? 315 HOH A O    1 
HETATM 990  O O    . HOH C 3 .  ? -11.320 2.821   7.434   1.00 24.98 ? 316 HOH A O    1 
HETATM 991  O O    . HOH C 3 .  ? 10.316  -10.617 -4.953  1.00 9.24  ? 317 HOH A O    1 
HETATM 992  O O    . HOH C 3 .  ? 8.647   -11.549 2.309   1.00 26.49 ? 318 HOH A O    1 
HETATM 993  O O    . HOH C 3 .  ? 13.137  -4.978  0.945   1.00 28.77 ? 319 HOH A O    1 
HETATM 994  O O    . HOH C 3 .  ? 0.619   11.002  -4.302  1.00 29.76 ? 320 HOH A O    1 
HETATM 995  O O    . HOH C 3 .  ? 3.710   -11.003 -5.808  1.00 13.99 ? 321 HOH A O    1 
HETATM 996  O O    . HOH C 3 .  ? 12.705  -5.932  -1.446  1.00 23.63 ? 322 HOH A O    1 
HETATM 997  O O    . HOH C 3 .  ? 10.020  -1.055  7.399   1.00 29.96 ? 323 HOH A O    1 
HETATM 998  O O    . HOH C 3 .  ? 7.569   3.956   -8.290  1.00 32.40 ? 324 HOH A O    1 
HETATM 999  O O    . HOH C 3 .  ? 5.959   2.457   -7.216  1.00 20.23 ? 325 HOH A O    1 
HETATM 1000 O O    . HOH C 3 .  ? -0.667  -6.605  -16.380 1.00 38.25 ? 326 HOH A O    1 
HETATM 1001 O O    . HOH C 3 .  ? -11.017 7.588   2.299   1.00 13.46 ? 327 HOH A O    1 
HETATM 1002 O O    . HOH C 3 .  ? -7.979  9.667   3.461   1.00 33.69 ? 328 HOH A O    1 
HETATM 1003 O O    . HOH C 3 .  ? 8.771   3.412   3.345   1.00 11.37 ? 329 HOH A O    1 
HETATM 1004 O O    . HOH C 3 .  ? -1.651  -8.694  7.067   1.00 10.53 ? 330 HOH A O    1 
HETATM 1005 O O    . HOH C 3 .  ? -9.710  2.052   -1.693  1.00 17.12 ? 331 HOH A O    1 
HETATM 1006 O O    . HOH C 3 .  ? 3.688   -5.206  11.606  1.00 32.81 ? 332 HOH A O    1 
HETATM 1007 O O    . HOH C 3 .  ? -13.048 -2.500  2.349   1.00 27.55 ? 333 HOH A O    1 
HETATM 1008 O O    . HOH C 3 .  ? 7.008   -10.854 5.609   1.00 23.16 ? 334 HOH A O    1 
HETATM 1009 O O    . HOH C 3 .  ? 11.899  -1.501  1.540   1.00 34.72 ? 335 HOH A O    1 
HETATM 1010 O O    . HOH C 3 .  ? -5.009  5.687   10.240  1.00 13.80 ? 336 HOH A O    1 
HETATM 1011 O O    . HOH C 3 .  ? -2.889  -4.747  -17.258 1.00 39.47 ? 337 HOH A O    1 
HETATM 1012 O O    . HOH C 3 .  ? 8.258   -6.342  6.238   1.00 19.30 ? 338 HOH A O    1 
HETATM 1013 O O    . HOH C 3 .  ? -10.657 -0.273  -0.253  1.00 18.34 ? 339 HOH A O    1 
HETATM 1014 O O    . HOH C 3 .  ? -4.391  -6.045  5.786   1.00 23.23 ? 340 HOH A O    1 
HETATM 1015 O O    . HOH C 3 .  ? 12.237  4.695   2.284   1.00 32.17 ? 341 HOH A O    1 
HETATM 1016 O O    . HOH C 3 .  ? -11.135 4.370   4.207   1.00 23.55 ? 342 HOH A O    1 
HETATM 1017 O O    . HOH C 3 .  ? 0.459   9.374   -7.107  1.00 20.32 ? 343 HOH A O    1 
HETATM 1018 O O    . HOH C 3 .  ? 8.353   -4.348  -6.921  1.00 28.92 ? 344 HOH A O    1 
HETATM 1019 O O    . HOH C 3 .  ? 10.526  1.660   4.415   1.00 21.77 ? 345 HOH A O    1 
HETATM 1020 O O    . HOH C 3 .  ? -4.544  -0.376  -16.301 1.00 22.66 ? 346 HOH A O    1 
HETATM 1021 O O    . HOH C 3 .  ? 10.789  0.331   -0.840  1.00 28.30 ? 347 HOH A O    1 
HETATM 1022 O O    . HOH C 3 .  ? 1.338   3.005   12.930  1.00 26.47 ? 348 HOH A O    1 
HETATM 1023 O O    . HOH C 3 .  ? 4.226   2.046   -9.121  1.00 25.83 ? 349 HOH A O    1 
HETATM 1024 O O    . HOH C 3 .  ? 8.833   -10.563 -1.059  1.00 10.59 ? 350 HOH A O    1 
HETATM 1025 O O    . HOH C 3 .  ? -10.962 -3.611  -3.758  1.00 29.79 ? 351 HOH A O    1 
HETATM 1026 O O    . HOH C 3 .  ? -8.846  -0.245  8.923   1.00 19.89 ? 352 HOH A O    1 
HETATM 1027 O O    . HOH C 3 .  ? -2.072  -13.015 -2.535  1.00 18.33 ? 353 HOH A O    1 
HETATM 1028 O O    . HOH C 3 .  ? 12.795  -11.262 1.952   1.00 15.81 ? 354 HOH A O    1 
HETATM 1029 O O    . HOH C 3 .  ? 4.398   -9.124  -7.795  1.00 14.47 ? 355 HOH A O    1 
HETATM 1030 O O    . HOH C 3 .  ? -4.980  6.528   7.696   1.00 22.22 ? 356 HOH A O    1 
HETATM 1031 O O    . HOH C 3 .  ? -6.343  -8.943  -0.203  1.00 35.67 ? 357 HOH A O    1 
HETATM 1032 O O    . HOH C 3 .  ? 9.339   -1.840  -7.015  1.00 25.80 ? 358 HOH A O    1 
HETATM 1033 O O    . HOH C 3 .  ? 10.673  -5.844  6.351   1.00 35.17 ? 359 HOH A O    1 
HETATM 1034 O O    . HOH C 3 .  ? -10.077 5.230   11.663  1.00 28.50 ? 360 HOH A O    1 
HETATM 1035 O O    . HOH C 3 .  ? -5.282  -9.887  4.571   1.00 14.08 ? 361 HOH A O    1 
HETATM 1036 O O    . HOH C 3 .  ? 9.528   5.265   5.193   1.00 25.67 ? 362 HOH A O    1 
HETATM 1037 O O    . HOH C 3 .  ? 7.877   -8.870  7.298   1.00 28.98 ? 363 HOH A O    1 
HETATM 1038 O O    . HOH C 3 .  ? -9.652  -0.927  -7.999  1.00 43.92 ? 364 HOH A O    1 
HETATM 1039 O O    . HOH C 3 .  ? -10.446 1.315   10.863  1.00 23.33 ? 365 HOH A O    1 
HETATM 1040 O O    . HOH C 3 .  ? 0.956   -10.417 9.911   1.00 23.78 ? 366 HOH A O    1 
# 
loop_
_atom_site_anisotrop.id 
_atom_site_anisotrop.type_symbol 
_atom_site_anisotrop.pdbx_label_atom_id 
_atom_site_anisotrop.pdbx_label_alt_id 
_atom_site_anisotrop.pdbx_label_comp_id 
_atom_site_anisotrop.pdbx_label_asym_id 
_atom_site_anisotrop.pdbx_label_seq_id 
_atom_site_anisotrop.pdbx_PDB_ins_code 
_atom_site_anisotrop.U[1][1] 
_atom_site_anisotrop.U[2][2] 
_atom_site_anisotrop.U[3][3] 
_atom_site_anisotrop.U[1][2] 
_atom_site_anisotrop.U[1][3] 
_atom_site_anisotrop.U[2][3] 
_atom_site_anisotrop.pdbx_auth_seq_id 
_atom_site_anisotrop.pdbx_auth_comp_id 
_atom_site_anisotrop.pdbx_auth_asym_id 
_atom_site_anisotrop.pdbx_auth_atom_id 
1    N N   . VAL A 2  ? 0.1353 0.1659 0.2562 0.0245  -0.0574 -0.1105 84  VAL A N   
2    C CA  . VAL A 2  ? 0.1765 0.1370 0.2345 0.0193  -0.0733 -0.0803 84  VAL A CA  
3    C C   . VAL A 2  ? 0.1540 0.1317 0.1468 0.0066  -0.0588 -0.0544 84  VAL A C   
4    O O   . VAL A 2  ? 0.2072 0.1609 0.1867 0.0072  -0.0950 -0.0582 84  VAL A O   
5    C CB  . VAL A 2  ? 0.2449 0.1478 0.3045 -0.0022 -0.0929 -0.0367 84  VAL A CB  
6    C CG1 . VAL A 2  ? 0.2740 0.1680 0.3670 0.0123  -0.0837 0.0004  84  VAL A CG1 
7    C CG2 . VAL A 2  ? 0.2853 0.1498 0.2735 -0.0418 -0.1138 -0.0402 84  VAL A CG2 
17   N N   . THR A 3  ? 0.1036 0.1135 0.0997 -0.0072 -0.0119 -0.0223 85  THR A N   
18   C CA  . THR A 3  ? 0.1068 0.1172 0.0910 -0.0108 -0.0007 -0.0116 85  THR A CA  
19   C C   . THR A 3  ? 0.1226 0.1037 0.0871 -0.0147 -0.0035 -0.0147 85  THR A C   
20   O O   . THR A 3  ? 0.1466 0.1440 0.0939 -0.0035 -0.0052 -0.0138 85  THR A O   
21   C CB  . THR A 3  ? 0.1251 0.1220 0.1099 -0.0140 0.0148  -0.0062 85  THR A CB  
22   O OG1 . THR A 3  ? 0.1452 0.1313 0.1275 -0.0087 0.0343  0.0045  85  THR A OG1 
23   C CG2 . THR A 3  ? 0.1447 0.1213 0.1258 -0.0024 0.0198  0.0045  85  THR A CG2 
31   N N   . LEU A 4  ? 0.1201 0.1142 0.1020 -0.0179 0.0030  -0.0251 86  LEU A N   
32   C CA  . LEU A 4  ? 0.1213 0.1205 0.1060 -0.0245 0.0138  -0.0315 86  LEU A CA  
33   C C   . LEU A 4  ? 0.1002 0.1102 0.0949 -0.0173 0.0053  -0.0193 86  LEU A C   
34   O O   . LEU A 4  ? 0.1260 0.1173 0.0889 -0.0102 0.0038  -0.0141 86  LEU A O   
35   C CB  . LEU A 4  ? 0.1223 0.1489 0.1340 -0.0404 0.0169  -0.0470 86  LEU A CB  
36   C CG  . LEU A 4  ? 0.1618 0.1582 0.1332 -0.0566 0.0097  -0.0557 86  LEU A CG  
37   C CD1 . LEU A 4  ? 0.1695 0.1867 0.1484 -0.0707 0.0136  -0.0486 86  LEU A CD1 
38   C CD2 . LEU A 4  ? 0.1849 0.1438 0.1781 -0.0488 -0.0091 -0.0328 86  LEU A CD2 
50   N N   . PHE A 5  ? 0.0944 0.0964 0.0986 -0.0089 0.0030  -0.0095 87  PHE A N   
51   C CA  . PHE A 5  ? 0.0945 0.0961 0.0856 -0.0014 -0.0040 -0.0045 87  PHE A CA  
52   C C   . PHE A 5  ? 0.0904 0.0996 0.0832 -0.0045 -0.0026 -0.0028 87  PHE A C   
53   O O   . PHE A 5  ? 0.1037 0.1089 0.1351 0.0098  0.0263  0.0172  87  PHE A O   
54   C CB  . PHE A 5  ? 0.0943 0.0955 0.0865 -0.0016 -0.0033 -0.0058 87  PHE A CB  
55   C CG  . PHE A 5  ? 0.0870 0.1000 0.0820 -0.0019 -0.0123 -0.0045 87  PHE A CG  
56   C CD1 . PHE A 5  ? 0.0892 0.1033 0.1046 -0.0009 -0.0089 -0.0117 87  PHE A CD1 
57   C CD2 . PHE A 5  ? 0.0922 0.1023 0.0926 -0.0034 -0.0149 -0.0004 87  PHE A CD2 
58   C CE1 . PHE A 5  ? 0.0892 0.1256 0.1135 0.0020  -0.0069 -0.0210 87  PHE A CE1 
59   C CE2 . PHE A 5  ? 0.0978 0.1199 0.0926 -0.0167 -0.0184 0.0116  87  PHE A CE2 
60   C CZ  . PHE A 5  ? 0.0931 0.1366 0.0916 -0.0070 -0.0085 -0.0022 87  PHE A CZ  
70   N N   . VAL A 6  ? 0.0861 0.0896 0.0871 -0.0025 -0.0060 -0.0074 88  VAL A N   
71   C CA  . VAL A 6  ? 0.0884 0.0964 0.0925 -0.0046 -0.0124 -0.0089 88  VAL A CA  
72   C C   . VAL A 6  ? 0.0749 0.0880 0.0829 0.0038  -0.0180 0.0017  88  VAL A C   
73   O O   . VAL A 6  ? 0.0860 0.0949 0.0856 -0.0057 -0.0121 -0.0043 88  VAL A O   
74   C CB  . VAL A 6  ? 0.1007 0.1363 0.1005 -0.0029 -0.0251 -0.0124 88  VAL A CB  
75   C CG1 . VAL A 6  ? 0.1266 0.1678 0.0985 -0.0024 -0.0367 0.0124  88  VAL A CG1 
76   C CG2 . VAL A 6  ? 0.0952 0.1544 0.1148 0.0080  -0.0359 -0.0108 88  VAL A CG2 
86   N N   . ALA A 7  ? 0.0813 0.0837 0.0835 -0.0014 -0.0123 -0.0032 89  ALA A N   
87   C CA  . ALA A 7  ? 0.0784 0.0842 0.0897 0.0068  -0.0166 -0.0031 89  ALA A CA  
88   C C   . ALA A 7  ? 0.0892 0.0946 0.0823 0.0076  -0.0157 -0.0056 89  ALA A C   
89   O O   . ALA A 7  ? 0.0850 0.0983 0.1164 0.0089  -0.0317 -0.0004 89  ALA A O   
90   C CB  . ALA A 7  ? 0.0830 0.0914 0.0915 0.0097  -0.0169 -0.0018 89  ALA A CB  
96   N N   . LEU A 8  ? 0.0894 0.0830 0.0963 0.0093  -0.0129 0.0004  90  LEU A N   
97   C CA  . LEU A 8  ? 0.1071 0.0861 0.0954 0.0141  -0.0090 0.0022  90  LEU A CA  
98   C C   . LEU A 8  ? 0.0997 0.0867 0.1035 0.0144  -0.0057 -0.0025 90  LEU A C   
99   O O   . LEU A 8  ? 0.1185 0.0975 0.1154 0.0239  -0.0076 0.0070  90  LEU A O   
100  C CB  . LEU A 8  ? 0.1268 0.0835 0.1081 0.0113  0.0078  0.0008  90  LEU A CB  
101  C CG  . LEU A 8  ? 0.1256 0.0988 0.1097 0.0152  0.0087  0.0030  90  LEU A CG  
102  C CD1 . LEU A 8  ? 0.1496 0.1085 0.1618 -0.0034 0.0467  -0.0028 90  LEU A CD1 
103  C CD2 . LEU A 8  ? 0.1466 0.1606 0.1138 0.0250  0.0051  0.0045  90  LEU A CD2 
115  N N   . TYR A 9  ? 0.0931 0.0856 0.0998 0.0162  -0.0090 -0.0012 91  TYR A N   
116  C CA  . TYR A 9  ? 0.0873 0.0872 0.0961 0.0088  -0.0032 -0.0028 91  TYR A CA  
117  C C   . TYR A 9  ? 0.0888 0.0918 0.0962 0.0114  -0.0054 -0.0027 91  TYR A C   
118  O O   . TYR A 9  ? 0.0976 0.0965 0.1090 0.0217  0.0004  0.0041  91  TYR A O   
119  C CB  . TYR A 9  ? 0.1012 0.0991 0.1123 0.0048  0.0079  -0.0145 91  TYR A CB  
120  C CG  . TYR A 9  ? 0.1021 0.0895 0.1151 0.0079  0.0038  -0.0128 91  TYR A CG  
121  C CD1 . TYR A 9  ? 0.0939 0.0900 0.1477 0.0201  0.0021  0.0033  91  TYR A CD1 
122  C CD2 . TYR A 9  ? 0.1038 0.0903 0.1025 0.0127  -0.0015 -0.0032 91  TYR A CD2 
123  C CE1 . TYR A 9  ? 0.1056 0.0889 0.1404 0.0192  -0.0064 0.0138  91  TYR A CE1 
124  C CE2 . TYR A 9  ? 0.0911 0.0921 0.1046 0.0080  -0.0005 -0.0007 91  TYR A CE2 
125  C CZ  . TYR A 9  ? 0.0996 0.0834 0.1205 0.0150  -0.0054 0.0028  91  TYR A CZ  
126  O OH  . TYR A 9  ? 0.1066 0.0924 0.1232 0.0156  0.0029  0.0171  91  TYR A OH  
136  N N   . ASP A 10 ? 0.0857 0.0948 0.1033 0.0146  -0.0042 0.0010  92  ASP A N   
137  C CA  . ASP A 10 ? 0.0914 0.0974 0.0934 0.0143  -0.0034 -0.0018 92  ASP A CA  
138  C C   . ASP A 10 ? 0.0954 0.0941 0.1052 0.0158  -0.0034 -0.0091 92  ASP A C   
139  O O   . ASP A 10 ? 0.1013 0.1001 0.1254 0.0111  -0.0158 -0.0048 92  ASP A O   
140  C CB  . ASP A 10 ? 0.0971 0.1071 0.1048 0.0181  0.0032  -0.0004 92  ASP A CB  
141  C CG  . ASP A 10 ? 0.0926 0.1124 0.1055 0.0189  0.0049  0.0042  92  ASP A CG  
142  O OD1 . ASP A 10 ? 0.0953 0.1267 0.1331 0.0193  -0.0093 -0.0239 92  ASP A OD1 
143  O OD2 . ASP A 10 ? 0.0979 0.1192 0.1288 0.0240  0.0069  -0.0005 92  ASP A OD2 
148  N N   . TYR A 11 ? 0.0966 0.0992 0.0924 0.0098  -0.0124 -0.0035 93  TYR A N   
149  C CA  . TYR A 11 ? 0.1080 0.1090 0.0903 0.0102  -0.0093 -0.0052 93  TYR A CA  
150  C C   . TYR A 11 ? 0.1009 0.1361 0.0908 0.0125  -0.0092 -0.0098 93  TYR A C   
151  O O   . TYR A 11 ? 0.1355 0.1337 0.0931 -0.0007 -0.0059 0.0058  93  TYR A O   
152  C CB  . TYR A 11 ? 0.0991 0.1224 0.0879 0.0117  -0.0077 0.0047  93  TYR A CB  
153  C CG  . TYR A 11 ? 0.1071 0.1522 0.0877 0.0047  -0.0117 0.0101  93  TYR A CG  
154  C CD1 . TYR A 11 ? 0.1364 0.1595 0.1066 -0.0034 -0.0241 0.0141  93  TYR A CD1 
155  C CD2 . TYR A 11 ? 0.1096 0.1492 0.0955 0.0152  -0.0083 0.0102  93  TYR A CD2 
156  C CE1 . TYR A 11 ? 0.1431 0.1532 0.1565 -0.0098 -0.0205 0.0025  93  TYR A CE1 
157  C CE2 . TYR A 11 ? 0.1239 0.1630 0.1078 0.0093  -0.0177 0.0060  93  TYR A CE2 
158  C CZ  . TYR A 11 ? 0.1269 0.1587 0.1094 -0.0022 -0.0319 0.0053  93  TYR A CZ  
159  O OH  . TYR A 11 ? 0.1714 0.1833 0.1621 -0.0169 -0.0624 0.0190  93  TYR A OH  
169  N N   . GLU A 12 ? 0.1193 0.1673 0.0841 0.0159  -0.0080 -0.0093 94  GLU A N   
170  C CA  . GLU A 12 ? 0.1261 0.2211 0.0872 0.0062  -0.0030 0.0046  94  GLU A CA  
171  C C   . GLU A 12 ? 0.1435 0.2189 0.0835 -0.0113 -0.0009 0.0119  94  GLU A C   
172  O O   . GLU A 12 ? 0.1569 0.2156 0.1010 -0.0173 -0.0193 0.0252  94  GLU A O   
173  C CB  . GLU A 12 ? 0.1670 0.2512 0.1160 0.0268  0.0142  -0.0101 94  GLU A CB  
174  C CG  . GLU A 12 ? 0.2738 0.2873 0.1927 0.0022  0.0176  0.0048  94  GLU A CG  
175  C CD  . GLU A 12 ? 0.3368 0.3029 0.2311 -0.0031 0.0292  0.0119  94  GLU A CD  
176  O OE1 . GLU A 12 ? 0.3269 0.3160 0.3079 0.0010  0.0328  0.0191  94  GLU A OE1 
177  O OE2 . GLU A 12 ? 0.3697 0.3139 0.2709 -0.0163 0.0212  0.0198  94  GLU A OE2 
184  N N   . ALA A 13 ? 0.1340 0.2107 0.0869 0.0078  -0.0148 0.0020  95  ALA A N   
185  C CA  . ALA A 13 ? 0.1528 0.2136 0.0995 -0.0009 -0.0116 0.0042  95  ALA A CA  
186  C C   . ALA A 13 ? 0.1609 0.1895 0.0868 -0.0040 -0.0188 0.0158  95  ALA A C   
187  O O   . ALA A 13 ? 0.1643 0.1994 0.0911 -0.0134 -0.0180 -0.0039 95  ALA A O   
188  C CB  . ALA A 13 ? 0.1760 0.1986 0.1241 0.0091  -0.0282 -0.0113 95  ALA A CB  
194  N N   . ARG A 14 ? 0.1512 0.1853 0.1338 -0.0094 -0.0377 0.0176  96  ARG A N   
195  C CA  . ARG A 14 ? 0.1904 0.1817 0.1980 -0.0128 -0.0821 0.0114  96  ARG A CA  
196  C C   . ARG A 14 ? 0.1414 0.2013 0.1204 -0.0356 -0.0330 0.0123  96  ARG A C   
197  O O   . ARG A 14 ? 0.1782 0.2047 0.1182 -0.0349 -0.0254 0.0039  96  ARG A O   
198  C CB  . ARG A 14 ? 0.2591 0.1897 0.2490 -0.0224 -0.1067 0.0218  96  ARG A CB  
199  C CG  . ARG A 14 ? 0.2904 0.1961 0.2307 -0.0413 -0.0951 0.0235  96  ARG A CG  
200  C CD  . ARG A 14 ? 0.2912 0.2050 0.2394 -0.0414 -0.0796 0.0342  96  ARG A CD  
201  N NE  . ARG A 14 ? 0.2947 0.2212 0.2483 -0.0523 -0.0672 0.0443  96  ARG A NE  
202  C CZ  . ARG A 14 ? 0.3196 0.2325 0.2881 -0.0619 -0.0715 0.0580  96  ARG A CZ  
203  N NH1 . ARG A 14 ? 0.3355 0.2555 0.3358 -0.0757 -0.0623 0.0640  96  ARG A NH1 
204  N NH2 . ARG A 14 ? 0.3349 0.2290 0.3107 -0.0566 -0.0805 0.0774  96  ARG A NH2 
218  N N   . THR A 15 ? 0.1451 0.1852 0.0916 -0.0223 -0.0285 0.0104  97  THR A N   
219  C CA  . THR A 15 ? 0.1319 0.2116 0.0955 -0.0193 -0.0204 0.0302  97  THR A CA  
220  C C   . THR A 15 ? 0.1203 0.1956 0.0939 -0.0125 -0.0142 0.0145  97  THR A C   
221  O O   . THR A 15 ? 0.1277 0.1953 0.1706 -0.0141 -0.0209 0.0069  97  THR A O   
222  C CB  . THR A 15 ? 0.1468 0.2506 0.1493 -0.0274 -0.0034 0.0505  97  THR A CB  
223  O OG1 . THR A 15 ? 0.1841 0.2778 0.1378 -0.0117 0.0309  0.0350  97  THR A OG1 
224  C CG2 . THR A 15 ? 0.1581 0.2624 0.2248 -0.0459 -0.0026 0.0633  97  THR A CG2 
232  N N   . GLU A 16 ? 0.1336 0.2028 0.0818 -0.0216 -0.0186 0.0264  98  GLU A N   
233  C CA  . GLU A 16 ? 0.1424 0.1974 0.0982 -0.0174 0.0013  0.0358  98  GLU A CA  
234  C C   . GLU A 16 ? 0.1777 0.1960 0.1160 -0.0408 -0.0146 0.0313  98  GLU A C   
235  O O   . GLU A 16 ? 0.2826 0.2313 0.1497 -0.0971 -0.0042 0.0115  98  GLU A O   
236  C CB  . GLU A 16 ? 0.1512 0.1988 0.1137 -0.0029 0.0133  0.0421  98  GLU A CB  
237  C CG  . GLU A 16 ? 0.1571 0.1856 0.1058 -0.0052 0.0087  0.0334  98  GLU A CG  
238  C CD  . GLU A 16 ? 0.1877 0.1659 0.0965 -0.0155 0.0302  0.0129  98  GLU A CD  
239  O OE1 . GLU A 16 ? 0.1501 0.1583 0.1468 -0.0064 0.0081  0.0147  98  GLU A OE1 
240  O OE2 . GLU A 16 ? 0.2304 0.1904 0.1597 -0.0391 0.0714  -0.0066 98  GLU A OE2 
247  N N   . ASP A 17 ? 0.1503 0.1782 0.0781 -0.0005 -0.0145 0.0375  99  ASP A N   
248  C CA  . ASP A 17 ? 0.1902 0.1860 0.0793 0.0319  -0.0238 0.0148  99  ASP A CA  
249  C C   . ASP A 17 ? 0.1360 0.1534 0.0865 0.0174  -0.0202 0.0219  99  ASP A C   
250  O O   . ASP A 17 ? 0.1894 0.1562 0.0804 0.0387  -0.0226 0.0223  99  ASP A O   
251  C CB  . ASP A 17 ? 0.1971 0.2529 0.1112 0.0684  -0.0430 0.0110  99  ASP A CB  
252  C CG  . ASP A 17 ? 0.3093 0.2919 0.2484 0.0677  -0.0446 0.0167  99  ASP A CG  
253  O OD1 . ASP A 17 ? 0.3750 0.2959 0.2706 0.0744  -0.0682 0.0435  99  ASP A OD1 
254  O OD2 . ASP A 17 ? 0.3253 0.3030 0.3223 0.0735  -0.0589 0.0068  99  ASP A OD2 
259  N N   . ASP A 18 ? 0.1266 0.1568 0.0806 0.0124  -0.0209 0.0219  100 ASP A N   
260  C CA  . ASP A 18 ? 0.1145 0.1594 0.0773 0.0114  -0.0198 0.0233  100 ASP A CA  
261  C C   . ASP A 18 ? 0.1161 0.1697 0.0757 0.0130  -0.0076 0.0236  100 ASP A C   
262  O O   . ASP A 18 ? 0.1428 0.2615 0.0885 -0.0353 -0.0143 0.0378  100 ASP A O   
263  C CB  . ASP A 18 ? 0.1170 0.1727 0.1169 0.0047  -0.0233 0.0263  100 ASP A CB  
264  C CG  . ASP A 18 ? 0.1770 0.1782 0.1082 0.0145  -0.0426 0.0206  100 ASP A CG  
265  O OD1 . ASP A 18 ? 0.1949 0.1718 0.1261 0.0106  -0.0315 -0.0001 100 ASP A OD1 
266  O OD2 . ASP A 18 ? 0.2664 0.1968 0.1134 0.0349  -0.0002 0.0176  100 ASP A OD2 
271  N N   . LEU A 19 ? 0.1024 0.1482 0.0897 -0.0021 -0.0137 0.0258  101 LEU A N   
272  C CA  . LEU A 19 ? 0.1023 0.1297 0.0941 0.0055  -0.0108 0.0220  101 LEU A CA  
273  C C   . LEU A 19 ? 0.1250 0.1303 0.0905 0.0097  -0.0069 0.0133  101 LEU A C   
274  O O   . LEU A 19 ? 0.1260 0.1272 0.1923 0.0140  0.0255  0.0218  101 LEU A O   
275  C CB  . LEU A 19 ? 0.0937 0.1221 0.1179 0.0108  -0.0239 0.0080  101 LEU A CB  
276  C CG  . LEU A 19 ? 0.0974 0.1275 0.1612 0.0082  -0.0156 -0.0059 101 LEU A CG  
277  C CD1 . LEU A 19 ? 0.1084 0.1415 0.1797 0.0015  -0.0084 -0.0299 101 LEU A CD1 
278  C CD2 . LEU A 19 ? 0.1278 0.1262 0.2107 0.0161  -0.0054 0.0150  101 LEU A CD2 
290  N N   . SER A 20 ? 0.1053 0.1464 0.0961 0.0114  0.0005  0.0266  102 SER A N   
291  C CA  . SER A 20 ? 0.1131 0.1407 0.0958 0.0194  -0.0053 0.0092  102 SER A CA  
292  C C   . SER A 20 ? 0.1010 0.1270 0.1117 0.0142  -0.0044 0.0015  102 SER A C   
293  O O   . SER A 20 ? 0.1625 0.1255 0.1301 0.0151  -0.0337 0.0067  102 SER A O   
294  C CB  . SER A 20 ? 0.1168 0.1759 0.1144 0.0131  0.0047  0.0033  102 SER A CB  
295  O OG  . SER A 20 ? 0.1642 0.2017 0.1009 0.0078  0.0136  0.0008  102 SER A OG  
301  N N   . PHE A 21 ? 0.0913 0.1177 0.0907 0.0021  0.0011  0.0034  103 PHE A N   
302  C CA  . PHE A 21 ? 0.0863 0.1100 0.0970 0.0004  0.0047  -0.0015 103 PHE A CA  
303  C C   . PHE A 21 ? 0.0930 0.1048 0.0950 0.0037  0.0061  -0.0024 103 PHE A C   
304  O O   . PHE A 21 ? 0.0903 0.1119 0.1125 0.0003  -0.0039 -0.0053 103 PHE A O   
305  C CB  . PHE A 21 ? 0.0921 0.1031 0.0917 0.0045  -0.0008 -0.0027 103 PHE A CB  
306  C CG  . PHE A 21 ? 0.0890 0.1012 0.0823 0.0074  -0.0009 -0.0008 103 PHE A CG  
307  C CD1 . PHE A 21 ? 0.0826 0.1123 0.0828 0.0074  -0.0103 0.0033  103 PHE A CD1 
308  C CD2 . PHE A 21 ? 0.0864 0.1065 0.0909 0.0130  -0.0006 0.0066  103 PHE A CD2 
309  C CE1 . PHE A 21 ? 0.0857 0.1107 0.0892 0.0057  -0.0048 0.0104  103 PHE A CE1 
310  C CE2 . PHE A 21 ? 0.0798 0.1086 0.0964 0.0106  -0.0062 0.0090  103 PHE A CE2 
311  C CZ  . PHE A 21 ? 0.0847 0.1111 0.0916 0.0041  0.0002  0.0081  103 PHE A CZ  
321  N N   . HIS A 22 ? 0.1121 0.1101 0.1083 0.0131  -0.0217 -0.0100 104 HIS A N   
322  C CA  . HIS A 22 ? 0.1026 0.1166 0.1265 0.0184  -0.0170 -0.0060 104 HIS A CA  
323  C C   . HIS A 22 ? 0.0934 0.1093 0.1221 0.0158  -0.0269 -0.0136 104 HIS A C   
324  O O   . HIS A 22 ? 0.1037 0.1078 0.1172 0.0209  -0.0238 -0.0143 104 HIS A O   
325  C CB  . HIS A 22 ? 0.1029 0.1499 0.1800 0.0195  -0.0121 0.0148  104 HIS A CB  
326  C CG  . HIS A 22 ? 0.1618 0.1777 0.2164 0.0337  0.0219  0.0276  104 HIS A CG  
327  N ND1 . HIS A 22 ? 0.2101 0.2266 0.2692 -0.0014 0.0130  0.0306  104 HIS A ND1 
328  C CD2 . HIS A 22 ? 0.2310 0.2079 0.2353 0.0137  0.0465  0.0328  104 HIS A CD2 
329  C CE1 . HIS A 22 ? 0.1960 0.2476 0.2531 -0.0158 0.0393  0.0492  104 HIS A CE1 
330  N NE2 . HIS A 22 ? 0.2550 0.2252 0.2404 0.0108  0.0437  0.0414  104 HIS A NE2 
338  N N   . LYS A 23 ? 0.1057 0.1095 0.1172 0.0259  -0.0225 -0.0111 105 LYS A N   
339  C CA  . LYS A 23 ? 0.0913 0.1092 0.1352 0.0216  -0.0183 -0.0078 105 LYS A CA  
340  C C   . LYS A 23 ? 0.0845 0.1188 0.1205 0.0201  -0.0266 -0.0065 105 LYS A C   
341  O O   . LYS A 23 ? 0.0854 0.1429 0.1429 0.0100  -0.0209 -0.0119 105 LYS A O   
342  C CB  . LYS A 23 ? 0.1140 0.1144 0.1475 0.0284  -0.0213 -0.0033 105 LYS A CB  
343  C CG  . LYS A 23 ? 0.1230 0.1273 0.1648 0.0309  -0.0130 0.0076  105 LYS A CG  
344  C CD  . LYS A 23 ? 0.1661 0.1387 0.2038 0.0473  0.0061  0.0310  105 LYS A CD  
345  C CE  . LYS A 23 ? 0.1960 0.1803 0.2281 0.0442  0.0008  0.0575  105 LYS A CE  
346  N NZ  . LYS A 23 ? 0.2085 0.1954 0.3069 0.0454  -0.0058 0.0900  105 LYS A NZ  
360  N N   . GLY A 24 ? 0.0862 0.1102 0.1188 0.0165  -0.0299 -0.0034 106 GLY A N   
361  C CA  . GLY A 24 ? 0.0822 0.1265 0.1160 0.0133  -0.0312 -0.0061 106 GLY A CA  
362  C C   . GLY A 24 ? 0.0783 0.1159 0.1213 0.0055  -0.0230 -0.0147 106 GLY A C   
363  O O   . GLY A 24 ? 0.1111 0.1241 0.1287 0.0012  -0.0373 -0.0225 106 GLY A O   
367  N N   . GLU A 25 ? 0.0774 0.1024 0.1169 0.0086  -0.0206 -0.0121 107 GLU A N   
368  C CA  . GLU A 25 ? 0.0853 0.1020 0.1165 0.0014  -0.0118 -0.0102 107 GLU A CA  
369  C C   . GLU A 25 ? 0.0726 0.0940 0.1076 0.0001  -0.0180 -0.0027 107 GLU A C   
370  O O   . GLU A 25 ? 0.0850 0.0939 0.1210 -0.0064 -0.0063 -0.0062 107 GLU A O   
371  C CB  . GLU A 25 ? 0.1028 0.1040 0.1104 0.0030  -0.0164 -0.0072 107 GLU A CB  
372  C CG  . GLU A 25 ? 0.1289 0.1075 0.1207 0.0011  -0.0181 -0.0012 107 GLU A CG  
373  C CD  . GLU A 25 ? 0.1158 0.1140 0.1225 -0.0061 -0.0158 -0.0021 107 GLU A CD  
374  O OE1 . GLU A 25 ? 0.1212 0.1373 0.1317 -0.0078 -0.0004 0.0045  107 GLU A OE1 
375  O OE2 . GLU A 25 ? 0.1606 0.1252 0.1365 0.0087  -0.0246 0.0053  107 GLU A OE2 
382  N N   . LYS A 26 ? 0.0775 0.0917 0.1071 -0.0047 -0.0111 -0.0078 108 LYS A N   
383  C CA  . LYS A 26 ? 0.0882 0.0957 0.1009 0.0014  -0.0100 -0.0039 108 LYS A CA  
384  C C   . LYS A 26 ? 0.0806 0.0913 0.0918 -0.0076 -0.0109 -0.0063 108 LYS A C   
385  O O   . LYS A 26 ? 0.0844 0.0936 0.1153 -0.0003 -0.0075 0.0006  108 LYS A O   
386  C CB  . LYS A 26 ? 0.1107 0.1412 0.1038 0.0162  -0.0218 -0.0166 108 LYS A CB  
387  C CG  . LYS A 26 ? 0.1764 0.2013 0.1332 0.0418  -0.0516 -0.0121 108 LYS A CG  
388  C CD  . LYS A 26 ? 0.2673 0.2721 0.1956 0.0113  -0.0789 0.0047  108 LYS A CD  
389  C CE  . LYS A 26 ? 0.3395 0.3095 0.2871 -0.0114 -0.0729 0.0080  108 LYS A CE  
390  N NZ  . LYS A 26 ? 0.3771 0.3319 0.3362 -0.0235 -0.0694 0.0088  108 LYS A NZ  
404  N N   . PHE A 27 ? 0.0840 0.0929 0.0869 -0.0027 -0.0135 -0.0069 109 PHE A N   
405  C CA  . PHE A 27 ? 0.0818 0.1036 0.0941 0.0047  -0.0151 -0.0092 109 PHE A CA  
406  C C   . PHE A 27 ? 0.0924 0.1033 0.0981 0.0054  -0.0139 -0.0197 109 PHE A C   
407  O O   . PHE A 27 ? 0.1052 0.1069 0.1100 0.0069  0.0025  -0.0125 109 PHE A O   
408  C CB  . PHE A 27 ? 0.0828 0.1099 0.1022 -0.0011 -0.0091 -0.0170 109 PHE A CB  
409  C CG  . PHE A 27 ? 0.0812 0.0958 0.0951 -0.0052 -0.0091 -0.0114 109 PHE A CG  
410  C CD1 . PHE A 27 ? 0.0990 0.1083 0.1023 -0.0102 -0.0141 -0.0186 109 PHE A CD1 
411  C CD2 . PHE A 27 ? 0.1177 0.0996 0.1356 0.0118  -0.0291 -0.0099 109 PHE A CD2 
412  C CE1 . PHE A 27 ? 0.1298 0.1682 0.1124 -0.0344 0.0051  -0.0276 109 PHE A CE1 
413  C CE2 . PHE A 27 ? 0.1354 0.1176 0.2088 0.0338  -0.0192 -0.0444 109 PHE A CE2 
414  C CZ  . PHE A 27 ? 0.1302 0.1572 0.1624 0.0015  0.0126  -0.0657 109 PHE A CZ  
424  N N   A GLN A 28 ? 0.1001 0.1099 0.1012 0.0163  -0.0230 -0.0164 110 GLN A N   
425  N N   B GLN A 28 ? 0.0947 0.1248 0.1234 0.0178  0.0000  -0.0130 110 GLN A N   
426  C CA  A GLN A 28 ? 0.0961 0.1266 0.1268 0.0368  -0.0059 -0.0266 110 GLN A CA  
427  C CA  B GLN A 28 ? 0.1416 0.1395 0.1192 0.0398  -0.0156 -0.0239 110 GLN A CA  
428  C C   A GLN A 28 ? 0.1074 0.1488 0.1260 0.0282  0.0091  -0.0220 110 GLN A C   
429  C C   B GLN A 28 ? 0.1027 0.1620 0.0953 0.0478  -0.0351 -0.0057 110 GLN A C   
430  O O   A GLN A 28 ? 0.1091 0.1843 0.1449 0.0155  0.0001  -0.0220 110 GLN A O   
431  O O   B GLN A 28 ? 0.1156 0.2222 0.0839 0.0190  -0.0382 0.0064  110 GLN A O   
432  C CB  A GLN A 28 ? 0.1193 0.1429 0.1549 0.0395  -0.0216 -0.0315 110 GLN A CB  
433  C CB  B GLN A 28 ? 0.2309 0.1472 0.1729 0.0351  -0.0163 -0.0347 110 GLN A CB  
434  C CG  A GLN A 28 ? 0.1534 0.1368 0.1725 0.0507  -0.0253 -0.0634 110 GLN A CG  
435  C CG  B GLN A 28 ? 0.2607 0.1645 0.2395 0.0169  -0.0277 -0.0370 110 GLN A CG  
436  C CD  A GLN A 28 ? 0.1855 0.1496 0.2513 0.0528  -0.0161 -0.0632 110 GLN A CD  
437  C CD  B GLN A 28 ? 0.2504 0.1844 0.2708 0.0056  -0.0073 -0.0461 110 GLN A CD  
438  O OE1 A GLN A 28 ? 0.2365 0.1652 0.3061 0.0178  -0.0037 -0.0527 110 GLN A OE1 
439  O OE1 B GLN A 28 ? 0.2549 0.2027 0.2845 -0.0043 -0.0018 -0.0351 110 GLN A OE1 
440  N NE2 A GLN A 28 ? 0.2335 0.1667 0.2749 0.0623  -0.0098 -0.0606 110 GLN A NE2 
441  N NE2 B GLN A 28 ? 0.2222 0.1803 0.2795 0.0171  0.0120  -0.0657 110 GLN A NE2 
458  N N   . ILE A 29 ? 0.1175 0.1585 0.1180 0.0244  -0.0251 -0.0039 111 ILE A N   
459  C CA  . ILE A 29 ? 0.1170 0.1741 0.1222 0.0301  -0.0178 0.0118  111 ILE A CA  
460  C C   . ILE A 29 ? 0.1205 0.1823 0.1204 0.0327  -0.0133 -0.0130 111 ILE A C   
461  O O   . ILE A 29 ? 0.1777 0.2244 0.1255 0.0732  -0.0201 -0.0183 111 ILE A O   
462  C CB  . ILE A 29 ? 0.1343 0.1980 0.1699 0.0078  -0.0415 0.0322  111 ILE A CB  
463  C CG1 . ILE A 29 ? 0.1635 0.2030 0.2358 -0.0008 -0.0671 0.0699  111 ILE A CG1 
464  C CG2 . ILE A 29 ? 0.1247 0.1907 0.1689 0.0038  -0.0255 0.0232  111 ILE A CG2 
465  C CD1 . ILE A 29 ? 0.1357 0.1796 0.3252 0.0203  -0.0565 0.0684  111 ILE A CD1 
477  N N   . VAL A 30 ? 0.1215 0.1407 0.1083 0.0290  -0.0248 -0.0096 112 VAL A N   
478  C CA  . VAL A 30 ? 0.1201 0.1359 0.1314 0.0165  -0.0129 0.0031  112 VAL A CA  
479  C C   . VAL A 30 ? 0.1293 0.1361 0.1060 0.0313  -0.0124 0.0049  112 VAL A C   
480  O O   . VAL A 30 ? 0.1337 0.1439 0.1507 0.0389  -0.0078 0.0006  112 VAL A O   
481  C CB  . VAL A 30 ? 0.1606 0.1528 0.1593 0.0141  0.0022  0.0194  112 VAL A CB  
482  C CG1 . VAL A 30 ? 0.2039 0.1787 0.1844 0.0207  -0.0060 0.0569  112 VAL A CG1 
483  C CG2 . VAL A 30 ? 0.1686 0.1686 0.2042 -0.0093 0.0233  0.0207  112 VAL A CG2 
493  N N   . ASN A 31 ? 0.1056 0.1338 0.1126 0.0265  -0.0085 0.0109  113 ASN A N   
494  C CA  . ASN A 31 ? 0.1088 0.1350 0.1196 0.0279  0.0015  0.0224  113 ASN A CA  
495  C C   . ASN A 31 ? 0.1014 0.1316 0.1205 0.0237  0.0077  0.0259  113 ASN A C   
496  O O   . ASN A 31 ? 0.0999 0.1287 0.1296 0.0173  0.0158  0.0195  113 ASN A O   
497  C CB  . ASN A 31 ? 0.1102 0.1370 0.1214 0.0165  -0.0137 0.0283  113 ASN A CB  
498  C CG  . ASN A 31 ? 0.1182 0.1510 0.1438 0.0199  -0.0161 0.0234  113 ASN A CG  
499  O OD1 . ASN A 31 ? 0.1210 0.1593 0.1936 0.0085  -0.0125 0.0117  113 ASN A OD1 
500  N ND2 . ASN A 31 ? 0.1212 0.1674 0.2019 0.0232  0.0134  0.0222  113 ASN A ND2 
507  N N   . ASN A 32 ? 0.1072 0.1464 0.1417 0.0247  0.0240  0.0396  114 ASN A N   
508  C CA  . ASN A 32 ? 0.1062 0.1570 0.1699 0.0165  0.0142  0.0553  114 ASN A CA  
509  C C   . ASN A 32 ? 0.1172 0.1937 0.2436 -0.0060 0.0160  0.0822  114 ASN A C   
510  O O   . ASN A 32 ? 0.1306 0.2010 0.2420 -0.0064 0.0184  0.0834  114 ASN A O   
511  C CB  . ASN A 32 ? 0.1457 0.1629 0.1586 0.0114  -0.0011 0.0520  114 ASN A CB  
512  C CG  . ASN A 32 ? 0.1472 0.1934 0.1453 0.0182  0.0042  0.0595  114 ASN A CG  
513  O OD1 . ASN A 32 ? 0.1464 0.2168 0.1790 0.0315  0.0196  0.0697  114 ASN A OD1 
514  N ND2 . ASN A 32 ? 0.1728 0.1948 0.1847 0.0318  -0.0183 0.0576  114 ASN A ND2 
521  N N   . THR A 33 ? 0.0955 0.2052 0.3254 -0.0016 -0.0045 0.0974  115 THR A N   
522  C CA  . THR A 33 ? 0.0991 0.2275 0.3558 -0.0007 -0.0017 0.0669  115 THR A CA  
523  C C   . THR A 33 ? 0.1109 0.2345 0.3966 -0.0124 -0.0316 0.0298  115 THR A C   
524  O O   . THR A 33 ? 0.1146 0.2566 0.4426 -0.0142 -0.0190 0.0130  115 THR A O   
525  C CB  . THR A 33 ? 0.1122 0.2391 0.3793 0.0080  0.0274  0.0657  115 THR A CB  
526  O OG1 . THR A 33 ? 0.1540 0.2392 0.3714 0.0226  0.0507  0.0752  115 THR A OG1 
527  C CG2 . THR A 33 ? 0.1622 0.2614 0.4033 0.0070  0.0108  0.0619  115 THR A CG2 
535  N N   . GLU A 34 ? 0.1208 0.2236 0.4161 0.0040  -0.0611 0.0217  116 GLU A N   
536  C CA  . GLU A 34 ? 0.1371 0.2373 0.4428 0.0074  -0.0763 0.0298  116 GLU A CA  
537  C C   . GLU A 34 ? 0.1786 0.2439 0.4466 -0.0207 -0.0702 0.0081  116 GLU A C   
538  O O   . GLU A 34 ? 0.2792 0.2619 0.4423 -0.0320 -0.0459 -0.0108 116 GLU A O   
539  C CB  . GLU A 34 ? 0.2548 0.2691 0.4228 0.0057  -0.0826 0.0594  116 GLU A CB  
540  C CG  . GLU A 34 ? 0.3507 0.3078 0.4228 0.0169  -0.0724 0.0975  116 GLU A CG  
541  C CD  . GLU A 34 ? 0.4609 0.3566 0.4141 0.0064  -0.0588 0.1208  116 GLU A CD  
542  O OE1 . GLU A 34 ? 0.5112 0.3744 0.4118 -0.0002 -0.0468 0.1251  116 GLU A OE1 
543  O OE2 . GLU A 34 ? 0.4934 0.3815 0.4086 0.0021  -0.0591 0.1341  116 GLU A OE2 
550  N N   . GLY A 35 ? 0.1325 0.2072 0.4631 -0.0095 -0.0651 0.0071  117 GLY A N   
551  C CA  . GLY A 35 ? 0.1259 0.2010 0.4440 -0.0081 -0.0363 0.0168  117 GLY A CA  
552  C C   . GLY A 35 ? 0.1107 0.1930 0.4117 -0.0229 -0.0185 0.0213  117 GLY A C   
553  O O   . GLY A 35 ? 0.1160 0.2191 0.4236 -0.0292 -0.0233 0.0161  117 GLY A O   
557  N N   . ASP A 36 ? 0.1188 0.1685 0.3744 -0.0319 -0.0276 0.0326  118 ASP A N   
558  C CA  . ASP A 36 ? 0.1445 0.1656 0.3356 -0.0138 -0.0384 0.0667  118 ASP A CA  
559  C C   . ASP A 36 ? 0.1081 0.1649 0.2552 -0.0123 -0.0475 0.0551  118 ASP A C   
560  O O   . ASP A 36 ? 0.1243 0.2074 0.2449 -0.0021 -0.0315 0.0818  118 ASP A O   
561  C CB  . ASP A 36 ? 0.1739 0.1785 0.4170 -0.0070 -0.0266 0.0684  118 ASP A CB  
562  C CG  . ASP A 36 ? 0.2599 0.2104 0.4581 -0.0349 -0.0144 0.0676  118 ASP A CG  
563  O OD1 . ASP A 36 ? 0.2677 0.2433 0.4638 -0.0605 -0.0002 0.0669  118 ASP A OD1 
564  O OD2 . ASP A 36 ? 0.3060 0.2197 0.4850 -0.0490 -0.0199 0.0735  118 ASP A OD2 
569  N N   . TRP A 37 ? 0.0974 0.1512 0.2002 -0.0238 -0.0412 0.0120  119 TRP A N   
570  C CA  . TRP A 37 ? 0.1093 0.1352 0.1544 -0.0157 -0.0414 -0.0041 119 TRP A CA  
571  C C   . TRP A 37 ? 0.0817 0.1447 0.1410 -0.0055 -0.0371 0.0036  119 TRP A C   
572  O O   . TRP A 37 ? 0.1037 0.1611 0.2164 -0.0013 -0.0657 -0.0212 119 TRP A O   
573  C CB  . TRP A 37 ? 0.1620 0.1451 0.1963 -0.0254 -0.0401 -0.0108 119 TRP A CB  
574  C CG  . TRP A 37 ? 0.2030 0.1608 0.1884 -0.0490 -0.0339 -0.0327 119 TRP A CG  
575  C CD1 . TRP A 37 ? 0.2229 0.1811 0.2644 -0.0566 -0.0067 -0.0491 119 TRP A CD1 
576  C CD2 . TRP A 37 ? 0.1960 0.1694 0.1578 -0.0479 -0.0314 -0.0235 119 TRP A CD2 
577  N NE1 . TRP A 37 ? 0.2594 0.1776 0.2658 -0.0512 -0.0036 -0.0636 119 TRP A NE1 
578  C CE2 . TRP A 37 ? 0.2375 0.1827 0.2025 -0.0424 -0.0083 -0.0408 119 TRP A CE2 
579  C CE3 . TRP A 37 ? 0.1829 0.1781 0.1362 -0.0267 -0.0464 0.0151  119 TRP A CE3 
580  C CZ2 . TRP A 37 ? 0.2486 0.2065 0.1912 -0.0277 0.0076  -0.0298 119 TRP A CZ2 
581  C CZ3 . TRP A 37 ? 0.1987 0.2153 0.1411 -0.0256 -0.0362 0.0194  119 TRP A CZ3 
582  C CH2 . TRP A 37 ? 0.2359 0.2231 0.1618 -0.0202 -0.0097 0.0043  119 TRP A CH2 
593  N N   . TRP A 38 ? 0.0790 0.1289 0.1064 -0.0057 -0.0225 0.0134  120 TRP A N   
594  C CA  . TRP A 38 ? 0.0726 0.1336 0.0978 -0.0034 -0.0135 0.0087  120 TRP A CA  
595  C C   . TRP A 38 ? 0.0729 0.1299 0.0754 0.0017  -0.0199 0.0082  120 TRP A C   
596  O O   . TRP A 38 ? 0.0941 0.1251 0.0992 0.0108  0.0018  0.0222  120 TRP A O   
597  C CB  . TRP A 38 ? 0.0822 0.1492 0.0893 -0.0107 -0.0092 0.0141  120 TRP A CB  
598  C CG  . TRP A 38 ? 0.0930 0.1424 0.1023 0.0039  0.0002  0.0251  120 TRP A CG  
599  C CD1 . TRP A 38 ? 0.1017 0.1388 0.1441 0.0026  0.0109  0.0365  120 TRP A CD1 
600  C CD2 . TRP A 38 ? 0.1100 0.1480 0.1026 0.0207  0.0099  0.0268  120 TRP A CD2 
601  N NE1 . TRP A 38 ? 0.1181 0.1376 0.1710 -0.0003 0.0375  0.0290  120 TRP A NE1 
602  C CE2 . TRP A 38 ? 0.1251 0.1470 0.1220 0.0175  0.0251  0.0352  120 TRP A CE2 
603  C CE3 . TRP A 38 ? 0.1189 0.1729 0.0966 0.0065  -0.0119 0.0225  120 TRP A CE3 
604  C CZ2 . TRP A 38 ? 0.1624 0.1526 0.1280 0.0263  0.0412  0.0292  120 TRP A CZ2 
605  C CZ3 . TRP A 38 ? 0.1532 0.1958 0.1006 0.0156  -0.0022 0.0278  120 TRP A CZ3 
606  C CH2 . TRP A 38 ? 0.1606 0.1871 0.1184 0.0193  0.0069  0.0380  120 TRP A CH2 
617  N N   A LEU A 39 ? 0.0610 0.1332 0.0973 -0.0056 -0.0178 0.0012  121 LEU A N   
618  N N   B LEU A 39 ? 0.0802 0.1285 0.1021 0.0089  -0.0068 0.0054  121 LEU A N   
619  C CA  A LEU A 39 ? 0.0749 0.1166 0.1062 0.0128  -0.0175 0.0093  121 LEU A CA  
620  C CA  B LEU A 39 ? 0.0943 0.1225 0.0833 0.0201  -0.0026 0.0186  121 LEU A CA  
621  C C   A LEU A 39 ? 0.0881 0.0995 0.1089 0.0057  -0.0118 0.0040  121 LEU A C   
622  C C   B LEU A 39 ? 0.1021 0.1049 0.0835 0.0163  -0.0068 0.0140  121 LEU A C   
623  O O   A LEU A 39 ? 0.1013 0.1126 0.1236 0.0097  -0.0174 -0.0095 121 LEU A O   
624  O O   B LEU A 39 ? 0.0944 0.1269 0.0830 0.0105  -0.0013 0.0119  121 LEU A O   
625  C CB  A LEU A 39 ? 0.1166 0.1335 0.1341 0.0275  -0.0185 0.0255  121 LEU A CB  
626  C CB  B LEU A 39 ? 0.1099 0.1450 0.0882 0.0343  -0.0050 0.0301  121 LEU A CB  
627  C CG  A LEU A 39 ? 0.1110 0.1254 0.1432 0.0177  -0.0194 0.0303  121 LEU A CG  
628  C CG  B LEU A 39 ? 0.1083 0.1410 0.1103 0.0283  -0.0249 0.0270  121 LEU A CG  
629  C CD1 A LEU A 39 ? 0.1100 0.1510 0.1523 -0.0008 -0.0148 0.0500  121 LEU A CD1 
630  C CD1 B LEU A 39 ? 0.1162 0.1515 0.1260 0.0376  -0.0283 0.0313  121 LEU A CD1 
631  C CD2 A LEU A 39 ? 0.1362 0.1267 0.2018 0.0195  -0.0220 0.0312  121 LEU A CD2 
632  C CD2 B LEU A 39 ? 0.1105 0.1580 0.1086 0.0216  -0.0223 0.0317  121 LEU A CD2 
655  N N   . ALA A 40 ? 0.0832 0.1198 0.0960 -0.0037 -0.0122 0.0086  122 ALA A N   
656  C CA  . ALA A 40 ? 0.0921 0.1244 0.1073 -0.0038 -0.0158 0.0082  122 ALA A CA  
657  C C   . ALA A 40 ? 0.0877 0.1185 0.0990 0.0012  -0.0157 0.0040  122 ALA A C   
658  O O   . ALA A 40 ? 0.1339 0.1354 0.1142 -0.0377 -0.0156 0.0024  122 ALA A O   
659  C CB  . ALA A 40 ? 0.1208 0.1252 0.1608 -0.0127 -0.0530 0.0275  122 ALA A CB  
665  N N   . HIS A 41 ? 0.0853 0.1286 0.1064 -0.0030 -0.0189 0.0038  123 HIS A N   
666  C CA  . HIS A 41 ? 0.0873 0.1166 0.1286 0.0011  -0.0241 0.0013  123 HIS A CA  
667  C C   . HIS A 41 ? 0.0864 0.1012 0.1257 -0.0025 -0.0238 -0.0005 123 HIS A C   
668  O O   . HIS A 41 ? 0.0904 0.1225 0.1064 0.0081  -0.0216 -0.0023 123 HIS A O   
669  C CB  . HIS A 41 ? 0.1032 0.1145 0.1713 0.0112  -0.0276 -0.0054 123 HIS A CB  
670  C CG  . HIS A 41 ? 0.1207 0.1288 0.2448 -0.0038 -0.0256 -0.0264 123 HIS A CG  
671  N ND1 . HIS A 41 ? 0.1809 0.1352 0.2814 -0.0038 -0.0035 -0.0095 123 HIS A ND1 
672  C CD2 . HIS A 41 ? 0.1946 0.1809 0.3059 -0.0426 -0.0442 -0.0162 123 HIS A CD2 
673  C CE1 . HIS A 41 ? 0.1879 0.1594 0.3189 -0.0201 -0.0071 -0.0015 123 HIS A CE1 
674  N NE2 . HIS A 41 ? 0.2032 0.1813 0.3473 -0.0612 -0.0224 -0.0236 123 HIS A NE2 
682  N N   . SER A 42 ? 0.0821 0.1093 0.1069 -0.0055 -0.0167 0.0038  124 SER A N   
683  C CA  . SER A 42 ? 0.0792 0.1007 0.1077 -0.0079 -0.0178 0.0009  124 SER A CA  
684  C C   . SER A 42 ? 0.0829 0.0948 0.1210 -0.0073 -0.0135 0.0028  124 SER A C   
685  O O   . SER A 42 ? 0.0992 0.1067 0.1406 -0.0092 -0.0205 0.0147  124 SER A O   
686  C CB  . SER A 42 ? 0.0962 0.1154 0.1146 -0.0072 -0.0106 0.0050  124 SER A CB  
687  O OG  . SER A 42 ? 0.0900 0.1245 0.1207 -0.0066 -0.0083 -0.0037 124 SER A OG  
693  N N   . LEU A 43 ? 0.0855 0.1013 0.1041 -0.0121 -0.0160 -0.0068 125 LEU A N   
694  C CA  . LEU A 43 ? 0.0922 0.1113 0.1270 -0.0205 -0.0166 -0.0152 125 LEU A CA  
695  C C   . LEU A 43 ? 0.0945 0.1453 0.1518 -0.0375 -0.0136 -0.0207 125 LEU A C   
696  O O   . LEU A 43 ? 0.1301 0.1959 0.2210 -0.0663 0.0132  -0.0677 125 LEU A O   
697  C CB  . LEU A 43 ? 0.1323 0.1252 0.1168 -0.0239 -0.0218 -0.0226 125 LEU A CB  
698  C CG  . LEU A 43 ? 0.2855 0.1505 0.1381 0.0137  0.0218  -0.0227 125 LEU A CG  
699  C CD1 . LEU A 43 ? 0.3975 0.1598 0.1439 0.0381  0.0550  -0.0081 125 LEU A CD1 
700  C CD2 . LEU A 43 ? 0.1970 0.2011 0.2016 0.0168  0.0209  0.0043  125 LEU A CD2 
712  N N   . THR A 44 ? 0.0811 0.1361 0.1187 -0.0129 -0.0170 0.0036  126 THR A N   
713  C CA  . THR A 44 ? 0.0772 0.1627 0.1325 -0.0083 -0.0131 0.0131  126 THR A CA  
714  C C   . THR A 44 ? 0.0825 0.1673 0.1436 -0.0160 -0.0089 0.0197  126 THR A C   
715  O O   . THR A 44 ? 0.1080 0.2170 0.1609 -0.0561 -0.0175 0.0339  126 THR A O   
716  C CB  . THR A 44 ? 0.1054 0.1937 0.1577 0.0171  0.0084  0.0317  126 THR A CB  
717  O OG1 . THR A 44 ? 0.1225 0.1993 0.1809 0.0261  0.0100  0.0500  126 THR A OG1 
718  C CG2 . THR A 44 ? 0.1131 0.2259 0.1867 0.0287  0.0310  0.0289  126 THR A CG2 
726  N N   . THR A 45 ? 0.0765 0.1665 0.1267 -0.0126 -0.0163 0.0266  127 THR A N   
727  C CA  . THR A 45 ? 0.0897 0.1740 0.1350 -0.0172 -0.0081 0.0328  127 THR A CA  
728  C C   . THR A 45 ? 0.0982 0.1621 0.1500 -0.0282 -0.0131 0.0388  127 THR A C   
729  O O   . THR A 45 ? 0.1201 0.1967 0.1787 -0.0259 -0.0164 0.0591  127 THR A O   
730  C CB  . THR A 45 ? 0.1065 0.1939 0.1255 -0.0125 -0.0046 0.0165  127 THR A CB  
731  O OG1 . THR A 45 ? 0.1003 0.1780 0.1231 -0.0115 -0.0199 0.0125  127 THR A OG1 
732  C CG2 . THR A 45 ? 0.1193 0.1960 0.1560 0.0079  0.0028  0.0052  127 THR A CG2 
740  N N   . GLY A 46 ? 0.1004 0.1324 0.1579 -0.0212 -0.0311 0.0237  128 GLY A N   
741  C CA  . GLY A 46 ? 0.1279 0.1320 0.1793 -0.0199 -0.0263 0.0215  128 GLY A CA  
742  C C   . GLY A 46 ? 0.1166 0.1305 0.1856 -0.0018 -0.0329 0.0316  128 GLY A C   
743  O O   . GLY A 46 ? 0.1469 0.1446 0.2363 0.0122  -0.0500 0.0203  128 GLY A O   
747  N N   . GLU A 47 ? 0.0974 0.1340 0.1594 -0.0131 -0.0248 0.0314  129 GLU A N   
748  C CA  . GLU A 47 ? 0.1019 0.1536 0.1513 -0.0091 -0.0367 0.0428  129 GLU A CA  
749  C C   . GLU A 47 ? 0.1008 0.1207 0.1434 -0.0171 -0.0363 0.0285  129 GLU A C   
750  O O   . GLU A 47 ? 0.0968 0.1504 0.1424 -0.0117 -0.0337 0.0468  129 GLU A O   
751  C CB  . GLU A 47 ? 0.1078 0.2052 0.1487 -0.0056 -0.0307 0.0236  129 GLU A CB  
752  C CG  . GLU A 47 ? 0.1456 0.2625 0.1844 -0.0119 -0.0142 0.0179  129 GLU A CG  
753  C CD  . GLU A 47 ? 0.2067 0.3098 0.2740 -0.0124 0.0363  -0.0013 129 GLU A CD  
754  O OE1 . GLU A 47 ? 0.2499 0.3308 0.3556 -0.0112 0.0508  0.0034  129 GLU A OE1 
755  O OE2 . GLU A 47 ? 0.2597 0.3284 0.2913 -0.0261 0.0453  -0.0219 129 GLU A OE2 
762  N N   . THR A 48 ? 0.0957 0.1217 0.1691 -0.0111 -0.0422 0.0454  130 THR A N   
763  C CA  . THR A 48 ? 0.0978 0.1160 0.1550 -0.0009 -0.0319 0.0286  130 THR A CA  
764  C C   . THR A 48 ? 0.0996 0.1063 0.1296 0.0041  -0.0340 0.0364  130 THR A C   
765  O O   . THR A 48 ? 0.1410 0.1227 0.1483 -0.0123 -0.0444 0.0488  130 THR A O   
766  C CB  . THR A 48 ? 0.1188 0.1178 0.2137 0.0111  -0.0405 0.0002  130 THR A CB  
767  O OG1 . THR A 48 ? 0.1575 0.1400 0.2791 0.0125  -0.0444 -0.0443 130 THR A OG1 
768  C CG2 . THR A 48 ? 0.1137 0.1345 0.2230 0.0161  -0.0214 -0.0060 130 THR A CG2 
776  N N   . GLY A 49 ? 0.0955 0.1051 0.1139 -0.0048 -0.0229 0.0313  131 GLY A N   
777  C CA  . GLY A 49 ? 0.1013 0.1068 0.0989 -0.0001 -0.0243 0.0231  131 GLY A CA  
778  C C   . GLY A 49 ? 0.0830 0.1032 0.0853 0.0027  -0.0184 0.0210  131 GLY A C   
779  O O   . GLY A 49 ? 0.0972 0.1147 0.0776 -0.0052 -0.0207 0.0154  131 GLY A O   
783  N N   . TYR A 50 ? 0.1040 0.1034 0.0731 0.0020  -0.0191 0.0219  132 TYR A N   
784  C CA  . TYR A 50 ? 0.0981 0.1036 0.0809 -0.0009 -0.0204 0.0191  132 TYR A CA  
785  C C   . TYR A 50 ? 0.0988 0.1045 0.0771 -0.0012 -0.0116 0.0145  132 TYR A C   
786  O O   . TYR A 50 ? 0.1119 0.1209 0.0897 0.0123  -0.0013 0.0242  132 TYR A O   
787  C CB  . TYR A 50 ? 0.1198 0.1212 0.0969 -0.0107 -0.0356 0.0158  132 TYR A CB  
788  C CG  . TYR A 50 ? 0.1158 0.1656 0.1217 -0.0178 -0.0463 0.0406  132 TYR A CG  
789  C CD1 . TYR A 50 ? 0.1093 0.1661 0.1443 -0.0139 -0.0379 0.0301  132 TYR A CD1 
790  C CD2 . TYR A 50 ? 0.1327 0.2374 0.1700 0.0074  -0.0397 0.0959  132 TYR A CD2 
791  C CE1 . TYR A 50 ? 0.1094 0.2179 0.2039 0.0092  -0.0288 0.0588  132 TYR A CE1 
792  C CE2 . TYR A 50 ? 0.1586 0.2823 0.2436 0.0250  -0.0346 0.1315  132 TYR A CE2 
793  C CZ  . TYR A 50 ? 0.1225 0.2871 0.2659 0.0309  -0.0218 0.1177  132 TYR A CZ  
794  O OH  . TYR A 50 ? 0.1547 0.3325 0.3298 0.0554  -0.0081 0.1459  132 TYR A OH  
804  N N   . ILE A 51 ? 0.0935 0.1024 0.0801 0.0051  -0.0103 0.0248  133 ILE A N   
805  C CA  . ILE A 51 ? 0.0897 0.1013 0.0939 0.0066  -0.0098 0.0245  133 ILE A CA  
806  C C   . ILE A 51 ? 0.0841 0.1092 0.0832 -0.0012 -0.0175 0.0200  133 ILE A C   
807  O O   . ILE A 51 ? 0.0868 0.1045 0.1016 -0.0011 -0.0144 0.0245  133 ILE A O   
808  C CB  . ILE A 51 ? 0.0853 0.1033 0.1080 0.0027  -0.0180 0.0247  133 ILE A CB  
809  C CG1 . ILE A 51 ? 0.1120 0.1248 0.0920 -0.0005 -0.0260 0.0229  133 ILE A CG1 
810  C CG2 . ILE A 51 ? 0.0901 0.1031 0.1309 -0.0045 -0.0223 0.0281  133 ILE A CG2 
811  C CD1 . ILE A 51 ? 0.1598 0.1352 0.1163 0.0231  -0.0409 0.0172  133 ILE A CD1 
823  N N   . PRO A 52 ? 0.0867 0.1032 0.0917 0.0013  -0.0148 0.0166  134 PRO A N   
824  C CA  . PRO A 52 ? 0.0967 0.0987 0.1093 -0.0020 -0.0218 0.0177  134 PRO A CA  
825  C C   . PRO A 52 ? 0.0996 0.0925 0.0987 -0.0028 -0.0103 0.0167  134 PRO A C   
826  O O   . PRO A 52 ? 0.0934 0.1151 0.0957 -0.0110 -0.0234 0.0230  134 PRO A O   
827  C CB  . PRO A 52 ? 0.1332 0.1060 0.1215 -0.0079 -0.0066 -0.0018 134 PRO A CB  
828  C CG  . PRO A 52 ? 0.1457 0.1134 0.1427 0.0155  0.0130  0.0146  134 PRO A CG  
829  C CD  . PRO A 52 ? 0.1060 0.1141 0.1111 0.0076  -0.0045 0.0074  134 PRO A CD  
837  N N   . SER A 53 ? 0.1025 0.1054 0.1155 0.0053  -0.0059 0.0262  135 SER A N   
838  C CA  . SER A 53 ? 0.1264 0.0999 0.1133 0.0201  0.0029  0.0198  135 SER A CA  
839  C C   . SER A 53 ? 0.1019 0.0962 0.0981 0.0063  -0.0040 0.0130  135 SER A C   
840  O O   . SER A 53 ? 0.1422 0.1010 0.0962 0.0058  -0.0080 0.0005  135 SER A O   
841  C CB  . SER A 53 ? 0.1290 0.1375 0.1511 0.0373  0.0170  0.0372  135 SER A CB  
842  O OG  . SER A 53 ? 0.1113 0.1842 0.1792 0.0301  0.0164  0.0654  135 SER A OG  
848  N N   . ASN A 54 ? 0.0923 0.0925 0.0885 -0.0012 -0.0111 0.0131  136 ASN A N   
849  C CA  . ASN A 54 ? 0.0923 0.0875 0.0923 -0.0029 -0.0082 0.0103  136 ASN A CA  
850  C C   . ASN A 54 ? 0.0931 0.0908 0.0866 -0.0015 -0.0077 0.0037  136 ASN A C   
851  O O   . ASN A 54 ? 0.0982 0.0978 0.1213 0.0054  -0.0152 0.0281  136 ASN A O   
852  C CB  . ASN A 54 ? 0.1014 0.0879 0.1091 -0.0058 -0.0151 0.0080  136 ASN A CB  
853  C CG  . ASN A 54 ? 0.1205 0.1099 0.1014 -0.0192 -0.0217 -0.0005 136 ASN A CG  
854  O OD1 . ASN A 54 ? 0.1477 0.1311 0.1006 -0.0252 -0.0214 0.0046  136 ASN A OD1 
855  N ND2 . ASN A 54 ? 0.1682 0.1215 0.1156 0.0011  0.0001  -0.0090 136 ASN A ND2 
862  N N   . TYR A 55 ? 0.0879 0.0830 0.0765 -0.0013 -0.0142 -0.0022 137 TYR A N   
863  C CA  . TYR A 55 ? 0.0885 0.0819 0.0806 -0.0037 -0.0085 0.0008  137 TYR A CA  
864  C C   . TYR A 55 ? 0.0835 0.0881 0.0804 -0.0018 -0.0141 -0.0020 137 TYR A C   
865  O O   . TYR A 55 ? 0.0904 0.1066 0.0910 -0.0045 -0.0108 -0.0142 137 TYR A O   
866  C CB  . TYR A 55 ? 0.0920 0.0879 0.0851 -0.0013 -0.0090 -0.0035 137 TYR A CB  
867  C CG  . TYR A 55 ? 0.0895 0.0940 0.0769 0.0047  -0.0158 -0.0054 137 TYR A CG  
868  C CD1 . TYR A 55 ? 0.0916 0.0933 0.0906 0.0060  -0.0177 -0.0065 137 TYR A CD1 
869  C CD2 . TYR A 55 ? 0.0973 0.1104 0.0810 0.0016  -0.0144 -0.0029 137 TYR A CD2 
870  C CE1 . TYR A 55 ? 0.1110 0.1062 0.0986 -0.0016 -0.0212 -0.0181 137 TYR A CE1 
871  C CE2 . TYR A 55 ? 0.1052 0.1177 0.0849 0.0075  -0.0111 -0.0125 137 TYR A CE2 
872  C CZ  . TYR A 55 ? 0.1256 0.1157 0.0900 0.0174  -0.0189 -0.0232 137 TYR A CZ  
873  O OH  . TYR A 55 ? 0.1544 0.1522 0.1185 0.0078  -0.0114 -0.0584 137 TYR A OH  
883  N N   . VAL A 56 ? 0.0880 0.0817 0.0771 -0.0020 -0.0130 -0.0023 138 VAL A N   
884  C CA  . VAL A 56 ? 0.0876 0.0860 0.0745 0.0015  -0.0164 -0.0010 138 VAL A CA  
885  C C   . VAL A 56 ? 0.0845 0.0903 0.0794 -0.0012 -0.0150 0.0047  138 VAL A C   
886  O O   . VAL A 56 ? 0.1059 0.1014 0.0832 -0.0134 -0.0163 0.0002  138 VAL A O   
887  C CB  . VAL A 56 ? 0.0956 0.0848 0.0833 0.0026  -0.0153 -0.0016 138 VAL A CB  
888  C CG1 . VAL A 56 ? 0.1006 0.0934 0.1011 0.0008  -0.0124 0.0183  138 VAL A CG1 
889  C CG2 . VAL A 56 ? 0.1062 0.0915 0.1037 0.0097  -0.0096 -0.0019 138 VAL A CG2 
899  N N   . ALA A 57 ? 0.0966 0.1033 0.0730 -0.0081 -0.0130 -0.0003 139 ALA A N   
900  C CA  . ALA A 57 ? 0.0983 0.1017 0.0798 -0.0071 -0.0081 0.0057  139 ALA A CA  
901  C C   . ALA A 57 ? 0.0983 0.0959 0.0754 -0.0001 -0.0106 0.0074  139 ALA A C   
902  O O   . ALA A 57 ? 0.1064 0.1008 0.0812 -0.0046 -0.0021 0.0013  139 ALA A O   
903  C CB  . ALA A 57 ? 0.1297 0.1038 0.0938 0.0068  -0.0018 0.0056  139 ALA A CB  
909  N N   . PRO A 58 ? 0.1119 0.1057 0.0756 -0.0060 0.0008  0.0075  140 PRO A N   
910  C CA  . PRO A 58 ? 0.1287 0.1114 0.0830 -0.0027 0.0044  -0.0051 140 PRO A CA  
911  C C   . PRO A 58 ? 0.1390 0.1298 0.0855 -0.0055 -0.0140 -0.0107 140 PRO A C   
912  O O   . PRO A 58 ? 0.1559 0.1432 0.1134 0.0026  -0.0437 0.0070  140 PRO A O   
913  C CB  . PRO A 58 ? 0.1478 0.1471 0.1188 -0.0156 0.0292  -0.0186 140 PRO A CB  
914  C CG  . PRO A 58 ? 0.1312 0.1708 0.1263 -0.0373 0.0315  -0.0220 140 PRO A CG  
915  C CD  . PRO A 58 ? 0.1106 0.1271 0.0864 -0.0100 0.0017  0.0101  140 PRO A CD  
923  N N   . VAL A 59 ? 0.1372 0.1413 0.1130 -0.0122 -0.0241 -0.0219 141 VAL A N   
924  C CA  . VAL A 59 ? 0.1504 0.1968 0.1331 -0.0213 -0.0345 -0.0383 141 VAL A CA  
925  C C   . VAL A 59 ? 0.1888 0.2234 0.1561 -0.0005 -0.0457 -0.0263 141 VAL A C   
926  O O   . VAL A 59 ? 0.2312 0.2706 0.1518 -0.0005 -0.0288 -0.0262 141 VAL A O   
927  C CB  . VAL A 59 ? 0.1603 0.2233 0.1634 -0.0388 -0.0193 -0.0742 141 VAL A CB  
928  C CG1 . VAL A 59 ? 0.2106 0.2559 0.2066 -0.0610 -0.0292 -0.0622 141 VAL A CG1 
929  C CG2 . VAL A 59 ? 0.1426 0.2454 0.1774 -0.0423 0.0053  -0.0780 141 VAL A CG2 
939  N N   . ASP A 60 ? 0.2180 0.2315 0.1971 -0.0177 -0.0881 0.0042  142 ASP A N   
940  C CA  . ASP A 60 ? 0.2948 0.2623 0.2159 -0.0501 -0.1015 0.0206  142 ASP A CA  
941  C C   . ASP A 60 ? 0.3716 0.2811 0.2229 -0.0720 -0.0741 -0.0076 142 ASP A C   
942  O O   . ASP A 60 ? 0.3849 0.2791 0.2348 -0.0803 -0.0817 -0.0125 142 ASP A O   
943  C CB  . ASP A 60 ? 0.2952 0.2682 0.2739 -0.0502 -0.1382 0.0549  142 ASP A CB  
944  C CG  . ASP A 60 ? 0.2886 0.2752 0.3381 -0.0462 -0.1687 0.0802  142 ASP A CG  
945  O OD1 . ASP A 60 ? 0.2986 0.2727 0.3213 -0.0543 -0.1657 0.0737  142 ASP A OD1 
946  O OD2 . ASP A 60 ? 0.3137 0.2895 0.4001 -0.0459 -0.1799 0.0960  142 ASP A OD2 
951  C C1  . PGE B .  ? 0.3049 0.2910 0.2657 -0.0006 0.0598  -0.0128 201 PGE A C1  
952  O O1  . PGE B .  ? 0.3523 0.3181 0.2588 -0.0213 0.0493  0.0073  201 PGE A O1  
953  C C2  . PGE B .  ? 0.2575 0.2836 0.2596 -0.0118 0.0734  -0.0172 201 PGE A C2  
954  O O2  . PGE B .  ? 0.1988 0.2456 0.2473 -0.0048 0.0658  -0.0424 201 PGE A O2  
955  C C3  . PGE B .  ? 0.1578 0.1799 0.2786 0.0196  0.0169  -0.0449 201 PGE A C3  
956  C C4  . PGE B .  ? 0.1643 0.1581 0.2767 -0.0063 -0.0118 -0.0286 201 PGE A C4  
957  O O4  . PGE B .  ? 0.1853 0.1621 0.2407 0.0085  0.0135  -0.0152 201 PGE A O4  
958  C C6  . PGE B .  ? 0.1606 0.1762 0.1963 -0.0010 0.0335  0.0057  201 PGE A C6  
959  C C5  . PGE B .  ? 0.1462 0.1762 0.1923 -0.0068 0.0216  0.0266  201 PGE A C5  
960  O O3  . PGE B .  ? 0.1739 0.1525 0.2579 -0.0044 -0.0082 -0.0049 201 PGE A O3  
975  O O   . HOH C .  ? 0.1885 0.6086 0.3927 0.0554  -0.0427 0.1124  301 HOH A O   
976  O O   . HOH C .  ? 0.1776 0.1483 0.1459 0.0053  -0.0449 -0.0136 302 HOH A O   
977  O O   . HOH C .  ? 0.2325 0.1622 0.2647 0.0044  -0.0972 0.0140  303 HOH A O   
978  O O   . HOH C .  ? 0.1805 0.1532 0.1894 0.0102  -0.0193 -0.0261 304 HOH A O   
979  O O   . HOH C .  ? 0.4226 0.7014 0.2854 0.1683  -0.0598 -0.1240 305 HOH A O   
980  O O   . HOH C .  ? 0.2419 0.2929 0.1242 0.0963  -0.0040 0.0122  306 HOH A O   
981  O O   . HOH C .  ? 0.1115 0.0981 0.1014 0.0096  0.0094  0.0167  307 HOH A O   
982  O O   . HOH C .  ? 0.3533 0.2582 0.2777 -0.0686 -0.1129 0.0913  308 HOH A O   
983  O O   . HOH C .  ? 0.4104 0.1998 0.4191 0.0763  -0.0400 -0.0289 309 HOH A O   
984  O O   . HOH C .  ? 0.2401 0.3025 0.1199 -0.0809 0.0085  0.0319  310 HOH A O   
985  O O   . HOH C .  ? 0.1586 0.1725 0.1384 0.0254  -0.0128 -0.0115 311 HOH A O   
986  O O   . HOH C .  ? 0.5178 0.1411 0.3080 -0.0134 0.0377  -0.0403 312 HOH A O   
987  O O   . HOH C .  ? 0.2690 0.5668 0.5973 0.1153  -0.0044 0.1667  313 HOH A O   
988  O O   . HOH C .  ? 0.1621 0.0983 0.2970 0.0171  -0.0609 -0.0283 314 HOH A O   
989  O O   . HOH C .  ? 0.1121 0.1348 0.1239 -0.0048 0.0035  0.0231  315 HOH A O   
990  O O   . HOH C .  ? 0.2688 0.3634 0.3170 0.1297  0.0328  -0.1040 316 HOH A O   
991  O O   . HOH C .  ? 0.1108 0.1088 0.1314 0.0139  0.0118  0.0072  317 HOH A O   
992  O O   . HOH C .  ? 0.1801 0.2031 0.6234 0.0215  -0.0085 -0.0963 318 HOH A O   
993  O O   . HOH C .  ? 0.3076 0.3986 0.3870 -0.0152 0.0226  -0.0278 319 HOH A O   
994  O O   . HOH C .  ? 0.2629 0.2022 0.6658 0.0126  -0.1276 0.0321  320 HOH A O   
995  O O   . HOH C .  ? 0.2107 0.1626 0.1581 0.0381  -0.0219 -0.0133 321 HOH A O   
996  O O   . HOH C .  ? 0.1534 0.3957 0.3488 0.0433  -0.0593 -0.1230 322 HOH A O   
997  O O   . HOH C .  ? 0.4052 0.5092 0.2238 -0.0972 -0.1335 -0.0053 323 HOH A O   
998  O O   . HOH C .  ? 0.2206 0.5838 0.4268 -0.1277 -0.0501 -0.0027 324 HOH A O   
999  O O   . HOH C .  ? 0.3281 0.1962 0.2444 -0.0128 -0.0562 0.0442  325 HOH A O   
1000 O O   . HOH C .  ? 0.4480 0.5788 0.4264 -0.1727 0.0652  0.1147  326 HOH A O   
1001 O O   . HOH C .  ? 0.1416 0.1897 0.1799 0.0480  -0.0127 0.0031  327 HOH A O   
1002 O O   . HOH C .  ? 0.5624 0.2415 0.4763 -0.0343 0.1865  -0.1017 328 HOH A O   
1003 O O   . HOH C .  ? 0.1406 0.1414 0.1501 -0.0405 -0.0130 -0.0094 329 HOH A O   
1004 O O   . HOH C .  ? 0.1666 0.1093 0.1242 -0.0024 0.0366  0.0142  330 HOH A O   
1005 O O   . HOH C .  ? 0.1646 0.2541 0.2318 0.0236  0.0028  -0.0240 331 HOH A O   
1006 O O   . HOH C .  ? 0.2714 0.4479 0.5273 0.1646  0.0100  0.0648  332 HOH A O   
1007 O O   . HOH C .  ? 0.2650 0.2664 0.5154 -0.0480 -0.0924 0.0848  333 HOH A O   
1008 O O   . HOH C .  ? 0.4256 0.2562 0.1983 0.1763  0.0746  0.0614  334 HOH A O   
1009 O O   . HOH C .  ? 0.3144 0.3908 0.6139 -0.1428 0.1188  -0.0327 335 HOH A O   
1010 O O   . HOH C .  ? 0.1653 0.1713 0.1876 -0.0347 -0.0559 0.0251  336 HOH A O   
1011 O O   . HOH C .  ? 0.4082 0.4914 0.6000 -0.1448 0.0585  0.0609  337 HOH A O   
1012 O O   . HOH C .  ? 0.2552 0.2402 0.2379 0.0361  -0.0821 0.0313  338 HOH A O   
1013 O O   . HOH C .  ? 0.1378 0.2303 0.3289 0.0257  -0.0806 -0.0673 339 HOH A O   
1014 O O   . HOH C .  ? 0.4488 0.2137 0.2201 0.1413  0.1480  0.0693  340 HOH A O   
1015 O O   . HOH C .  ? 0.3210 0.5472 0.3543 -0.2016 -0.0400 0.1619  341 HOH A O   
1016 O O   . HOH C .  ? 0.3301 0.2716 0.2930 0.1004  0.1646  0.0310  342 HOH A O   
1017 O O   . HOH C .  ? 0.1916 0.2910 0.2896 -0.0665 -0.0935 0.1550  343 HOH A O   
1018 O O   . HOH C .  ? 0.3129 0.4095 0.3767 -0.0989 0.1782  -0.1401 344 HOH A O   
1019 O O   . HOH C .  ? 0.2756 0.1777 0.3738 -0.0638 -0.1658 0.0358  345 HOH A O   
1020 O O   . HOH C .  ? 0.2618 0.4129 0.1862 -0.1188 -0.0838 0.0921  346 HOH A O   
1021 O O   . HOH C .  ? 0.1620 0.3952 0.5183 -0.0220 0.0165  0.1492  347 HOH A O   
1022 O O   . HOH C .  ? 0.2044 0.6157 0.1855 0.0033  -0.0318 -0.0620 348 HOH A O   
1023 O O   . HOH C .  ? 0.1902 0.4033 0.3878 -0.0320 -0.0233 0.2352  349 HOH A O   
1024 O O   . HOH C .  ? 0.1428 0.1251 0.1345 0.0501  0.0283  0.0272  350 HOH A O   
1025 O O   . HOH C .  ? 0.2273 0.5003 0.4042 -0.0009 -0.1270 0.1239  351 HOH A O   
1026 O O   . HOH C .  ? 0.2148 0.3652 0.1756 -0.0376 -0.0632 0.1030  352 HOH A O   
1027 O O   . HOH C .  ? 0.2482 0.2433 0.2051 -0.0461 0.0257  -0.0781 353 HOH A O   
1028 O O   . HOH C .  ? 0.2357 0.2032 0.1618 0.0615  -0.0130 0.0009  354 HOH A O   
1029 O O   . HOH C .  ? 0.2418 0.1647 0.1434 0.0252  -0.0152 -0.0150 355 HOH A O   
1030 O O   . HOH C .  ? 0.3147 0.3259 0.2038 0.1346  -0.0218 -0.0416 356 HOH A O   
1031 O O   . HOH C .  ? 0.4671 0.3950 0.4932 0.1402  -0.1301 -0.0193 357 HOH A O   
1032 O O   . HOH C .  ? 0.2757 0.3162 0.3884 -0.0398 -0.0780 0.0432  358 HOH A O   
1033 O O   . HOH C .  ? 0.3729 0.4351 0.5285 0.0275  -0.1573 0.0875  359 HOH A O   
1034 O O   . HOH C .  ? 0.2689 0.5167 0.2973 0.1174  0.0332  0.1777  360 HOH A O   
1035 O O   . HOH C .  ? 0.1829 0.1979 0.1543 0.0442  0.0018  0.0232  361 HOH A O   
1036 O O   . HOH C .  ? 0.4400 0.2106 0.3246 0.0670  -0.1825 -0.0925 362 HOH A O   
1037 O O   . HOH C .  ? 0.4943 0.3436 0.2632 0.1747  -0.0026 0.0841  363 HOH A O   
1038 O O   . HOH C .  ? 0.5623 0.5595 0.5470 -0.0094 0.0017  -0.0045 364 HOH A O   
1039 O O   . HOH C .  ? 0.2196 0.4509 0.2161 -0.0781 -0.0755 0.1265  365 HOH A O   
1040 O O   . HOH C .  ? 0.2444 0.3120 0.3469 0.0197  -0.0427 -0.0325 366 HOH A O   
# 
